data_3W7T
#
_entry.id   3W7T
#
_cell.length_a   62.467
_cell.length_b   137.844
_cell.length_c   86.524
_cell.angle_alpha   90.00
_cell.angle_beta   98.07
_cell.angle_gamma   90.00
#
_symmetry.space_group_name_H-M   'P 1 21 1'
#
loop_
_entity.id
_entity.type
_entity.pdbx_description
1 polymer 'Uncharacterized protein YgjK'
2 non-polymer 'CALCIUM ION'
3 non-polymer 'MAGNESIUM ION'
4 non-polymer beta-D-mannopyranose
5 water water
#
_entity_poly.entity_id   1
_entity_poly.type   'polypeptide(L)'
_entity_poly.pdbx_seq_one_letter_code
;NADNYKNVINRTGAPQYMKDYDYDDHQRFNPFFDLGAWHGHLLPDGPNTMGGFPGVALLTEEYINFMASNFDRLTVWQDG
KKVDFTLEAYSIPGALVQKLTAKDVQVEMTLRFATPRTSLLETKITSNKPLDLVWDGELLEKLEAKEGKPLSDKTIAGEY
PDYQRKISATRDGLKVTFGKVRATWDLLTSGESEYQVHKSLPVQTEINGNRFTSKAHINGSTTLYTTYSHLLTAQEVSKE
QMQIRDILARPAFYLTASQQRWEEYLKKGLTNPDATPEQTRVAVKAIETLNGNWRSPGGAVKFNTVTPSVTGRWFSGNQT
WPWDTWKQAFAMAHFNPDIAKENIRAVFSWQIQPGDSVRPQDVGFVPDLIAWNLSPERGGDGGNWNERNTKPSLAAWSVM
EVYNVTQDKTWVAEMYPKLVAYHDWWLRNRDHNGNGVPEYGATRDKAHNTESGEMLFTVKKGDKEETQSGLNNYARVVEK
GQYDSLEIPAQVAASWESGRDDAAVFGFIDKEQLDKYVANGGKRSDWTVKFAENRSQDGTLLGYSLLQESVDQASYMYSD
NHYLAEMATILGKPEEAKRYRQLAQQLADYINTCMFDPTTQFYYDVRIEDKPLANGCAGKPIVERGKGPEGWSPLFNGAA
TQANADAVVKVMLDPKEFNTFVPLGTAALTNPAFGADIYWRGRVWVDQFWFGLKGMERYGYRDDALKLADTFFRHAKGLT
ADGPIQENYNPLTGAQQGAPNFSWSAAHLYMLYNDFFRKQ
;
_entity_poly.pdbx_strand_id   A,B
#
loop_
_chem_comp.id
_chem_comp.type
_chem_comp.name
_chem_comp.formula
BMA D-saccharide, beta linking beta-D-mannopyranose 'C6 H12 O6'
CA non-polymer 'CALCIUM ION' 'Ca 2'
MG non-polymer 'MAGNESIUM ION' 'Mg 2'
#
# COMPACT_ATOMS: atom_id res chain seq x y z
N ASN A 1 27.70 46.27 -9.58
N ASN A 1 26.26 46.48 -7.25
CA ASN A 1 27.14 45.81 -8.27
CA ASN A 1 26.99 45.84 -8.38
C ASN A 1 27.15 44.28 -8.16
C ASN A 1 27.18 44.33 -8.20
N ALA A 2 26.89 43.58 -9.26
CA ALA A 2 26.90 42.11 -9.26
C ALA A 2 28.22 41.52 -8.79
N ASP A 3 29.33 42.18 -9.10
CA ASP A 3 30.65 41.67 -8.71
C ASP A 3 30.92 41.70 -7.21
N ASN A 4 30.07 42.39 -6.45
CA ASN A 4 30.17 42.37 -4.99
C ASN A 4 29.61 41.08 -4.37
N TYR A 5 29.01 40.21 -5.19
CA TYR A 5 28.31 39.03 -4.72
C TYR A 5 28.81 37.77 -5.42
N LYS A 6 30.06 37.38 -5.17
CA LYS A 6 30.66 36.19 -5.79
C LYS A 6 30.32 34.95 -4.98
N ASN A 7 29.90 33.90 -5.68
CA ASN A 7 29.66 32.60 -5.06
C ASN A 7 28.68 32.63 -3.88
N VAL A 8 27.57 33.32 -4.07
CA VAL A 8 26.57 33.43 -3.02
C VAL A 8 26.03 32.04 -2.70
N ILE A 9 25.81 31.25 -3.75
CA ILE A 9 25.49 29.84 -3.67
C ILE A 9 26.61 29.09 -4.35
N ASN A 10 26.99 27.95 -3.78
CA ASN A 10 27.96 27.04 -4.39
C ASN A 10 27.34 26.41 -5.64
N ARG A 11 27.85 26.82 -6.79
CA ARG A 11 27.35 26.33 -8.08
C ARG A 11 28.37 25.42 -8.75
N THR A 12 29.31 24.90 -7.98
CA THR A 12 30.28 23.94 -8.52
C THR A 12 29.71 22.55 -8.56
N GLY A 13 30.21 21.74 -9.48
CA GLY A 13 29.83 20.34 -9.49
C GLY A 13 30.20 19.66 -10.78
N ALA A 14 30.38 18.35 -10.69
CA ALA A 14 30.70 17.53 -11.84
C ALA A 14 29.84 16.27 -11.74
N PRO A 15 28.58 16.39 -12.14
CA PRO A 15 27.67 15.27 -11.98
C PRO A 15 28.09 14.06 -12.79
N GLN A 16 27.88 12.88 -12.22
CA GLN A 16 28.23 11.62 -12.87
C GLN A 16 27.02 10.75 -13.19
N TYR A 17 25.83 11.26 -12.87
CA TYR A 17 24.57 10.51 -13.03
C TYR A 17 23.49 11.46 -13.54
N MET A 18 22.56 10.93 -14.33
CA MET A 18 21.43 11.72 -14.77
C MET A 18 20.68 12.27 -13.57
N LYS A 19 20.45 11.39 -12.60
CA LYS A 19 19.86 11.70 -11.32
C LYS A 19 20.97 11.68 -10.28
N ASP A 20 21.62 12.80 -10.07
CA ASP A 20 22.73 12.87 -9.12
C ASP A 20 22.15 13.52 -7.86
N TYR A 21 21.48 12.70 -7.06
CA TYR A 21 20.53 13.20 -6.07
C TYR A 21 21.12 13.33 -4.68
N ASP A 22 20.51 14.23 -3.90
CA ASP A 22 20.78 14.31 -2.47
C ASP A 22 19.90 13.28 -1.72
N TYR A 23 19.95 13.29 -0.39
CA TYR A 23 19.21 12.31 0.40
C TYR A 23 17.71 12.28 0.09
N ASP A 24 17.14 13.43 -0.26
CA ASP A 24 15.71 13.51 -0.56
C ASP A 24 15.35 13.59 -2.04
N ASP A 25 16.24 13.08 -2.89
CA ASP A 25 15.98 12.92 -4.33
C ASP A 25 16.00 14.19 -5.17
N HIS A 26 16.57 15.27 -4.61
CA HIS A 26 16.76 16.51 -5.36
C HIS A 26 18.14 16.51 -5.98
N GLN A 27 18.31 17.19 -7.10
CA GLN A 27 19.64 17.24 -7.72
C GLN A 27 20.55 17.96 -6.73
N ARG A 28 21.73 17.39 -6.48
CA ARG A 28 22.57 17.83 -5.36
C ARG A 28 23.54 18.94 -5.71
N PHE A 29 23.42 19.49 -6.93
CA PHE A 29 24.21 20.64 -7.37
C PHE A 29 23.23 21.72 -7.73
N ASN A 30 23.73 22.93 -7.88
CA ASN A 30 22.90 24.13 -8.01
C ASN A 30 23.22 24.88 -9.29
N PRO A 31 22.69 24.39 -10.42
CA PRO A 31 23.04 25.03 -11.70
C PRO A 31 22.45 26.43 -11.87
N PHE A 32 23.15 27.23 -12.67
CA PHE A 32 22.71 28.56 -13.03
C PHE A 32 21.73 28.49 -14.21
N PHE A 33 20.53 29.03 -14.00
CA PHE A 33 19.50 29.19 -15.02
C PHE A 33 19.08 30.67 -15.03
N ASP A 34 18.73 31.22 -16.20
CA ASP A 34 18.27 32.60 -16.25
C ASP A 34 17.35 32.76 -17.46
N LEU A 35 16.63 33.89 -17.48
CA LEU A 35 15.73 34.25 -18.59
C LEU A 35 14.60 33.27 -18.78
N GLY A 36 14.36 32.43 -17.79
CA GLY A 36 13.31 31.44 -17.94
C GLY A 36 13.73 30.29 -18.81
N ALA A 37 15.03 30.14 -19.04
CA ALA A 37 15.51 29.06 -19.90
C ALA A 37 15.30 27.67 -19.32
N TRP A 38 15.44 26.67 -20.19
CA TRP A 38 15.14 25.26 -19.89
C TRP A 38 16.40 24.39 -19.87
N HIS A 39 17.53 25.06 -19.63
CA HIS A 39 18.78 24.39 -19.33
C HIS A 39 19.64 25.29 -18.43
N GLY A 40 20.56 24.64 -17.73
CA GLY A 40 21.40 25.30 -16.74
C GLY A 40 22.79 24.73 -16.70
N HIS A 41 23.68 25.45 -16.02
CA HIS A 41 25.11 25.20 -16.06
C HIS A 41 25.78 25.26 -14.68
N LEU A 42 26.80 24.45 -14.47
CA LEU A 42 27.61 24.50 -13.26
C LEU A 42 29.01 25.05 -13.49
N LEU A 43 29.66 25.43 -12.40
CA LEU A 43 31.05 25.85 -12.42
C LEU A 43 31.96 24.65 -12.31
N PRO A 44 33.16 24.73 -12.92
CA PRO A 44 34.13 23.66 -12.75
C PRO A 44 34.60 23.60 -11.30
N ASP A 45 34.88 22.37 -10.84
CA ASP A 45 35.28 22.07 -9.45
C ASP A 45 36.75 21.69 -9.31
N GLY A 46 37.55 21.90 -10.36
CA GLY A 46 38.96 21.52 -10.35
C GLY A 46 39.54 21.16 -11.70
N PRO A 47 40.71 20.50 -11.72
CA PRO A 47 41.44 20.22 -12.95
C PRO A 47 40.68 19.40 -13.99
N ASN A 48 39.83 18.49 -13.54
CA ASN A 48 39.13 17.58 -14.45
C ASN A 48 38.05 18.31 -15.25
N THR A 49 37.58 19.45 -14.75
CA THR A 49 36.51 20.20 -15.43
C THR A 49 36.87 21.63 -15.85
N MET A 50 38.01 22.16 -15.42
CA MET A 50 38.41 23.49 -15.85
C MET A 50 38.47 23.59 -17.37
N GLY A 51 38.01 24.73 -17.86
CA GLY A 51 37.90 25.01 -19.28
C GLY A 51 36.49 24.86 -19.84
N GLY A 52 35.59 24.33 -19.02
CA GLY A 52 34.19 24.22 -19.40
C GLY A 52 33.33 24.45 -18.18
N PHE A 53 32.03 24.58 -18.42
CA PHE A 53 31.04 24.69 -17.37
C PHE A 53 30.32 23.37 -17.38
N PRO A 54 30.68 22.49 -16.46
CA PRO A 54 30.18 21.13 -16.52
C PRO A 54 28.73 21.01 -16.08
N GLY A 55 28.15 19.84 -16.26
CA GLY A 55 26.86 19.56 -15.65
C GLY A 55 25.73 20.30 -16.33
N VAL A 56 25.63 20.14 -17.65
CA VAL A 56 24.50 20.61 -18.44
C VAL A 56 23.24 19.98 -17.86
N ALA A 57 22.35 20.81 -17.33
CA ALA A 57 21.11 20.36 -16.69
C ALA A 57 19.99 20.68 -17.63
N LEU A 58 19.27 19.65 -18.07
CA LEU A 58 18.16 19.80 -18.96
C LEU A 58 16.86 19.73 -18.18
N LEU A 59 15.98 20.68 -18.43
CA LEU A 59 14.64 20.63 -17.88
C LEU A 59 13.74 19.94 -18.90
N THR A 60 13.53 18.64 -18.67
CA THR A 60 12.80 17.79 -19.60
C THR A 60 11.34 17.82 -19.26
N GLU A 61 10.73 18.95 -19.61
CA GLU A 61 9.29 19.29 -19.46
C GLU A 61 8.84 19.48 -18.02
N GLU A 62 9.08 18.48 -17.18
CA GLU A 62 8.60 18.53 -15.79
C GLU A 62 9.67 18.12 -14.77
N TYR A 63 10.89 17.80 -15.22
CA TYR A 63 11.97 17.26 -14.36
C TYR A 63 13.31 17.85 -14.77
N ILE A 64 14.22 17.88 -13.81
CA ILE A 64 15.62 18.24 -14.03
C ILE A 64 16.48 16.97 -14.15
N ASN A 65 17.19 16.86 -15.27
CA ASN A 65 18.03 15.72 -15.58
C ASN A 65 19.39 16.18 -16.13
N PHE A 66 20.49 15.69 -15.59
CA PHE A 66 21.82 16.03 -16.13
C PHE A 66 22.10 15.29 -17.42
N MET A 67 22.68 16.01 -18.37
CA MET A 67 23.02 15.46 -19.68
C MET A 67 24.46 14.98 -19.78
N ALA A 68 25.38 15.69 -19.13
CA ALA A 68 26.83 15.50 -19.34
C ALA A 68 27.55 16.10 -18.15
N SER A 69 28.73 15.61 -17.83
CA SER A 69 29.62 16.32 -16.91
C SER A 69 30.40 17.31 -17.78
N ASN A 70 31.53 16.92 -18.37
CA ASN A 70 32.20 17.79 -19.33
C ASN A 70 31.44 17.80 -20.66
N PHE A 71 31.18 18.98 -21.17
CA PHE A 71 30.57 19.15 -22.46
C PHE A 71 31.01 20.50 -23.03
N ASP A 72 31.81 20.46 -24.09
CA ASP A 72 32.41 21.64 -24.70
C ASP A 72 33.48 22.28 -23.81
N ARG A 73 34.26 21.43 -23.18
CA ARG A 73 35.37 21.83 -22.32
C ARG A 73 36.57 22.15 -23.19
N LEU A 74 37.12 23.35 -23.01
CA LEU A 74 38.31 23.82 -23.73
C LEU A 74 39.63 23.40 -23.10
N THR A 75 40.54 22.88 -23.94
CA THR A 75 41.94 22.78 -23.63
C THR A 75 42.71 23.47 -24.76
N VAL A 76 43.90 23.98 -24.41
CA VAL A 76 44.66 24.83 -25.33
C VAL A 76 46.03 24.20 -25.55
N TRP A 77 46.46 24.21 -26.80
CA TRP A 77 47.67 23.51 -27.21
C TRP A 77 48.55 24.46 -28.04
N GLN A 78 49.85 24.40 -27.78
CA GLN A 78 50.83 25.20 -28.52
C GLN A 78 51.94 24.23 -28.97
N ASP A 79 52.12 24.07 -30.28
CA ASP A 79 53.13 23.16 -30.84
C ASP A 79 52.99 21.72 -30.33
N GLY A 80 51.76 21.23 -30.24
CA GLY A 80 51.51 19.88 -29.76
C GLY A 80 51.64 19.67 -28.26
N LYS A 81 51.87 20.74 -27.51
CA LYS A 81 52.00 20.68 -26.06
C LYS A 81 50.81 21.37 -25.38
N LYS A 82 50.19 20.69 -24.42
CA LYS A 82 49.04 21.27 -23.73
C LYS A 82 49.50 22.35 -22.75
N VAL A 83 48.79 23.47 -22.77
CA VAL A 83 49.03 24.57 -21.84
C VAL A 83 48.43 24.20 -20.49
N ASP A 84 49.24 24.32 -19.44
CA ASP A 84 48.82 24.01 -18.08
C ASP A 84 48.31 25.29 -17.43
N PHE A 85 47.02 25.33 -17.11
CA PHE A 85 46.40 26.47 -16.46
C PHE A 85 46.14 26.25 -14.98
N THR A 86 46.06 27.35 -14.23
CA THR A 86 45.40 27.32 -12.94
C THR A 86 44.03 28.03 -13.08
N LEU A 87 43.10 27.64 -12.23
CA LEU A 87 41.70 28.01 -12.35
C LEU A 87 41.21 28.95 -11.25
N GLU A 88 40.48 29.99 -11.64
CA GLU A 88 39.59 30.73 -10.75
C GLU A 88 38.20 30.65 -11.34
N ALA A 89 37.24 30.24 -10.54
CA ALA A 89 35.86 30.10 -11.02
C ALA A 89 34.90 30.70 -9.99
N TYR A 90 33.92 31.43 -10.46
CA TYR A 90 32.92 32.00 -9.56
C TYR A 90 31.62 32.34 -10.27
N SER A 91 30.54 32.33 -9.50
CA SER A 91 29.28 32.88 -9.93
C SER A 91 29.15 34.32 -9.45
N ILE A 92 28.39 35.09 -10.21
CA ILE A 92 27.84 36.37 -9.74
C ILE A 92 26.35 36.31 -10.06
N PRO A 93 25.56 37.22 -9.49
CA PRO A 93 24.15 37.25 -9.90
C PRO A 93 24.07 37.50 -11.41
N GLY A 94 23.50 36.54 -12.13
CA GLY A 94 23.37 36.65 -13.57
C GLY A 94 24.51 36.10 -14.45
N ALA A 95 25.57 35.52 -13.89
CA ALA A 95 26.64 34.98 -14.74
C ALA A 95 27.51 33.96 -14.04
N LEU A 96 28.13 33.08 -14.83
CA LEU A 96 29.22 32.23 -14.38
C LEU A 96 30.47 32.70 -15.07
N VAL A 97 31.59 32.70 -14.33
CA VAL A 97 32.88 33.15 -14.82
C VAL A 97 33.97 32.16 -14.47
N GLN A 98 34.89 31.91 -15.39
CA GLN A 98 36.13 31.24 -15.04
C GLN A 98 37.27 31.87 -15.78
N LYS A 99 38.40 31.92 -15.08
CA LYS A 99 39.62 32.50 -15.59
C LYS A 99 40.70 31.43 -15.50
N LEU A 100 41.37 31.23 -16.62
CA LEU A 100 42.42 30.25 -16.78
C LEU A 100 43.73 31.01 -16.97
N THR A 101 44.69 30.78 -16.08
CA THR A 101 45.93 31.55 -16.13
C THR A 101 47.14 30.65 -16.38
N ALA A 102 47.94 31.01 -17.37
CA ALA A 102 49.25 30.41 -17.62
C ALA A 102 50.17 31.53 -18.08
N LYS A 103 51.46 31.24 -18.23
CA LYS A 103 52.42 32.30 -18.55
C LYS A 103 52.07 33.00 -19.86
N ASP A 104 51.94 32.25 -20.93
CA ASP A 104 51.82 32.84 -22.26
C ASP A 104 50.44 32.68 -22.88
N VAL A 105 49.48 32.17 -22.12
CA VAL A 105 48.10 32.13 -22.61
C VAL A 105 47.20 32.33 -21.40
N GLN A 106 46.16 33.15 -21.57
CA GLN A 106 45.12 33.23 -20.54
C GLN A 106 43.77 33.16 -21.22
N VAL A 107 42.78 32.66 -20.49
CA VAL A 107 41.43 32.58 -21.00
C VAL A 107 40.47 33.12 -19.95
N GLU A 108 39.51 33.93 -20.38
CA GLU A 108 38.44 34.41 -19.51
C GLU A 108 37.14 34.02 -20.17
N MET A 109 36.36 33.21 -19.47
CA MET A 109 35.08 32.73 -19.98
C MET A 109 33.95 33.28 -19.15
N THR A 110 32.97 33.88 -19.81
CA THR A 110 31.81 34.44 -19.14
C THR A 110 30.57 33.83 -19.78
N LEU A 111 29.70 33.27 -18.94
CA LEU A 111 28.45 32.64 -19.42
C LEU A 111 27.24 33.41 -18.89
N ARG A 112 26.41 33.89 -19.82
CA ARG A 112 25.17 34.58 -19.50
C ARG A 112 24.06 34.02 -20.36
N PHE A 113 22.81 34.27 -20.01
CA PHE A 113 21.72 33.81 -20.85
C PHE A 113 21.32 34.89 -21.82
N ALA A 114 20.93 34.46 -23.02
CA ALA A 114 20.61 35.38 -24.13
C ALA A 114 19.12 35.36 -24.52
N THR A 115 18.50 34.19 -24.46
CA THR A 115 17.07 34.04 -24.78
C THR A 115 16.48 33.03 -23.80
N PRO A 116 15.15 32.85 -23.85
CA PRO A 116 14.54 31.81 -23.04
C PRO A 116 14.88 30.35 -23.40
N ARG A 117 15.74 30.14 -24.42
CA ARG A 117 16.22 28.80 -24.76
C ARG A 117 17.73 28.71 -24.97
N THR A 118 18.43 29.84 -24.82
CA THR A 118 19.85 29.93 -25.22
C THR A 118 20.73 30.72 -24.25
N SER A 119 21.83 30.10 -23.87
CA SER A 119 22.90 30.75 -23.14
C SER A 119 24.04 31.08 -24.09
N LEU A 120 24.79 32.10 -23.72
CA LEU A 120 25.89 32.62 -24.50
C LEU A 120 27.18 32.57 -23.69
N LEU A 121 28.17 31.91 -24.26
CA LEU A 121 29.52 31.84 -23.69
C LEU A 121 30.49 32.71 -24.49
N GLU A 122 31.12 33.64 -23.79
CA GLU A 122 32.22 34.42 -24.35
C GLU A 122 33.51 33.77 -23.91
N THR A 123 34.33 33.36 -24.87
CA THR A 123 35.64 32.78 -24.58
C THR A 123 36.71 33.76 -25.07
N LYS A 124 37.25 34.54 -24.13
CA LYS A 124 38.22 35.59 -24.43
C LYS A 124 39.61 35.02 -24.21
N ILE A 125 40.38 34.89 -25.29
CA ILE A 125 41.68 34.27 -25.25
C ILE A 125 42.75 35.32 -25.49
N THR A 126 43.71 35.39 -24.57
CA THR A 126 44.86 36.29 -24.71
C THR A 126 46.09 35.42 -24.91
N SER A 127 46.77 35.65 -26.03
CA SER A 127 47.95 34.86 -26.37
C SER A 127 48.81 35.65 -27.32
N ASN A 128 50.12 35.59 -27.13
CA ASN A 128 51.01 36.35 -28.00
C ASN A 128 51.56 35.48 -29.14
N LYS A 129 51.02 34.26 -29.27
CA LYS A 129 51.32 33.34 -30.38
C LYS A 129 50.06 32.58 -30.84
N PRO A 130 50.10 31.98 -32.05
CA PRO A 130 49.00 31.12 -32.51
C PRO A 130 48.80 29.94 -31.59
N LEU A 131 47.58 29.39 -31.61
CA LEU A 131 47.19 28.33 -30.71
C LEU A 131 46.25 27.38 -31.43
N ASP A 132 46.23 26.15 -30.92
CA ASP A 132 45.27 25.15 -31.31
C ASP A 132 44.31 24.92 -30.15
N LEU A 133 43.03 25.08 -30.45
CA LEU A 133 41.99 24.96 -29.44
C LEU A 133 41.33 23.61 -29.62
N VAL A 134 41.07 22.93 -28.51
CA VAL A 134 40.35 21.67 -28.54
C VAL A 134 39.20 21.70 -27.54
N TRP A 135 38.02 21.30 -27.98
CA TRP A 135 36.88 21.16 -27.10
C TRP A 135 36.46 19.70 -27.05
N ASP A 136 36.06 19.22 -25.88
CA ASP A 136 35.66 17.84 -25.75
C ASP A 136 34.43 17.75 -24.87
N GLY A 137 33.78 16.59 -24.90
CA GLY A 137 32.58 16.40 -24.12
C GLY A 137 32.11 14.98 -24.23
N GLU A 138 31.30 14.56 -23.28
CA GLU A 138 30.80 13.20 -23.26
C GLU A 138 29.46 13.20 -22.56
N LEU A 139 28.51 12.46 -23.11
CA LEU A 139 27.22 12.29 -22.45
C LEU A 139 27.36 11.37 -21.26
N LEU A 140 26.52 11.58 -20.25
CA LEU A 140 26.49 10.69 -19.11
C LEU A 140 26.00 9.33 -19.53
N GLU A 141 26.40 8.34 -18.76
CA GLU A 141 25.95 6.98 -18.99
C GLU A 141 25.15 6.40 -17.82
N LYS A 142 25.51 6.74 -16.58
CA LYS A 142 24.90 6.15 -15.39
C LYS A 142 23.62 6.86 -14.97
N LEU A 143 22.65 6.09 -14.49
CA LEU A 143 21.32 6.63 -14.21
C LEU A 143 21.22 7.38 -12.88
N GLU A 144 21.62 6.78 -11.76
CA GLU A 144 21.14 7.26 -10.46
C GLU A 144 22.08 7.04 -9.29
N ALA A 145 22.25 8.09 -8.50
CA ALA A 145 23.05 8.04 -7.29
C ALA A 145 22.36 8.87 -6.21
N LYS A 146 22.74 8.62 -4.96
CA LYS A 146 22.24 9.37 -3.82
C LYS A 146 23.44 9.74 -2.96
N GLU A 147 23.62 11.04 -2.73
CA GLU A 147 24.78 11.56 -2.01
C GLU A 147 26.10 11.02 -2.60
N GLY A 148 26.15 10.92 -3.92
CA GLY A 148 27.37 10.57 -4.63
C GLY A 148 27.64 9.08 -4.76
N LYS A 149 26.83 8.24 -4.12
CA LYS A 149 26.98 6.78 -4.20
C LYS A 149 25.90 6.20 -5.09
N PRO A 150 26.27 5.35 -6.06
CA PRO A 150 25.29 4.81 -6.99
C PRO A 150 24.17 4.05 -6.28
N LEU A 151 22.94 4.26 -6.72
CA LEU A 151 21.79 3.53 -6.19
C LEU A 151 21.64 2.18 -6.87
N SER A 152 22.33 2.02 -8.01
CA SER A 152 22.22 0.82 -8.83
C SER A 152 23.24 0.92 -9.96
N ASP A 153 23.37 -0.16 -10.73
CA ASP A 153 24.18 -0.13 -11.94
C ASP A 153 23.36 0.17 -13.20
N LYS A 154 22.15 0.71 -13.04
CA LYS A 154 21.30 1.01 -14.19
C LYS A 154 21.95 2.12 -15.02
N THR A 155 21.78 2.02 -16.33
CA THR A 155 22.28 3.01 -17.28
C THR A 155 21.11 3.80 -17.84
N ILE A 156 21.42 4.96 -18.40
CA ILE A 156 20.42 5.83 -18.97
C ILE A 156 19.79 5.14 -20.19
N ALA A 157 20.65 4.60 -21.05
CA ALA A 157 20.18 3.94 -22.28
C ALA A 157 19.40 2.67 -21.97
N GLY A 158 19.83 1.93 -20.94
CA GLY A 158 19.14 0.73 -20.46
C GLY A 158 17.76 1.04 -19.90
N GLU A 159 17.69 2.08 -19.08
CA GLU A 159 16.42 2.50 -18.47
C GLU A 159 15.45 3.08 -19.52
N TYR A 160 15.98 3.80 -20.51
CA TYR A 160 15.15 4.46 -21.52
C TYR A 160 15.66 4.07 -22.90
N PRO A 161 15.30 2.87 -23.36
CA PRO A 161 15.81 2.41 -24.64
C PRO A 161 15.44 3.26 -25.86
N ASP A 162 14.39 4.07 -25.76
CA ASP A 162 13.96 4.94 -26.87
C ASP A 162 14.64 6.31 -26.84
N TYR A 163 15.38 6.60 -25.78
CA TYR A 163 16.05 7.91 -25.66
C TYR A 163 17.05 8.12 -26.81
N GLN A 164 17.79 7.07 -27.16
CA GLN A 164 18.57 7.05 -28.41
C GLN A 164 19.38 8.33 -28.62
N ARG A 165 20.13 8.72 -27.60
CA ARG A 165 20.87 9.98 -27.66
C ARG A 165 21.93 9.87 -28.74
N LYS A 166 22.09 10.93 -29.53
CA LYS A 166 23.07 10.94 -30.60
C LYS A 166 23.69 12.32 -30.72
N ILE A 167 25.02 12.35 -30.84
CA ILE A 167 25.74 13.58 -31.13
C ILE A 167 26.00 13.62 -32.64
N SER A 168 25.69 14.76 -33.25
CA SER A 168 25.89 15.00 -34.68
C SER A 168 26.64 16.30 -34.91
N ALA A 169 27.68 16.28 -35.76
CA ALA A 169 28.40 17.51 -36.10
C ALA A 169 27.57 18.37 -37.04
N THR A 170 27.76 19.68 -36.96
CA THR A 170 27.04 20.58 -37.83
C THR A 170 28.01 21.48 -38.52
N ARG A 171 27.46 22.31 -39.40
CA ARG A 171 28.24 23.32 -40.08
C ARG A 171 28.92 24.38 -39.19
N ASP A 172 28.65 24.40 -37.87
CA ASP A 172 29.26 25.38 -36.94
C ASP A 172 29.33 24.94 -35.45
N GLY A 173 29.37 23.64 -35.22
CA GLY A 173 29.31 23.11 -33.87
C GLY A 173 28.79 21.70 -33.90
N LEU A 174 27.81 21.41 -33.06
CA LEU A 174 27.21 20.09 -33.04
C LEU A 174 25.85 20.17 -32.40
N LYS A 175 25.14 19.05 -32.42
CA LYS A 175 23.88 18.94 -31.72
C LYS A 175 23.75 17.55 -31.10
N VAL A 176 23.00 17.49 -30.01
CA VAL A 176 22.58 16.24 -29.40
C VAL A 176 21.09 16.13 -29.66
N THR A 177 20.66 15.00 -30.21
CA THR A 177 19.25 14.73 -30.43
C THR A 177 18.78 13.63 -29.49
N PHE A 178 17.49 13.69 -29.18
CA PHE A 178 16.88 12.84 -28.17
C PHE A 178 15.59 12.24 -28.70
N GLY A 179 15.41 10.93 -28.48
CA GLY A 179 14.18 10.26 -28.87
C GLY A 179 13.08 10.56 -27.86
N LYS A 180 11.87 10.16 -28.22
CA LYS A 180 10.66 10.39 -27.40
C LYS A 180 10.58 9.43 -26.22
N VAL A 181 10.57 9.99 -25.02
CA VAL A 181 10.44 9.24 -23.79
C VAL A 181 9.30 9.90 -23.00
N ARG A 182 8.29 9.10 -22.66
CA ARG A 182 7.17 9.58 -21.87
C ARG A 182 7.16 8.88 -20.50
N ALA A 183 8.27 8.99 -19.79
CA ALA A 183 8.41 8.46 -18.45
C ALA A 183 7.82 9.49 -17.48
N THR A 184 6.54 9.28 -17.20
CA THR A 184 5.68 10.25 -16.52
C THR A 184 6.28 10.89 -15.28
N TRP A 185 7.06 10.11 -14.53
CA TRP A 185 7.58 10.48 -13.22
C TRP A 185 9.06 10.82 -13.25
N ASP A 186 9.68 10.77 -14.44
CA ASP A 186 11.16 10.82 -14.52
C ASP A 186 11.77 11.63 -15.65
N LEU A 187 11.22 11.52 -16.86
CA LEU A 187 11.87 12.00 -18.07
C LEU A 187 10.85 12.12 -19.18
N LEU A 188 10.63 13.34 -19.64
CA LEU A 188 9.62 13.63 -20.64
C LEU A 188 10.23 14.39 -21.79
N THR A 189 10.20 13.80 -22.98
CA THR A 189 10.67 14.47 -24.17
C THR A 189 9.70 14.26 -25.31
N SER A 190 9.76 15.15 -26.30
CA SER A 190 8.84 15.14 -27.43
C SER A 190 9.29 14.21 -28.56
N GLY A 191 10.57 13.84 -28.56
CA GLY A 191 11.19 13.18 -29.73
C GLY A 191 11.74 14.16 -30.75
N GLU A 192 11.59 15.46 -30.49
CA GLU A 192 12.07 16.52 -31.36
C GLU A 192 13.02 17.44 -30.61
N SER A 193 13.31 17.13 -29.36
CA SER A 193 14.18 18.01 -28.58
C SER A 193 15.65 17.82 -28.93
N GLU A 194 16.41 18.90 -28.76
CA GLU A 194 17.82 18.93 -29.11
C GLU A 194 18.58 19.83 -28.16
N TYR A 195 19.87 19.54 -27.98
CA TYR A 195 20.79 20.47 -27.37
C TYR A 195 21.81 20.89 -28.41
N GLN A 196 21.84 22.18 -28.72
CA GLN A 196 22.64 22.69 -29.83
C GLN A 196 23.77 23.56 -29.35
N VAL A 197 24.91 23.38 -30.00
CA VAL A 197 26.10 24.19 -29.81
C VAL A 197 26.44 24.87 -31.14
N HIS A 198 26.47 26.19 -31.12
CA HIS A 198 26.84 27.00 -32.29
C HIS A 198 27.99 27.94 -31.94
N LYS A 199 29.00 28.01 -32.80
CA LYS A 199 30.17 28.83 -32.51
C LYS A 199 30.49 29.82 -33.61
N SER A 200 31.26 30.83 -33.24
CA SER A 200 31.59 31.96 -34.09
C SER A 200 32.78 31.67 -35.01
N LEU A 201 33.33 30.47 -34.99
CA LEU A 201 34.43 30.10 -35.88
C LEU A 201 34.21 28.69 -36.40
N PRO A 202 34.71 28.40 -37.60
CA PRO A 202 34.65 27.01 -38.07
C PRO A 202 35.44 26.07 -37.17
N VAL A 203 34.91 24.88 -36.92
CA VAL A 203 35.64 23.88 -36.16
C VAL A 203 35.61 22.57 -36.92
N GLN A 204 36.55 21.70 -36.63
CA GLN A 204 36.51 20.34 -37.16
C GLN A 204 36.16 19.41 -36.03
N THR A 205 35.39 18.36 -36.31
CA THR A 205 34.82 17.57 -35.23
C THR A 205 34.94 16.08 -35.51
N GLU A 206 35.31 15.34 -34.47
CA GLU A 206 35.32 13.88 -34.46
C GLU A 206 34.34 13.41 -33.41
N ILE A 207 33.42 12.52 -33.79
CA ILE A 207 32.47 11.96 -32.83
C ILE A 207 32.75 10.47 -32.63
N ASN A 208 32.83 10.06 -31.37
CA ASN A 208 33.09 8.69 -30.99
C ASN A 208 31.98 8.24 -30.07
N GLY A 209 30.88 7.77 -30.64
CA GLY A 209 29.70 7.41 -29.87
C GLY A 209 29.16 8.58 -29.08
N ASN A 210 29.15 8.50 -27.77
N ASN A 210 29.25 8.45 -27.74
CA ASN A 210 28.59 9.59 -26.98
CA ASN A 210 28.71 9.40 -26.77
C ASN A 210 29.66 10.54 -26.44
C ASN A 210 29.64 10.59 -26.50
N ARG A 211 30.82 10.59 -27.11
CA ARG A 211 31.82 11.62 -26.86
C ARG A 211 32.24 12.32 -28.15
N PHE A 212 32.77 13.53 -28.01
CA PHE A 212 33.24 14.31 -29.16
C PHE A 212 34.51 15.06 -28.84
N THR A 213 35.20 15.42 -29.91
CA THR A 213 36.38 16.29 -29.85
C THR A 213 36.31 17.20 -31.04
N SER A 214 36.45 18.49 -30.80
CA SER A 214 36.42 19.46 -31.88
CA SER A 214 36.39 19.48 -31.84
C SER A 214 37.61 20.38 -31.77
N LYS A 215 38.07 20.87 -32.92
CA LYS A 215 39.31 21.65 -32.95
C LYS A 215 39.20 22.89 -33.82
N ALA A 216 39.95 23.93 -33.45
CA ALA A 216 40.13 25.10 -34.31
C ALA A 216 41.50 25.70 -34.04
N HIS A 217 42.03 26.37 -35.07
CA HIS A 217 43.32 27.04 -34.95
C HIS A 217 43.08 28.53 -34.95
N ILE A 218 43.71 29.26 -34.03
CA ILE A 218 43.64 30.73 -34.02
C ILE A 218 45.03 31.33 -34.09
N ASN A 219 45.08 32.59 -34.52
CA ASN A 219 46.36 33.25 -34.80
C ASN A 219 46.97 33.97 -33.62
N GLY A 220 46.21 34.12 -32.55
CA GLY A 220 46.63 34.91 -31.39
C GLY A 220 45.37 35.33 -30.65
N SER A 221 45.49 36.35 -29.82
CA SER A 221 44.39 36.86 -29.03
C SER A 221 43.11 37.05 -29.82
N THR A 222 42.01 36.50 -29.32
CA THR A 222 40.73 36.61 -29.98
C THR A 222 39.61 36.32 -28.98
N THR A 223 38.41 36.81 -29.27
CA THR A 223 37.24 36.50 -28.45
C THR A 223 36.28 35.68 -29.30
N LEU A 224 35.98 34.48 -28.81
CA LEU A 224 35.01 33.59 -29.44
C LEU A 224 33.68 33.63 -28.72
N TYR A 225 32.64 33.30 -29.47
CA TYR A 225 31.28 33.23 -28.93
C TYR A 225 30.66 31.89 -29.28
N THR A 226 29.97 31.33 -28.29
CA THR A 226 29.34 30.02 -28.38
C THR A 226 27.96 30.13 -27.78
N THR A 227 26.97 29.59 -28.48
CA THR A 227 25.61 29.47 -27.93
C THR A 227 25.32 28.03 -27.58
N TYR A 228 24.62 27.86 -26.47
CA TYR A 228 24.12 26.57 -26.02
C TYR A 228 22.59 26.67 -25.90
N SER A 229 21.88 25.77 -26.54
CA SER A 229 20.41 25.84 -26.57
C SER A 229 19.77 24.48 -26.33
N HIS A 230 18.86 24.43 -25.36
CA HIS A 230 17.98 23.28 -25.16
C HIS A 230 16.61 23.65 -25.71
N LEU A 231 16.20 22.93 -26.74
CA LEU A 231 15.02 23.25 -27.54
C LEU A 231 14.12 22.02 -27.44
N LEU A 232 12.87 22.19 -27.01
CA LEU A 232 12.09 21.06 -26.57
C LEU A 232 11.10 20.52 -27.62
N THR A 233 10.89 21.27 -28.68
CA THR A 233 9.98 20.86 -29.76
C THR A 233 10.58 21.26 -31.10
N ALA A 234 10.07 20.67 -32.18
CA ALA A 234 10.54 21.03 -33.53
C ALA A 234 10.32 22.52 -33.81
N GLN A 235 9.20 23.08 -33.35
CA GLN A 235 8.91 24.48 -33.57
C GLN A 235 9.93 25.38 -32.86
N GLU A 236 10.29 25.00 -31.64
CA GLU A 236 11.34 25.72 -30.91
C GLU A 236 12.68 25.66 -31.62
N VAL A 237 13.03 24.49 -32.15
CA VAL A 237 14.28 24.32 -32.89
C VAL A 237 14.32 25.27 -34.09
N SER A 238 13.26 25.28 -34.87
CA SER A 238 13.22 26.12 -36.06
CA SER A 238 13.18 26.12 -36.07
C SER A 238 13.25 27.60 -35.69
N LYS A 239 12.45 28.00 -34.70
CA LYS A 239 12.39 29.41 -34.32
C LYS A 239 13.69 29.93 -33.72
N GLU A 240 14.44 29.08 -33.03
CA GLU A 240 15.68 29.56 -32.38
C GLU A 240 16.79 29.89 -33.36
N GLN A 241 16.74 29.36 -34.58
CA GLN A 241 17.89 29.54 -35.47
C GLN A 241 18.18 31.02 -35.78
N MET A 242 17.14 31.81 -36.00
CA MET A 242 17.32 33.24 -36.27
CA MET A 242 17.33 33.23 -36.27
C MET A 242 17.82 33.99 -35.04
N GLN A 243 17.44 33.51 -33.85
CA GLN A 243 17.92 34.11 -32.61
C GLN A 243 19.40 33.83 -32.44
N ILE A 244 19.80 32.60 -32.68
CA ILE A 244 21.21 32.22 -32.60
C ILE A 244 22.06 33.05 -33.59
N ARG A 245 21.57 33.23 -34.80
CA ARG A 245 22.28 34.07 -35.77
C ARG A 245 22.44 35.49 -35.24
N ASP A 246 21.39 36.03 -34.64
CA ASP A 246 21.45 37.38 -34.14
C ASP A 246 22.46 37.49 -32.97
N ILE A 247 22.44 36.52 -32.08
CA ILE A 247 23.34 36.52 -30.93
C ILE A 247 24.79 36.49 -31.40
N LEU A 248 25.07 35.65 -32.37
CA LEU A 248 26.45 35.55 -32.88
C LEU A 248 26.85 36.80 -33.67
N ALA A 249 25.86 37.50 -34.24
CA ALA A 249 26.10 38.76 -34.95
C ALA A 249 26.38 39.93 -34.01
N ARG A 250 25.69 39.98 -32.87
CA ARG A 250 25.86 41.10 -31.93
C ARG A 250 25.92 40.61 -30.48
N PRO A 251 26.96 39.82 -30.17
CA PRO A 251 27.03 39.24 -28.84
C PRO A 251 27.13 40.29 -27.75
N ALA A 252 27.81 41.42 -27.99
CA ALA A 252 27.91 42.48 -26.98
C ALA A 252 26.55 42.95 -26.48
N PHE A 253 25.60 43.04 -27.40
CA PHE A 253 24.24 43.47 -27.08
C PHE A 253 23.60 42.52 -26.04
N TYR A 254 23.79 41.21 -26.24
CA TYR A 254 23.17 40.22 -25.36
C TYR A 254 23.88 40.17 -24.03
N LEU A 255 25.20 40.31 -24.03
CA LEU A 255 25.94 40.34 -22.78
C LEU A 255 25.52 41.56 -21.96
N THR A 256 25.40 42.70 -22.64
CA THR A 256 25.00 43.93 -21.98
C THR A 256 23.56 43.85 -21.47
N ALA A 257 22.67 43.24 -22.24
CA ALA A 257 21.26 43.12 -21.82
C ALA A 257 21.17 42.39 -20.48
N SER A 258 21.93 41.31 -20.37
CA SER A 258 21.96 40.53 -19.16
C SER A 258 22.59 41.31 -18.00
N GLN A 259 23.74 41.92 -18.24
CA GLN A 259 24.39 42.74 -17.22
C GLN A 259 23.42 43.78 -16.64
N GLN A 260 22.75 44.50 -17.52
CA GLN A 260 21.87 45.59 -17.10
C GLN A 260 20.63 45.11 -16.37
N ARG A 261 20.04 44.03 -16.87
CA ARG A 261 18.88 43.43 -16.19
C ARG A 261 19.21 43.03 -14.76
N TRP A 262 20.38 42.45 -14.54
CA TRP A 262 20.83 42.06 -13.21
C TRP A 262 21.20 43.23 -12.32
N GLU A 263 21.83 44.26 -12.90
CA GLU A 263 22.06 45.47 -12.11
C GLU A 263 20.74 46.05 -11.60
N GLU A 264 19.72 46.00 -12.44
N GLU A 264 19.70 46.02 -12.42
CA GLU A 264 18.39 46.51 -12.09
CA GLU A 264 18.41 46.56 -12.02
C GLU A 264 17.75 45.68 -10.98
C GLU A 264 17.74 45.69 -10.96
N TYR A 265 17.87 44.36 -11.06
CA TYR A 265 17.33 43.50 -9.99
C TYR A 265 17.93 43.90 -8.64
N LEU A 266 19.24 44.11 -8.62
CA LEU A 266 19.94 44.41 -7.40
C LEU A 266 19.61 45.83 -6.91
N LYS A 267 19.56 46.78 -7.84
CA LYS A 267 19.21 48.15 -7.49
C LYS A 267 17.81 48.25 -6.91
N LYS A 268 16.86 47.59 -7.56
CA LYS A 268 15.47 47.62 -7.13
C LYS A 268 15.29 46.82 -5.84
N GLY A 269 16.00 45.70 -5.72
CA GLY A 269 15.81 44.80 -4.59
C GLY A 269 16.50 45.14 -3.29
N LEU A 270 17.69 45.71 -3.37
CA LEU A 270 18.51 45.87 -2.18
C LEU A 270 18.32 47.27 -1.59
N THR A 271 17.17 47.46 -0.96
CA THR A 271 16.77 48.82 -0.53
C THR A 271 16.61 49.00 0.97
N ASN A 272 17.20 48.09 1.75
CA ASN A 272 17.24 48.28 3.21
C ASN A 272 18.61 48.74 3.67
N PRO A 273 18.76 50.07 3.92
CA PRO A 273 20.09 50.53 4.33
C PRO A 273 20.52 50.13 5.75
N ASP A 274 19.59 49.63 6.57
CA ASP A 274 19.93 49.15 7.90
C ASP A 274 20.47 47.73 7.89
N ALA A 275 20.37 47.01 6.77
CA ALA A 275 20.86 45.64 6.72
C ALA A 275 22.38 45.58 6.73
N THR A 276 22.92 44.56 7.38
CA THR A 276 24.37 44.29 7.35
C THR A 276 24.76 43.69 6.00
N PRO A 277 26.07 43.62 5.72
CA PRO A 277 26.49 42.95 4.48
C PRO A 277 26.04 41.49 4.40
N GLU A 278 26.10 40.80 5.54
N GLU A 278 26.12 40.77 5.52
CA GLU A 278 25.70 39.41 5.63
CA GLU A 278 25.65 39.38 5.62
C GLU A 278 24.19 39.24 5.36
C GLU A 278 24.18 39.29 5.26
N GLN A 279 23.38 40.18 5.83
CA GLN A 279 21.95 40.15 5.60
C GLN A 279 21.61 40.49 4.15
N THR A 280 22.34 41.44 3.59
CA THR A 280 22.21 41.78 2.18
C THR A 280 22.55 40.59 1.28
N ARG A 281 23.58 39.83 1.65
CA ARG A 281 23.97 38.68 0.87
C ARG A 281 22.85 37.62 0.86
N VAL A 282 22.14 37.47 1.97
CA VAL A 282 20.99 36.56 2.00
C VAL A 282 19.93 37.02 1.00
N ALA A 283 19.67 38.34 0.96
CA ALA A 283 18.74 38.88 -0.04
C ALA A 283 19.16 38.55 -1.46
N VAL A 284 20.45 38.66 -1.73
CA VAL A 284 20.96 38.35 -3.08
C VAL A 284 20.80 36.86 -3.37
N LYS A 285 21.06 36.02 -2.37
CA LYS A 285 20.82 34.59 -2.54
C LYS A 285 19.37 34.34 -2.92
N ALA A 286 18.45 35.02 -2.24
CA ALA A 286 17.02 34.92 -2.54
C ALA A 286 16.69 35.32 -3.97
N ILE A 287 17.29 36.42 -4.40
CA ILE A 287 17.07 36.93 -5.76
C ILE A 287 17.60 35.92 -6.79
N GLU A 288 18.81 35.43 -6.58
CA GLU A 288 19.36 34.42 -7.50
C GLU A 288 18.43 33.21 -7.54
N THR A 289 17.95 32.80 -6.38
CA THR A 289 17.15 31.58 -6.28
C THR A 289 15.83 31.73 -7.02
N LEU A 290 15.10 32.80 -6.71
CA LEU A 290 13.83 33.04 -7.38
C LEU A 290 13.98 33.18 -8.88
N ASN A 291 14.98 33.93 -9.32
CA ASN A 291 15.17 34.10 -10.76
C ASN A 291 15.59 32.81 -11.46
N GLY A 292 16.30 31.93 -10.77
CA GLY A 292 16.66 30.64 -11.35
C GLY A 292 15.46 29.70 -11.50
N ASN A 293 14.45 29.90 -10.64
CA ASN A 293 13.24 29.08 -10.64
C ASN A 293 12.15 29.58 -11.58
N TRP A 294 12.41 30.72 -12.18
CA TRP A 294 11.59 31.28 -13.25
C TRP A 294 11.76 30.48 -14.53
N ARG A 295 10.62 30.06 -15.10
CA ARG A 295 10.57 29.38 -16.40
C ARG A 295 9.76 30.19 -17.39
N SER A 296 10.24 30.25 -18.62
CA SER A 296 9.50 30.85 -19.72
C SER A 296 8.36 29.92 -20.11
N PRO A 297 7.43 30.41 -20.94
CA PRO A 297 6.34 29.54 -21.39
C PRO A 297 6.82 28.21 -21.95
N GLY A 298 6.08 27.16 -21.64
CA GLY A 298 6.39 25.83 -22.15
C GLY A 298 5.17 24.94 -22.07
N GLY A 299 4.89 24.22 -23.15
CA GLY A 299 3.78 23.28 -23.17
C GLY A 299 2.45 23.98 -22.94
N ALA A 300 1.67 23.44 -22.02
CA ALA A 300 0.34 24.00 -21.72
C ALA A 300 0.34 25.36 -21.02
N VAL A 301 1.49 25.72 -20.42
CA VAL A 301 1.61 26.97 -19.68
C VAL A 301 2.13 28.06 -20.59
N LYS A 302 1.25 29.00 -20.93
CA LYS A 302 1.52 30.02 -21.95
C LYS A 302 2.10 31.31 -21.39
N PHE A 303 2.49 31.29 -20.12
CA PHE A 303 3.06 32.44 -19.46
C PHE A 303 4.35 32.05 -18.79
N ASN A 304 5.20 33.04 -18.57
CA ASN A 304 6.30 32.86 -17.66
C ASN A 304 5.74 32.47 -16.29
N THR A 305 6.47 31.61 -15.58
CA THR A 305 6.05 31.20 -14.24
C THR A 305 7.26 31.00 -13.35
N VAL A 306 7.03 30.70 -12.06
CA VAL A 306 8.10 30.38 -11.13
C VAL A 306 7.70 29.11 -10.38
N THR A 307 8.58 28.12 -10.38
CA THR A 307 8.32 26.87 -9.69
C THR A 307 8.94 26.87 -8.29
N PRO A 308 8.57 25.89 -7.44
CA PRO A 308 9.15 25.91 -6.10
C PRO A 308 10.63 25.60 -6.06
N SER A 309 11.16 24.89 -7.07
CA SER A 309 12.60 24.64 -7.13
C SER A 309 13.00 23.97 -8.42
N VAL A 310 13.90 24.60 -9.18
CA VAL A 310 14.37 24.04 -10.43
C VAL A 310 15.14 22.73 -10.20
N THR A 311 15.72 22.54 -9.00
CA THR A 311 16.45 21.32 -8.68
C THR A 311 15.59 20.25 -7.99
N GLY A 312 14.35 20.57 -7.71
CA GLY A 312 13.53 19.67 -6.91
C GLY A 312 13.06 18.44 -7.64
N ARG A 313 12.93 17.35 -6.89
CA ARG A 313 12.50 16.07 -7.46
C ARG A 313 11.13 16.19 -8.10
N TRP A 314 10.23 16.95 -7.47
CA TRP A 314 8.84 17.08 -7.87
C TRP A 314 8.45 18.53 -8.13
N PHE A 315 9.42 19.44 -8.12
CA PHE A 315 9.13 20.88 -8.23
C PHE A 315 9.70 21.55 -9.47
N SER A 316 10.26 20.78 -10.40
CA SER A 316 11.02 21.32 -11.53
C SER A 316 10.16 21.40 -12.81
N GLY A 317 10.82 21.50 -13.96
CA GLY A 317 10.15 21.92 -15.19
C GLY A 317 9.44 23.23 -14.92
N ASN A 318 8.20 23.35 -15.37
CA ASN A 318 7.39 24.56 -15.05
C ASN A 318 6.19 24.26 -14.15
N GLN A 319 6.32 23.23 -13.31
CA GLN A 319 5.26 22.86 -12.38
C GLN A 319 5.01 24.01 -11.41
N THR A 320 3.76 24.47 -11.33
CA THR A 320 3.40 25.71 -10.64
C THR A 320 2.21 25.46 -9.74
N TRP A 321 2.30 25.95 -8.50
CA TRP A 321 1.27 25.87 -7.48
C TRP A 321 0.78 27.27 -7.12
N PRO A 322 -0.50 27.41 -6.70
CA PRO A 322 -1.01 28.76 -6.39
C PRO A 322 -0.40 29.41 -5.18
N TRP A 323 -0.35 28.76 -4.01
CA TRP A 323 0.10 29.55 -2.88
C TRP A 323 1.61 29.78 -2.88
N ASP A 324 2.37 28.90 -3.54
CA ASP A 324 3.76 29.19 -3.82
C ASP A 324 3.86 30.47 -4.64
N THR A 325 3.03 30.56 -5.67
CA THR A 325 2.99 31.72 -6.54
C THR A 325 2.65 33.00 -5.80
N TRP A 326 1.70 32.95 -4.89
CA TRP A 326 1.30 34.21 -4.20
C TRP A 326 2.50 34.75 -3.44
N LYS A 327 3.20 33.85 -2.75
CA LYS A 327 4.36 34.23 -1.93
C LYS A 327 5.50 34.68 -2.82
N GLN A 328 5.74 33.94 -3.90
CA GLN A 328 6.81 34.25 -4.85
C GLN A 328 6.64 35.63 -5.43
N ALA A 329 5.42 35.91 -5.92
CA ALA A 329 5.13 37.16 -6.60
C ALA A 329 5.12 38.33 -5.65
N PHE A 330 4.73 38.09 -4.40
CA PHE A 330 4.78 39.14 -3.38
C PHE A 330 6.20 39.65 -3.24
N ALA A 331 7.17 38.75 -3.13
CA ALA A 331 8.57 39.15 -3.03
C ALA A 331 9.11 39.67 -4.36
N MET A 332 8.81 38.97 -5.44
CA MET A 332 9.37 39.35 -6.74
C MET A 332 8.83 40.70 -7.24
N ALA A 333 7.66 41.13 -6.77
CA ALA A 333 7.20 42.50 -6.99
C ALA A 333 8.30 43.51 -6.74
N HIS A 334 9.16 43.24 -5.75
CA HIS A 334 10.16 44.19 -5.29
C HIS A 334 11.47 44.17 -6.04
N PHE A 335 11.62 43.29 -7.00
CA PHE A 335 12.85 43.28 -7.83
C PHE A 335 12.70 42.79 -9.26
N ASN A 336 11.74 41.89 -9.50
CA ASN A 336 11.46 41.40 -10.83
C ASN A 336 9.95 41.41 -11.05
N PRO A 337 9.34 42.60 -11.07
CA PRO A 337 7.86 42.67 -11.13
C PRO A 337 7.26 42.12 -12.42
N ASP A 338 8.01 42.15 -13.53
CA ASP A 338 7.50 41.63 -14.79
C ASP A 338 7.16 40.16 -14.63
N ILE A 339 8.03 39.44 -13.94
CA ILE A 339 7.85 38.00 -13.80
C ILE A 339 6.91 37.68 -12.65
N ALA A 340 6.88 38.53 -11.61
CA ALA A 340 5.84 38.39 -10.57
C ALA A 340 4.45 38.43 -11.22
N LYS A 341 4.23 39.39 -12.10
CA LYS A 341 2.94 39.48 -12.83
C LYS A 341 2.69 38.23 -13.66
N GLU A 342 3.68 37.80 -14.42
CA GLU A 342 3.53 36.60 -15.26
C GLU A 342 3.18 35.36 -14.46
N ASN A 343 3.86 35.17 -13.34
CA ASN A 343 3.67 34.00 -12.49
C ASN A 343 2.21 33.93 -12.02
N ILE A 344 1.68 35.08 -11.61
CA ILE A 344 0.27 35.18 -11.23
C ILE A 344 -0.64 34.91 -12.44
N ARG A 345 -0.31 35.49 -13.59
CA ARG A 345 -1.08 35.18 -14.80
C ARG A 345 -1.08 33.69 -15.12
N ALA A 346 0.04 33.03 -14.93
CA ALA A 346 0.14 31.62 -15.27
C ALA A 346 -0.85 30.79 -14.47
N VAL A 347 -0.91 31.03 -13.17
CA VAL A 347 -1.85 30.32 -12.31
C VAL A 347 -3.29 30.60 -12.76
N PHE A 348 -3.63 31.85 -13.02
CA PHE A 348 -5.00 32.15 -13.41
C PHE A 348 -5.33 31.76 -14.86
N SER A 349 -4.31 31.42 -15.66
CA SER A 349 -4.55 31.09 -17.06
C SER A 349 -5.35 29.79 -17.22
N TRP A 350 -5.34 28.93 -16.21
CA TRP A 350 -6.10 27.67 -16.22
C TRP A 350 -7.23 27.69 -15.19
N GLN A 351 -7.64 28.89 -14.80
CA GLN A 351 -8.82 29.06 -13.95
C GLN A 351 -10.03 28.55 -14.72
N ILE A 352 -10.93 27.86 -14.02
CA ILE A 352 -12.08 27.24 -14.68
C ILE A 352 -13.07 28.29 -15.15
N GLN A 353 -13.46 28.18 -16.42
CA GLN A 353 -14.42 29.10 -17.03
C GLN A 353 -15.77 28.40 -17.20
N PRO A 354 -16.85 29.17 -17.36
CA PRO A 354 -18.14 28.53 -17.61
C PRO A 354 -18.08 27.60 -18.83
N GLY A 355 -18.73 26.45 -18.71
CA GLY A 355 -18.77 25.45 -19.78
C GLY A 355 -17.51 24.62 -19.92
N ASP A 356 -16.65 24.63 -18.89
CA ASP A 356 -15.45 23.79 -18.87
C ASP A 356 -15.79 22.34 -19.18
N SER A 357 -14.97 21.69 -19.99
CA SER A 357 -15.22 20.32 -20.41
C SER A 357 -15.13 19.28 -19.30
N VAL A 358 -14.38 19.57 -18.24
CA VAL A 358 -14.15 18.59 -17.20
C VAL A 358 -14.98 18.89 -15.95
N ARG A 359 -14.98 20.15 -15.52
CA ARG A 359 -15.57 20.53 -14.24
C ARG A 359 -16.33 21.86 -14.32
N PRO A 360 -17.46 21.88 -15.07
CA PRO A 360 -18.26 23.10 -15.21
C PRO A 360 -18.88 23.57 -13.88
N GLN A 361 -18.92 22.69 -12.88
CA GLN A 361 -19.37 23.02 -11.52
C GLN A 361 -18.33 23.75 -10.69
N ASP A 362 -17.14 23.97 -11.24
CA ASP A 362 -16.02 24.60 -10.53
C ASP A 362 -15.60 25.94 -11.11
N VAL A 363 -16.52 26.71 -11.67
CA VAL A 363 -16.15 28.00 -12.25
C VAL A 363 -15.42 28.85 -11.22
N GLY A 364 -14.26 29.39 -11.60
CA GLY A 364 -13.45 30.24 -10.73
C GLY A 364 -12.31 29.52 -10.01
N PHE A 365 -12.38 28.19 -9.96
CA PHE A 365 -11.38 27.33 -9.34
C PHE A 365 -10.05 27.51 -10.06
N VAL A 366 -8.99 27.54 -9.26
CA VAL A 366 -7.62 27.59 -9.74
C VAL A 366 -6.95 26.23 -9.45
N PRO A 367 -6.45 25.54 -10.47
CA PRO A 367 -5.81 24.25 -10.20
C PRO A 367 -4.62 24.31 -9.23
N ASP A 368 -4.47 23.24 -8.46
CA ASP A 368 -3.37 23.04 -7.50
C ASP A 368 -2.02 23.03 -8.20
N LEU A 369 -1.96 22.37 -9.35
CA LEU A 369 -0.70 22.09 -10.00
C LEU A 369 -0.91 22.11 -11.51
N ILE A 370 -0.30 23.10 -12.18
CA ILE A 370 -0.23 23.16 -13.64
C ILE A 370 1.20 22.91 -14.09
N ALA A 371 1.36 22.46 -15.32
CA ALA A 371 2.64 21.96 -15.80
C ALA A 371 2.62 21.84 -17.31
N TRP A 372 3.78 21.53 -17.88
CA TRP A 372 3.93 21.37 -19.34
C TRP A 372 2.82 20.49 -19.91
N ASN A 373 2.60 19.34 -19.28
CA ASN A 373 1.64 18.35 -19.79
C ASN A 373 0.32 18.36 -19.05
N LEU A 374 -0.75 18.54 -19.82
CA LEU A 374 -2.12 18.37 -19.33
C LEU A 374 -2.36 16.94 -18.86
N SER A 375 -3.31 16.75 -17.95
CA SER A 375 -3.70 15.40 -17.54
C SER A 375 -4.43 14.69 -18.68
N PRO A 376 -4.55 13.36 -18.58
CA PRO A 376 -5.33 12.65 -19.61
C PRO A 376 -6.75 13.16 -19.73
N GLU A 377 -7.33 13.66 -18.63
CA GLU A 377 -8.69 14.22 -18.72
C GLU A 377 -8.79 15.46 -19.60
N ARG A 378 -7.66 16.15 -19.83
CA ARG A 378 -7.63 17.30 -20.70
C ARG A 378 -6.84 17.06 -21.98
N GLY A 379 -6.58 15.79 -22.26
CA GLY A 379 -6.02 15.37 -23.54
C GLY A 379 -4.51 15.16 -23.59
N GLY A 380 -3.84 15.31 -22.45
CA GLY A 380 -2.39 15.08 -22.37
C GLY A 380 -2.01 13.77 -21.72
N ASP A 381 -0.73 13.60 -21.39
CA ASP A 381 -0.27 12.43 -20.66
C ASP A 381 0.48 12.82 -19.39
N GLY A 382 0.21 14.02 -18.88
CA GLY A 382 0.85 14.46 -17.66
C GLY A 382 0.28 13.83 -16.42
N GLY A 383 1.16 13.41 -15.52
CA GLY A 383 0.77 12.83 -14.25
C GLY A 383 0.77 13.77 -13.07
N ASN A 384 1.32 14.96 -13.24
CA ASN A 384 1.40 15.95 -12.17
C ASN A 384 0.24 16.93 -12.14
N TRP A 385 -0.24 17.37 -13.30
CA TRP A 385 -1.35 18.30 -13.40
C TRP A 385 -2.42 17.85 -12.43
N ASN A 386 -2.86 18.73 -11.52
CA ASN A 386 -3.76 18.31 -10.44
C ASN A 386 -4.92 19.28 -10.25
N GLU A 387 -6.14 18.77 -10.39
CA GLU A 387 -7.36 19.54 -10.14
C GLU A 387 -8.23 18.91 -9.05
N ARG A 388 -7.61 18.11 -8.18
CA ARG A 388 -8.30 17.51 -7.01
C ARG A 388 -8.61 18.53 -5.90
N ASN A 389 -7.99 19.70 -5.97
CA ASN A 389 -7.95 20.67 -4.88
C ASN A 389 -7.24 21.89 -5.38
N THR A 390 -7.32 22.98 -4.63
CA THR A 390 -6.54 24.20 -4.90
C THR A 390 -5.53 24.36 -3.73
N LYS A 391 -5.19 25.60 -3.36
CA LYS A 391 -4.30 25.90 -2.23
C LYS A 391 -4.90 27.12 -1.50
N PRO A 392 -4.35 27.49 -0.32
CA PRO A 392 -4.95 28.61 0.39
C PRO A 392 -4.79 29.89 -0.40
N SER A 393 -5.80 30.75 -0.33
CA SER A 393 -5.85 31.91 -1.21
CA SER A 393 -5.91 31.91 -1.21
C SER A 393 -5.33 33.20 -0.59
N LEU A 394 -4.14 33.55 -1.04
CA LEU A 394 -3.49 34.80 -0.79
C LEU A 394 -3.33 35.53 -2.12
N ALA A 395 -4.21 35.23 -3.07
CA ALA A 395 -4.10 35.76 -4.43
C ALA A 395 -4.23 37.28 -4.46
N ALA A 396 -5.23 37.84 -3.78
CA ALA A 396 -5.45 39.28 -3.85
C ALA A 396 -4.33 40.05 -3.17
N TRP A 397 -3.82 39.54 -2.06
CA TRP A 397 -2.64 40.06 -1.37
C TRP A 397 -1.45 40.18 -2.30
N SER A 398 -1.24 39.13 -3.07
CA SER A 398 -0.12 39.07 -4.00
C SER A 398 -0.29 40.07 -5.13
N VAL A 399 -1.46 40.05 -5.76
CA VAL A 399 -1.79 41.03 -6.80
C VAL A 399 -1.65 42.47 -6.29
N MET A 400 -2.12 42.73 -5.07
CA MET A 400 -2.02 44.07 -4.50
C MET A 400 -0.57 44.50 -4.27
N GLU A 401 0.30 43.57 -3.91
CA GLU A 401 1.70 43.93 -3.71
C GLU A 401 2.35 44.39 -5.00
N VAL A 402 2.05 43.71 -6.09
CA VAL A 402 2.50 44.16 -7.42
C VAL A 402 1.98 45.58 -7.69
N TYR A 403 0.72 45.86 -7.34
CA TYR A 403 0.16 47.21 -7.53
C TYR A 403 0.87 48.22 -6.64
N ASN A 404 1.12 47.85 -5.39
CA ASN A 404 1.83 48.75 -4.47
C ASN A 404 3.16 49.22 -5.07
N VAL A 405 3.88 48.31 -5.71
CA VAL A 405 5.17 48.65 -6.30
C VAL A 405 5.03 49.42 -7.61
N THR A 406 4.21 48.90 -8.52
CA THR A 406 4.12 49.46 -9.86
C THR A 406 3.15 50.64 -10.00
N GLN A 407 2.17 50.70 -9.12
CA GLN A 407 1.04 51.66 -9.22
C GLN A 407 0.30 51.58 -10.56
N ASP A 408 0.30 50.39 -11.16
CA ASP A 408 -0.30 50.18 -12.46
C ASP A 408 -1.78 49.77 -12.30
N LYS A 409 -2.69 50.70 -12.54
CA LYS A 409 -4.11 50.39 -12.43
C LYS A 409 -4.60 49.36 -13.44
N THR A 410 -3.97 49.28 -14.61
CA THR A 410 -4.37 48.32 -15.63
C THR A 410 -4.13 46.87 -15.15
N TRP A 411 -3.12 46.71 -14.30
CA TRP A 411 -2.83 45.43 -13.67
C TRP A 411 -3.99 45.04 -12.74
N VAL A 412 -4.44 45.99 -11.93
CA VAL A 412 -5.59 45.73 -11.06
C VAL A 412 -6.85 45.42 -11.90
N ALA A 413 -7.05 46.19 -12.98
CA ALA A 413 -8.20 45.93 -13.86
C ALA A 413 -8.14 44.54 -14.51
N GLU A 414 -6.95 44.09 -14.87
CA GLU A 414 -6.75 42.77 -15.45
C GLU A 414 -7.09 41.65 -14.47
N MET A 415 -6.59 41.76 -13.25
CA MET A 415 -6.73 40.68 -12.29
C MET A 415 -8.04 40.65 -11.52
N TYR A 416 -8.67 41.81 -11.32
CA TYR A 416 -9.86 41.89 -10.48
C TYR A 416 -10.92 40.83 -10.82
N PRO A 417 -11.38 40.72 -12.07
CA PRO A 417 -12.42 39.72 -12.31
C PRO A 417 -12.00 38.27 -12.02
N LYS A 418 -10.71 37.96 -12.18
CA LYS A 418 -10.18 36.63 -11.93
C LYS A 418 -10.19 36.37 -10.43
N LEU A 419 -9.78 37.37 -9.66
CA LEU A 419 -9.84 37.29 -8.20
C LEU A 419 -11.27 37.14 -7.69
N VAL A 420 -12.20 37.90 -8.28
CA VAL A 420 -13.61 37.84 -7.90
C VAL A 420 -14.17 36.43 -8.16
N ALA A 421 -13.89 35.89 -9.33
CA ALA A 421 -14.35 34.53 -9.68
C ALA A 421 -13.84 33.47 -8.69
N TYR A 422 -12.57 33.59 -8.29
CA TYR A 422 -12.00 32.67 -7.31
C TYR A 422 -12.67 32.80 -5.95
N HIS A 423 -12.80 34.03 -5.48
CA HIS A 423 -13.53 34.36 -4.27
C HIS A 423 -14.94 33.70 -4.27
N ASP A 424 -15.64 33.87 -5.37
CA ASP A 424 -17.00 33.36 -5.48
C ASP A 424 -17.01 31.82 -5.44
N TRP A 425 -16.01 31.19 -6.07
CA TRP A 425 -15.88 29.74 -6.08
C TRP A 425 -15.77 29.19 -4.65
N TRP A 426 -14.93 29.80 -3.81
CA TRP A 426 -14.82 29.32 -2.43
C TRP A 426 -16.17 29.30 -1.74
N LEU A 427 -16.94 30.37 -1.91
CA LEU A 427 -18.21 30.47 -1.21
C LEU A 427 -19.28 29.51 -1.75
N ARG A 428 -19.17 29.10 -3.02
CA ARG A 428 -20.09 28.11 -3.54
C ARG A 428 -19.68 26.69 -3.18
N ASN A 429 -18.38 26.38 -3.27
CA ASN A 429 -17.91 24.99 -3.28
C ASN A 429 -17.11 24.56 -2.06
N ARG A 430 -16.85 25.48 -1.15
CA ARG A 430 -16.10 25.21 0.08
C ARG A 430 -16.78 25.88 1.28
N ASP A 431 -18.09 25.80 1.34
CA ASP A 431 -18.84 26.31 2.50
C ASP A 431 -20.03 25.40 2.73
N HIS A 432 -19.73 24.24 3.30
CA HIS A 432 -20.67 23.13 3.45
C HIS A 432 -21.95 23.55 4.17
N ASN A 433 -21.79 24.32 5.24
CA ASN A 433 -22.91 24.74 6.09
C ASN A 433 -23.48 26.12 5.75
N GLY A 434 -22.95 26.74 4.68
CA GLY A 434 -23.52 27.96 4.15
C GLY A 434 -23.45 29.16 5.08
N ASN A 435 -22.45 29.21 5.94
CA ASN A 435 -22.31 30.33 6.91
C ASN A 435 -21.32 31.43 6.52
N GLY A 436 -20.80 31.34 5.31
CA GLY A 436 -19.87 32.34 4.78
C GLY A 436 -18.44 32.18 5.26
N VAL A 437 -18.15 31.08 5.94
CA VAL A 437 -16.84 30.81 6.50
C VAL A 437 -16.33 29.52 5.86
N PRO A 438 -15.19 29.60 5.18
CA PRO A 438 -14.82 28.44 4.34
C PRO A 438 -14.26 27.25 5.07
N GLU A 439 -14.21 26.11 4.36
CA GLU A 439 -13.46 24.95 4.80
C GLU A 439 -12.47 24.59 3.71
N TYR A 440 -11.38 23.94 4.10
CA TYR A 440 -10.55 23.24 3.14
C TYR A 440 -11.33 22.00 2.69
N GLY A 441 -11.09 21.57 1.46
CA GLY A 441 -11.82 20.45 0.91
C GLY A 441 -11.22 19.98 -0.40
N ALA A 442 -12.08 19.44 -1.28
CA ALA A 442 -11.65 18.75 -2.47
C ALA A 442 -12.72 18.86 -3.53
N THR A 443 -12.32 18.70 -4.79
CA THR A 443 -13.25 18.77 -5.91
C THR A 443 -13.90 17.42 -6.17
N ARG A 444 -14.91 17.42 -7.03
CA ARG A 444 -15.40 16.20 -7.63
C ARG A 444 -14.31 15.76 -8.60
N ASP A 445 -13.89 14.50 -8.54
CA ASP A 445 -12.76 14.07 -9.34
C ASP A 445 -12.81 12.57 -9.51
N LYS A 446 -12.25 12.08 -10.62
CA LYS A 446 -12.10 10.65 -10.83
C LYS A 446 -11.40 9.93 -9.69
N ALA A 447 -10.49 10.63 -9.00
CA ALA A 447 -9.80 10.04 -7.86
C ALA A 447 -10.63 9.97 -6.59
N HIS A 448 -11.72 10.73 -6.53
CA HIS A 448 -12.48 10.95 -5.30
C HIS A 448 -13.81 10.26 -5.23
N ASN A 449 -14.40 9.98 -6.38
CA ASN A 449 -15.76 9.48 -6.42
C ASN A 449 -16.02 8.66 -7.68
N THR A 450 -17.07 7.85 -7.62
CA THR A 450 -17.50 7.10 -8.78
C THR A 450 -18.14 8.08 -9.77
N GLU A 451 -18.38 7.60 -10.99
CA GLU A 451 -19.05 8.41 -12.01
C GLU A 451 -20.45 8.90 -11.58
N SER A 452 -21.11 8.13 -10.72
CA SER A 452 -22.42 8.53 -10.18
C SER A 452 -22.34 9.51 -8.99
N GLY A 453 -21.12 9.87 -8.57
CA GLY A 453 -20.92 10.88 -7.52
C GLY A 453 -20.82 10.34 -6.11
N GLU A 454 -20.51 9.04 -5.98
CA GLU A 454 -20.37 8.39 -4.68
C GLU A 454 -18.93 8.44 -4.20
N MET A 455 -18.72 8.94 -2.99
CA MET A 455 -17.36 9.16 -2.46
C MET A 455 -16.59 7.85 -2.25
N LEU A 456 -15.38 7.76 -2.79
CA LEU A 456 -14.55 6.56 -2.62
C LEU A 456 -13.77 6.57 -1.33
N PHE A 457 -13.59 5.40 -0.73
CA PHE A 457 -12.69 5.25 0.41
C PHE A 457 -12.23 3.82 0.57
N THR A 458 -11.10 3.64 1.23
CA THR A 458 -10.53 2.30 1.43
C THR A 458 -10.30 2.11 2.91
N VAL A 459 -10.92 1.06 3.45
CA VAL A 459 -10.82 0.73 4.86
C VAL A 459 -9.74 -0.35 4.99
N LYS A 460 -8.72 -0.08 5.80
CA LYS A 460 -7.63 -1.02 6.01
C LYS A 460 -7.60 -1.51 7.45
N LYS A 461 -7.41 -2.82 7.61
CA LYS A 461 -7.29 -3.44 8.92
C LYS A 461 -6.32 -4.60 8.77
N GLY A 462 -5.21 -4.54 9.49
CA GLY A 462 -4.07 -5.41 9.22
C GLY A 462 -3.71 -5.37 7.74
N ASP A 463 -3.56 -6.54 7.13
CA ASP A 463 -3.23 -6.65 5.71
C ASP A 463 -4.48 -6.74 4.82
N LYS A 464 -5.67 -6.61 5.42
CA LYS A 464 -6.90 -6.64 4.65
C LYS A 464 -7.31 -5.24 4.21
N GLU A 465 -7.72 -5.13 2.95
CA GLU A 465 -8.19 -3.87 2.36
C GLU A 465 -9.61 -4.04 1.86
N GLU A 466 -10.37 -2.96 1.92
CA GLU A 466 -11.74 -2.98 1.43
C GLU A 466 -12.04 -1.59 0.86
N THR A 467 -12.26 -1.51 -0.45
CA THR A 467 -12.61 -0.25 -1.09
C THR A 467 -14.12 -0.20 -1.24
N GLN A 468 -14.72 0.88 -0.74
CA GLN A 468 -16.17 1.09 -0.75
C GLN A 468 -16.48 2.49 -1.29
N SER A 469 -17.76 2.81 -1.40
CA SER A 469 -18.17 4.15 -1.78
C SER A 469 -19.46 4.55 -1.10
N GLY A 470 -19.71 5.85 -1.06
CA GLY A 470 -20.92 6.39 -0.47
C GLY A 470 -20.68 6.99 0.90
N LEU A 471 -21.17 8.21 1.08
CA LEU A 471 -20.97 8.93 2.32
C LEU A 471 -21.69 8.27 3.49
N ASN A 472 -22.88 7.72 3.24
CA ASN A 472 -23.61 6.98 4.27
C ASN A 472 -22.80 5.78 4.77
N ASN A 473 -22.20 5.03 3.85
CA ASN A 473 -21.29 3.94 4.20
C ASN A 473 -20.05 4.44 4.94
N TYR A 474 -19.52 5.56 4.50
CA TYR A 474 -18.38 6.19 5.18
C TYR A 474 -18.74 6.49 6.64
N ALA A 475 -19.94 7.03 6.86
CA ALA A 475 -20.39 7.41 8.20
C ALA A 475 -20.32 6.24 9.17
N ARG A 476 -20.90 5.12 8.77
CA ARG A 476 -20.95 3.92 9.60
C ARG A 476 -19.56 3.39 9.90
N VAL A 477 -18.69 3.40 8.89
CA VAL A 477 -17.33 2.93 9.07
C VAL A 477 -16.59 3.78 10.13
N VAL A 478 -16.79 5.09 10.11
CA VAL A 478 -16.14 5.94 11.11
C VAL A 478 -16.69 5.65 12.51
N GLU A 479 -18.01 5.53 12.62
CA GLU A 479 -18.67 5.20 13.91
C GLU A 479 -18.09 3.95 14.59
N LYS A 480 -17.90 2.87 13.82
CA LYS A 480 -17.45 1.59 14.40
C LYS A 480 -15.96 1.52 14.73
N GLY A 481 -15.15 2.25 13.96
CA GLY A 481 -13.71 2.36 14.24
C GLY A 481 -12.91 1.10 14.05
N GLN A 482 -13.45 0.14 13.30
CA GLN A 482 -12.79 -1.15 13.13
C GLN A 482 -11.84 -1.13 11.93
N TYR A 483 -10.85 -0.23 12.02
CA TYR A 483 -9.83 -0.11 11.02
C TYR A 483 -8.54 0.42 11.63
N ASP A 484 -7.41 0.09 11.01
CA ASP A 484 -6.12 0.67 11.37
C ASP A 484 -5.97 2.02 10.67
N SER A 485 -6.50 2.12 9.44
CA SER A 485 -6.53 3.38 8.72
C SER A 485 -7.70 3.43 7.74
N LEU A 486 -8.20 4.64 7.51
CA LEU A 486 -9.27 4.88 6.58
C LEU A 486 -8.69 5.86 5.56
N GLU A 487 -8.46 5.39 4.34
CA GLU A 487 -7.91 6.21 3.26
C GLU A 487 -9.03 6.77 2.42
N ILE A 488 -9.20 8.10 2.45
CA ILE A 488 -10.24 8.76 1.68
C ILE A 488 -9.51 9.73 0.74
N PRO A 489 -9.43 9.40 -0.56
CA PRO A 489 -8.68 10.25 -1.49
C PRO A 489 -9.12 11.72 -1.45
N ALA A 490 -10.41 11.97 -1.31
CA ALA A 490 -10.89 13.36 -1.23
C ALA A 490 -10.36 14.07 0.01
N GLN A 491 -10.24 13.35 1.12
CA GLN A 491 -9.76 13.97 2.35
C GLN A 491 -8.24 14.14 2.33
N VAL A 492 -7.53 13.25 1.65
CA VAL A 492 -6.11 13.51 1.34
C VAL A 492 -5.95 14.83 0.59
N ALA A 493 -6.76 15.01 -0.45
CA ALA A 493 -6.70 16.22 -1.26
C ALA A 493 -7.03 17.46 -0.44
N ALA A 494 -7.93 17.30 0.54
CA ALA A 494 -8.26 18.41 1.43
C ALA A 494 -7.04 18.83 2.25
N SER A 495 -6.25 17.86 2.67
CA SER A 495 -5.02 18.14 3.40
C SER A 495 -4.04 18.87 2.46
N TRP A 496 -3.99 18.45 1.20
CA TRP A 496 -3.18 19.16 0.20
C TRP A 496 -3.68 20.60 0.03
N GLU A 497 -4.99 20.80 0.06
CA GLU A 497 -5.55 22.14 -0.12
C GLU A 497 -5.16 23.10 0.98
N SER A 498 -4.93 22.58 2.20
CA SER A 498 -4.51 23.41 3.32
C SER A 498 -3.07 23.87 3.20
N GLY A 499 -2.30 23.14 2.38
CA GLY A 499 -0.87 23.36 2.24
C GLY A 499 -0.01 22.73 3.31
N ARG A 500 -0.62 22.16 4.35
CA ARG A 500 0.10 21.68 5.54
C ARG A 500 -0.37 20.26 5.82
N ASP A 501 0.13 19.31 5.03
CA ASP A 501 -0.55 18.01 4.92
C ASP A 501 -0.32 16.99 6.04
N ASP A 502 0.46 17.34 7.06
CA ASP A 502 0.54 16.51 8.25
C ASP A 502 0.37 17.31 9.54
N ALA A 503 -0.32 18.44 9.45
CA ALA A 503 -0.50 19.32 10.59
C ALA A 503 -1.39 18.67 11.65
N ALA A 504 -1.06 18.93 12.92
CA ALA A 504 -1.84 18.39 14.05
C ALA A 504 -3.33 18.71 13.92
N VAL A 505 -3.65 19.95 13.55
CA VAL A 505 -5.03 20.41 13.50
C VAL A 505 -5.89 19.63 12.51
N PHE A 506 -5.26 18.97 11.53
CA PHE A 506 -6.01 18.14 10.58
C PHE A 506 -6.02 16.66 10.95
N GLY A 507 -5.67 16.36 12.20
CA GLY A 507 -5.85 15.03 12.75
C GLY A 507 -4.61 14.16 12.76
N PHE A 508 -3.48 14.70 12.36
CA PHE A 508 -2.29 13.90 12.18
C PHE A 508 -1.47 13.88 13.46
N ILE A 509 -1.24 12.68 13.98
CA ILE A 509 -0.52 12.50 15.25
C ILE A 509 0.05 11.09 15.23
N ASP A 510 1.28 10.92 15.70
CA ASP A 510 1.96 9.61 15.65
C ASP A 510 1.46 8.73 16.80
N LYS A 511 1.82 7.45 16.78
CA LYS A 511 1.27 6.49 17.74
C LYS A 511 1.67 6.80 19.18
N GLU A 512 2.96 6.99 19.42
CA GLU A 512 3.47 7.27 20.77
C GLU A 512 2.82 8.55 21.30
N GLN A 513 2.62 9.52 20.40
CA GLN A 513 2.08 10.81 20.80
C GLN A 513 0.64 10.68 21.23
N LEU A 514 -0.13 9.92 20.46
CA LEU A 514 -1.53 9.74 20.73
C LEU A 514 -1.70 8.90 22.00
N ASP A 515 -0.83 7.93 22.22
CA ASP A 515 -0.92 7.12 23.43
C ASP A 515 -0.74 8.02 24.66
N LYS A 516 0.19 8.96 24.61
CA LYS A 516 0.41 9.86 25.74
C LYS A 516 -0.75 10.83 25.92
N TYR A 517 -1.35 11.23 24.79
CA TYR A 517 -2.54 12.09 24.80
C TYR A 517 -3.70 11.41 25.55
N VAL A 518 -3.88 10.12 25.28
CA VAL A 518 -4.91 9.32 25.92
C VAL A 518 -4.62 9.13 27.41
N ALA A 519 -3.37 8.83 27.74
CA ALA A 519 -2.94 8.64 29.12
C ALA A 519 -3.20 9.89 29.96
N ASN A 520 -3.09 11.06 29.33
CA ASN A 520 -3.34 12.34 29.98
C ASN A 520 -4.82 12.71 30.05
N GLY A 521 -5.70 11.84 29.54
CA GLY A 521 -7.15 12.01 29.70
C GLY A 521 -7.91 12.38 28.43
N GLY A 522 -7.22 12.39 27.29
CA GLY A 522 -7.89 12.67 26.03
C GLY A 522 -8.49 11.42 25.40
N LYS A 523 -9.29 11.61 24.35
CA LYS A 523 -9.89 10.51 23.59
C LYS A 523 -9.25 10.45 22.20
N ARG A 524 -9.06 9.24 21.67
CA ARG A 524 -8.53 9.09 20.30
C ARG A 524 -9.43 9.75 19.27
N SER A 525 -10.74 9.74 19.51
CA SER A 525 -11.70 10.34 18.60
C SER A 525 -11.58 11.87 18.52
N ASP A 526 -10.83 12.48 19.44
CA ASP A 526 -10.61 13.93 19.39
C ASP A 526 -9.79 14.30 18.16
N TRP A 527 -9.12 13.32 17.58
CA TRP A 527 -8.22 13.54 16.44
C TRP A 527 -8.85 13.14 15.11
N THR A 528 -10.10 12.68 15.15
CA THR A 528 -10.84 12.34 13.95
C THR A 528 -11.48 13.57 13.31
N VAL A 529 -11.07 13.87 12.09
CA VAL A 529 -11.68 14.95 11.30
C VAL A 529 -12.72 14.34 10.39
N LYS A 530 -13.98 14.71 10.60
CA LYS A 530 -15.08 14.21 9.78
C LYS A 530 -15.15 14.95 8.47
N PHE A 531 -15.90 14.38 7.53
CA PHE A 531 -15.82 14.79 6.13
C PHE A 531 -17.21 14.81 5.56
N ALA A 532 -17.44 15.69 4.60
CA ALA A 532 -18.76 15.88 4.02
C ALA A 532 -18.70 16.23 2.54
N GLU A 533 -19.82 16.01 1.85
CA GLU A 533 -19.98 16.44 0.48
C GLU A 533 -20.74 17.74 0.42
N ASN A 534 -20.48 18.49 -0.65
CA ASN A 534 -21.12 19.75 -0.94
C ASN A 534 -21.94 19.65 -2.20
N ARG A 535 -23.23 19.94 -2.09
CA ARG A 535 -24.14 19.83 -3.23
C ARG A 535 -24.88 21.14 -3.45
N SER A 536 -25.19 21.43 -4.70
CA SER A 536 -25.94 22.63 -5.05
C SER A 536 -27.42 22.38 -4.79
N GLN A 537 -28.22 23.44 -4.92
CA GLN A 537 -29.66 23.36 -4.77
C GLN A 537 -30.25 22.21 -5.59
N ASP A 538 -29.85 22.10 -6.85
CA ASP A 538 -30.37 21.05 -7.74
C ASP A 538 -29.77 19.66 -7.54
N GLY A 539 -28.91 19.49 -6.54
CA GLY A 539 -28.35 18.18 -6.19
C GLY A 539 -27.02 17.84 -6.84
N THR A 540 -26.46 18.75 -7.63
CA THR A 540 -25.17 18.55 -8.29
C THR A 540 -24.07 18.47 -7.22
N LEU A 541 -23.23 17.44 -7.32
CA LEU A 541 -22.05 17.30 -6.45
C LEU A 541 -21.03 18.34 -6.84
N LEU A 542 -20.70 19.21 -5.91
CA LEU A 542 -19.81 20.34 -6.16
C LEU A 542 -18.40 20.03 -5.67
N GLY A 543 -18.28 19.12 -4.71
CA GLY A 543 -17.01 18.81 -4.09
C GLY A 543 -17.24 18.37 -2.67
N TYR A 544 -16.24 18.60 -1.83
CA TYR A 544 -16.19 18.08 -0.48
C TYR A 544 -15.59 19.11 0.44
N SER A 545 -15.92 19.00 1.72
CA SER A 545 -15.31 19.81 2.77
C SER A 545 -14.96 18.97 3.97
N LEU A 546 -13.84 19.29 4.61
CA LEU A 546 -13.65 18.92 5.99
C LEU A 546 -14.82 19.49 6.78
N LEU A 547 -15.32 18.75 7.76
CA LEU A 547 -16.31 19.30 8.70
C LEU A 547 -15.55 20.05 9.79
N GLN A 548 -14.90 21.12 9.34
CA GLN A 548 -13.97 21.87 10.16
C GLN A 548 -13.67 23.15 9.40
N GLU A 549 -13.78 24.30 10.07
CA GLU A 549 -13.48 25.60 9.48
C GLU A 549 -12.13 26.06 10.02
N SER A 550 -11.19 26.30 9.11
CA SER A 550 -9.83 26.58 9.54
C SER A 550 -9.61 28.07 9.73
N VAL A 551 -8.92 28.41 10.82
CA VAL A 551 -8.74 29.80 11.20
C VAL A 551 -7.78 30.54 10.25
N ASP A 552 -6.78 29.84 9.72
CA ASP A 552 -5.93 30.46 8.71
C ASP A 552 -6.73 30.76 7.45
N GLN A 553 -7.54 29.81 7.00
CA GLN A 553 -8.33 30.02 5.80
C GLN A 553 -9.34 31.15 5.97
N ALA A 554 -10.02 31.19 7.09
CA ALA A 554 -10.93 32.33 7.37
C ALA A 554 -10.19 33.64 7.33
N SER A 555 -9.00 33.67 7.93
CA SER A 555 -8.19 34.88 7.99
C SER A 555 -7.68 35.31 6.62
N TYR A 556 -7.28 34.35 5.79
CA TYR A 556 -6.88 34.65 4.42
C TYR A 556 -8.06 35.19 3.62
N MET A 557 -9.26 34.66 3.88
CA MET A 557 -10.45 35.16 3.21
C MET A 557 -10.82 36.57 3.66
N TYR A 558 -10.58 36.85 4.94
CA TYR A 558 -10.76 38.19 5.47
C TYR A 558 -9.89 39.14 4.64
N SER A 559 -8.63 38.80 4.49
CA SER A 559 -7.72 39.63 3.70
C SER A 559 -8.11 39.71 2.23
N ASP A 560 -8.53 38.59 1.64
CA ASP A 560 -9.05 38.56 0.25
C ASP A 560 -10.10 39.64 0.09
N ASN A 561 -11.07 39.65 1.00
CA ASN A 561 -12.16 40.62 0.93
C ASN A 561 -11.66 42.05 1.06
N HIS A 562 -10.74 42.26 2.00
CA HIS A 562 -10.17 43.58 2.21
C HIS A 562 -9.46 44.08 0.95
N TYR A 563 -8.63 43.23 0.34
CA TYR A 563 -7.93 43.64 -0.87
C TYR A 563 -8.86 43.79 -2.04
N LEU A 564 -9.88 42.94 -2.15
CA LEU A 564 -10.89 43.13 -3.20
C LEU A 564 -11.63 44.48 -3.04
N ALA A 565 -11.98 44.87 -1.82
CA ALA A 565 -12.60 46.19 -1.56
C ALA A 565 -11.68 47.31 -2.03
N GLU A 566 -10.39 47.18 -1.72
CA GLU A 566 -9.39 48.17 -2.13
CA GLU A 566 -9.42 48.20 -2.13
C GLU A 566 -9.31 48.29 -3.65
N MET A 567 -9.32 47.14 -4.31
CA MET A 567 -9.25 47.10 -5.76
C MET A 567 -10.52 47.66 -6.40
N ALA A 568 -11.67 47.31 -5.84
CA ALA A 568 -12.93 47.85 -6.33
C ALA A 568 -12.94 49.37 -6.25
N THR A 569 -12.43 49.92 -5.15
CA THR A 569 -12.36 51.36 -4.98
C THR A 569 -11.42 51.97 -6.04
N ILE A 570 -10.26 51.37 -6.24
CA ILE A 570 -9.33 51.81 -7.28
C ILE A 570 -10.02 51.84 -8.67
N LEU A 571 -10.86 50.84 -8.93
CA LEU A 571 -11.52 50.68 -10.22
C LEU A 571 -12.86 51.44 -10.32
N GLY A 572 -13.19 52.23 -9.30
CA GLY A 572 -14.42 53.01 -9.33
C GLY A 572 -15.69 52.17 -9.23
N LYS A 573 -15.64 51.16 -8.37
CA LYS A 573 -16.75 50.24 -8.14
C LYS A 573 -17.14 50.31 -6.67
N PRO A 574 -17.73 51.43 -6.23
CA PRO A 574 -17.95 51.66 -4.81
C PRO A 574 -18.93 50.70 -4.16
N GLU A 575 -19.94 50.25 -4.90
CA GLU A 575 -20.91 49.35 -4.29
C GLU A 575 -20.32 47.97 -4.10
N GLU A 576 -19.49 47.51 -5.04
CA GLU A 576 -18.76 46.25 -4.88
C GLU A 576 -17.81 46.36 -3.69
N ALA A 577 -17.13 47.50 -3.56
CA ALA A 577 -16.22 47.70 -2.43
C ALA A 577 -16.96 47.60 -1.10
N LYS A 578 -18.13 48.21 -1.03
CA LYS A 578 -18.92 48.20 0.20
C LYS A 578 -19.31 46.78 0.58
N ARG A 579 -19.68 45.98 -0.42
CA ARG A 579 -20.04 44.60 -0.17
C ARG A 579 -18.84 43.82 0.37
N TYR A 580 -17.67 44.00 -0.23
CA TYR A 580 -16.49 43.28 0.24
C TYR A 580 -16.06 43.72 1.65
N ARG A 581 -16.22 45.00 1.96
CA ARG A 581 -15.93 45.48 3.32
C ARG A 581 -16.86 44.80 4.33
N GLN A 582 -18.13 44.61 3.96
CA GLN A 582 -19.10 43.94 4.83
C GLN A 582 -18.69 42.50 5.07
N LEU A 583 -18.32 41.81 3.99
CA LEU A 583 -17.94 40.42 4.08
C LEU A 583 -16.71 40.26 4.96
N ALA A 584 -15.76 41.18 4.80
CA ALA A 584 -14.58 41.16 5.65
C ALA A 584 -14.96 41.31 7.12
N GLN A 585 -15.79 42.31 7.43
CA GLN A 585 -16.19 42.51 8.82
C GLN A 585 -16.91 41.31 9.41
N GLN A 586 -17.78 40.69 8.62
CA GLN A 586 -18.47 39.49 9.09
C GLN A 586 -17.50 38.33 9.40
N LEU A 587 -16.48 38.15 8.56
CA LEU A 587 -15.47 37.13 8.80
C LEU A 587 -14.64 37.45 10.04
N ALA A 588 -14.26 38.71 10.21
CA ALA A 588 -13.51 39.09 11.41
C ALA A 588 -14.34 38.81 12.67
N ASP A 589 -15.63 39.14 12.61
CA ASP A 589 -16.50 38.88 13.75
C ASP A 589 -16.54 37.38 14.08
N TYR A 590 -16.67 36.55 13.06
CA TYR A 590 -16.73 35.09 13.27
C TYR A 590 -15.37 34.58 13.77
N ILE A 591 -14.27 35.06 13.22
CA ILE A 591 -12.95 34.66 13.67
C ILE A 591 -12.75 34.97 15.17
N ASN A 592 -13.09 36.19 15.57
CA ASN A 592 -12.92 36.59 16.95
C ASN A 592 -13.92 35.92 17.89
N THR A 593 -15.16 35.80 17.48
CA THR A 593 -16.19 35.18 18.33
C THR A 593 -15.99 33.68 18.45
N CYS A 594 -15.72 33.01 17.34
CA CYS A 594 -15.76 31.55 17.28
C CYS A 594 -14.42 30.88 17.44
N MET A 595 -13.36 31.47 16.91
CA MET A 595 -12.07 30.80 16.80
C MET A 595 -11.08 31.18 17.89
N PHE A 596 -11.36 32.25 18.63
CA PHE A 596 -10.50 32.68 19.73
C PHE A 596 -10.97 32.01 21.03
N ASP A 597 -10.04 31.35 21.69
CA ASP A 597 -10.28 30.78 23.02
C ASP A 597 -9.69 31.72 24.07
N PRO A 598 -10.52 32.34 24.91
CA PRO A 598 -9.87 33.24 25.87
C PRO A 598 -9.11 32.53 26.96
N THR A 599 -9.43 31.27 27.23
CA THR A 599 -8.75 30.56 28.29
C THR A 599 -7.28 30.32 27.97
N THR A 600 -7.02 29.77 26.79
CA THR A 600 -5.64 29.55 26.38
C THR A 600 -5.06 30.68 25.54
N GLN A 601 -5.82 31.74 25.33
CA GLN A 601 -5.28 32.98 24.77
C GLN A 601 -4.81 32.81 23.34
N PHE A 602 -5.56 32.09 22.53
CA PHE A 602 -5.06 31.75 21.20
C PHE A 602 -6.22 31.40 20.30
N TYR A 603 -5.94 31.36 19.00
CA TYR A 603 -6.94 31.00 18.01
C TYR A 603 -6.75 29.58 17.49
N TYR A 604 -7.86 28.95 17.12
CA TYR A 604 -7.87 27.57 16.64
C TYR A 604 -8.93 27.40 15.57
N ASP A 605 -8.82 26.32 14.80
CA ASP A 605 -9.90 25.86 13.95
C ASP A 605 -11.10 25.51 14.82
N VAL A 606 -12.26 25.45 14.19
CA VAL A 606 -13.46 24.95 14.84
C VAL A 606 -14.01 23.78 14.07
N ARG A 607 -14.59 22.81 14.76
CA ARG A 607 -15.32 21.76 14.07
C ARG A 607 -16.62 22.27 13.51
N ILE A 608 -17.11 21.67 12.43
CA ILE A 608 -18.51 21.84 12.10
C ILE A 608 -19.24 20.72 12.82
N GLU A 609 -19.84 21.07 13.95
CA GLU A 609 -20.49 20.07 14.81
C GLU A 609 -21.86 19.74 14.26
N ASP A 610 -22.49 18.72 14.81
CA ASP A 610 -23.77 18.24 14.25
C ASP A 610 -24.86 19.32 14.27
N LYS A 611 -24.84 20.16 15.30
CA LYS A 611 -25.70 21.34 15.37
C LYS A 611 -24.85 22.55 15.72
N PRO A 612 -25.17 23.71 15.14
CA PRO A 612 -24.39 24.89 15.47
C PRO A 612 -24.70 25.38 16.88
N LEU A 613 -23.81 26.23 17.39
CA LEU A 613 -23.94 26.78 18.74
C LEU A 613 -24.88 27.98 18.72
N ALA A 614 -25.38 28.33 19.89
CA ALA A 614 -26.32 29.44 20.04
C ALA A 614 -25.74 30.76 19.57
N ASN A 615 -24.42 30.92 19.65
CA ASN A 615 -23.76 32.15 19.18
C ASN A 615 -23.54 32.18 17.66
N GLY A 616 -24.01 31.13 16.97
CA GLY A 616 -23.91 31.04 15.52
C GLY A 616 -22.66 30.34 15.05
N CYS A 617 -21.77 29.99 15.97
CA CYS A 617 -20.51 29.34 15.59
C CYS A 617 -20.79 27.90 15.21
N ALA A 618 -20.04 27.39 14.24
CA ALA A 618 -20.28 26.04 13.76
C ALA A 618 -19.87 24.97 14.78
N GLY A 619 -18.99 25.34 15.70
CA GLY A 619 -18.51 24.45 16.72
C GLY A 619 -17.49 25.16 17.58
N LYS A 620 -17.01 24.47 18.60
CA LYS A 620 -16.05 25.03 19.52
C LYS A 620 -14.64 25.01 18.93
N PRO A 621 -13.79 25.92 19.38
CA PRO A 621 -12.39 25.86 19.00
C PRO A 621 -11.76 24.53 19.40
N ILE A 622 -10.91 23.99 18.52
CA ILE A 622 -10.31 22.68 18.73
C ILE A 622 -9.00 22.83 19.55
N VAL A 623 -9.18 23.26 20.79
CA VAL A 623 -8.06 23.55 21.69
CA VAL A 623 -8.07 23.56 21.69
C VAL A 623 -7.25 22.30 21.97
N GLU A 624 -7.92 21.16 22.03
CA GLU A 624 -7.24 19.93 22.47
C GLU A 624 -6.17 19.41 21.49
N ARG A 625 -6.22 19.81 20.23
CA ARG A 625 -5.17 19.42 19.27
C ARG A 625 -3.94 20.35 19.33
N GLY A 626 -3.98 21.37 20.18
CA GLY A 626 -2.82 22.20 20.43
C GLY A 626 -2.70 23.38 19.48
N LYS A 627 -1.71 24.21 19.77
CA LYS A 627 -1.47 25.46 19.07
C LYS A 627 -0.55 25.27 17.87
N GLY A 628 -0.82 26.05 16.84
CA GLY A 628 0.00 26.10 15.65
C GLY A 628 0.00 27.50 15.04
N PRO A 629 0.70 27.67 13.92
CA PRO A 629 0.91 28.99 13.33
C PRO A 629 -0.39 29.57 12.79
N GLU A 630 -1.40 28.73 12.57
CA GLU A 630 -2.70 29.23 12.18
C GLU A 630 -3.25 30.20 13.24
N GLY A 631 -2.82 30.03 14.48
CA GLY A 631 -3.31 30.89 15.53
C GLY A 631 -2.85 32.33 15.45
N TRP A 632 -1.78 32.62 14.71
CA TRP A 632 -1.44 34.03 14.43
C TRP A 632 -1.88 34.51 13.06
N SER A 633 -2.59 33.66 12.31
CA SER A 633 -3.11 34.07 11.02
C SER A 633 -4.10 35.25 11.15
N PRO A 634 -4.91 35.28 12.23
CA PRO A 634 -5.77 36.48 12.35
C PRO A 634 -4.98 37.78 12.56
N LEU A 635 -3.77 37.70 13.11
CA LEU A 635 -2.94 38.89 13.31
C LEU A 635 -2.29 39.31 11.99
N PHE A 636 -1.68 38.34 11.31
CA PHE A 636 -1.07 38.62 10.01
C PHE A 636 -2.07 39.28 9.06
N ASN A 637 -3.27 38.71 9.02
CA ASN A 637 -4.29 39.18 8.08
C ASN A 637 -5.10 40.38 8.55
N GLY A 638 -4.92 40.79 9.81
CA GLY A 638 -5.59 41.98 10.35
C GLY A 638 -7.02 41.80 10.82
N ALA A 639 -7.44 40.56 11.05
CA ALA A 639 -8.80 40.29 11.53
C ALA A 639 -8.91 40.37 13.05
N ALA A 640 -7.79 40.18 13.76
CA ALA A 640 -7.81 40.14 15.20
C ALA A 640 -8.21 41.49 15.81
N THR A 641 -8.92 41.45 16.94
CA THR A 641 -9.06 42.64 17.76
C THR A 641 -7.72 42.87 18.44
N GLN A 642 -7.48 44.10 18.90
CA GLN A 642 -6.25 44.42 19.60
C GLN A 642 -6.08 43.55 20.83
N ALA A 643 -7.14 43.37 21.63
CA ALA A 643 -7.03 42.57 22.84
C ALA A 643 -6.64 41.12 22.53
N ASN A 644 -7.25 40.55 21.51
CA ASN A 644 -6.94 39.18 21.14
C ASN A 644 -5.52 39.05 20.58
N ALA A 645 -5.11 40.05 19.79
CA ALA A 645 -3.73 40.13 19.32
C ALA A 645 -2.75 40.18 20.49
N ASP A 646 -3.04 41.00 21.51
CA ASP A 646 -2.15 41.12 22.66
C ASP A 646 -1.95 39.77 23.31
N ALA A 647 -3.03 38.98 23.42
CA ALA A 647 -2.99 37.66 24.02
C ALA A 647 -2.13 36.69 23.21
N VAL A 648 -2.35 36.68 21.90
CA VAL A 648 -1.60 35.79 21.02
C VAL A 648 -0.09 36.11 21.03
N VAL A 649 0.26 37.38 21.05
CA VAL A 649 1.67 37.77 21.03
C VAL A 649 2.38 37.27 22.28
N LYS A 650 1.73 37.33 23.44
CA LYS A 650 2.31 36.76 24.66
C LYS A 650 2.62 35.25 24.52
N VAL A 651 1.72 34.53 23.86
CA VAL A 651 1.94 33.12 23.62
C VAL A 651 3.09 32.92 22.64
N MET A 652 3.13 33.70 21.57
CA MET A 652 4.20 33.58 20.59
C MET A 652 5.59 33.80 21.21
N LEU A 653 5.67 34.75 22.14
CA LEU A 653 6.93 35.11 22.80
C LEU A 653 7.29 34.23 23.98
N ASP A 654 6.40 33.32 24.34
CA ASP A 654 6.65 32.41 25.43
C ASP A 654 7.66 31.31 25.01
N PRO A 655 8.82 31.21 25.69
CA PRO A 655 9.74 30.12 25.36
C PRO A 655 9.20 28.70 25.58
N LYS A 656 8.11 28.57 26.33
CA LYS A 656 7.46 27.29 26.51
C LYS A 656 6.49 26.94 25.39
N GLU A 657 6.23 27.89 24.50
CA GLU A 657 5.24 27.71 23.44
C GLU A 657 5.95 27.77 22.08
N PHE A 658 6.23 28.98 21.61
CA PHE A 658 6.82 29.17 20.27
C PHE A 658 8.16 29.91 20.25
N ASN A 659 8.63 30.43 21.37
CA ASN A 659 9.86 31.22 21.36
C ASN A 659 11.07 30.34 21.60
N THR A 660 11.31 29.50 20.59
CA THR A 660 12.32 28.46 20.57
C THR A 660 13.59 28.97 19.90
N PHE A 661 14.63 28.14 19.94
CA PHE A 661 15.94 28.46 19.39
C PHE A 661 15.82 29.05 17.98
N VAL A 662 15.04 28.41 17.11
CA VAL A 662 14.51 29.12 15.94
C VAL A 662 13.01 29.25 16.24
N PRO A 663 12.51 30.50 16.40
CA PRO A 663 11.14 30.66 16.88
C PRO A 663 10.03 30.51 15.82
N LEU A 664 8.80 30.33 16.32
CA LEU A 664 7.55 30.37 15.54
C LEU A 664 7.38 29.21 14.56
N GLY A 665 7.61 28.01 15.08
CA GLY A 665 7.41 26.78 14.34
C GLY A 665 5.96 26.38 14.15
N THR A 666 5.79 25.25 13.46
CA THR A 666 4.47 24.82 13.00
C THR A 666 3.64 24.07 14.04
N ALA A 667 4.19 23.88 15.24
CA ALA A 667 3.43 23.45 16.40
C ALA A 667 4.12 23.96 17.64
N ALA A 668 3.36 24.43 18.63
CA ALA A 668 3.97 24.85 19.89
C ALA A 668 4.60 23.64 20.58
N LEU A 669 5.62 23.90 21.40
CA LEU A 669 6.24 22.84 22.20
C LEU A 669 5.22 22.04 23.01
N THR A 670 4.11 22.67 23.38
CA THR A 670 3.05 22.06 24.16
C THR A 670 2.02 21.29 23.34
N ASN A 671 2.13 21.36 22.01
CA ASN A 671 1.20 20.65 21.17
C ASN A 671 1.36 19.14 21.39
N PRO A 672 0.26 18.40 21.64
CA PRO A 672 0.37 16.95 21.89
C PRO A 672 1.06 16.19 20.75
N ALA A 673 1.01 16.72 19.53
CA ALA A 673 1.59 16.06 18.35
C ALA A 673 2.92 16.67 17.91
N PHE A 674 3.52 17.51 18.76
CA PHE A 674 4.78 18.17 18.45
C PHE A 674 5.90 17.17 18.21
N GLY A 675 6.69 17.43 17.17
CA GLY A 675 7.98 16.77 17.01
C GLY A 675 8.91 17.71 16.28
N ALA A 676 10.12 17.90 16.82
CA ALA A 676 11.02 18.93 16.32
C ALA A 676 11.48 18.68 14.90
N ASP A 677 11.43 17.44 14.45
CA ASP A 677 11.82 17.14 13.07
C ASP A 677 10.63 16.94 12.12
N ILE A 678 9.40 17.15 12.60
CA ILE A 678 8.21 16.93 11.80
C ILE A 678 7.88 18.20 10.99
N TYR A 679 7.70 18.05 9.68
CA TYR A 679 7.50 19.19 8.75
C TYR A 679 6.44 20.17 9.22
N TRP A 680 5.23 19.70 9.52
CA TRP A 680 4.15 20.63 9.88
C TRP A 680 3.68 20.47 11.31
N ARG A 681 4.48 19.81 12.15
CA ARG A 681 4.15 19.68 13.57
C ARG A 681 5.34 20.03 14.45
N GLY A 682 6.11 21.03 14.04
CA GLY A 682 7.20 21.56 14.83
C GLY A 682 8.18 22.38 14.02
N ARG A 683 8.51 21.94 12.81
CA ARG A 683 9.53 22.62 12.03
C ARG A 683 9.12 24.05 11.67
N VAL A 684 10.13 24.91 11.53
CA VAL A 684 9.91 26.32 11.25
C VAL A 684 10.02 26.53 9.76
N TRP A 685 8.97 27.09 9.16
CA TRP A 685 8.99 27.53 7.78
C TRP A 685 9.08 29.05 7.73
N VAL A 686 9.74 29.58 6.71
CA VAL A 686 10.01 31.02 6.65
C VAL A 686 8.73 31.83 6.38
N ASP A 687 7.78 31.25 5.63
CA ASP A 687 6.52 31.96 5.38
C ASP A 687 5.77 32.16 6.68
N GLN A 688 5.58 31.09 7.44
CA GLN A 688 4.81 31.16 8.69
C GLN A 688 5.50 32.05 9.71
N PHE A 689 6.83 32.01 9.71
CA PHE A 689 7.64 32.87 10.58
C PHE A 689 7.44 34.35 10.23
N TRP A 690 7.55 34.68 8.95
CA TRP A 690 7.31 36.05 8.51
C TRP A 690 5.85 36.48 8.73
N PHE A 691 4.88 35.60 8.49
CA PHE A 691 3.49 35.92 8.82
C PHE A 691 3.37 36.30 10.28
N GLY A 692 4.05 35.56 11.14
CA GLY A 692 4.02 35.87 12.59
C GLY A 692 4.64 37.22 12.90
N LEU A 693 5.81 37.52 12.35
CA LEU A 693 6.45 38.83 12.61
C LEU A 693 5.58 39.96 12.08
N LYS A 694 5.00 39.79 10.90
CA LYS A 694 4.13 40.81 10.35
C LYS A 694 2.89 41.00 11.19
N GLY A 695 2.32 39.93 11.69
CA GLY A 695 1.15 40.03 12.59
C GLY A 695 1.50 40.79 13.86
N MET A 696 2.67 40.50 14.43
CA MET A 696 3.16 41.17 15.64
C MET A 696 3.28 42.67 15.37
N GLU A 697 3.93 43.01 14.26
CA GLU A 697 4.16 44.39 13.89
C GLU A 697 2.84 45.12 13.71
N ARG A 698 1.87 44.48 13.07
CA ARG A 698 0.59 45.12 12.78
C ARG A 698 -0.11 45.60 14.05
N TYR A 699 0.09 44.88 15.15
CA TYR A 699 -0.60 45.15 16.41
C TYR A 699 0.29 45.85 17.44
N GLY A 700 1.40 46.44 16.97
CA GLY A 700 2.22 47.32 17.77
C GLY A 700 3.45 46.70 18.40
N TYR A 701 3.84 45.52 17.91
CA TYR A 701 4.94 44.76 18.48
C TYR A 701 6.11 44.64 17.50
N ARG A 702 6.38 45.69 16.73
CA ARG A 702 7.55 45.68 15.85
C ARG A 702 8.86 45.42 16.60
N ASP A 703 9.05 46.03 17.77
CA ASP A 703 10.27 45.80 18.54
C ASP A 703 10.50 44.31 18.86
N ASP A 704 9.45 43.61 19.30
CA ASP A 704 9.58 42.19 19.59
C ASP A 704 9.80 41.39 18.30
N ALA A 705 9.18 41.83 17.20
CA ALA A 705 9.39 41.16 15.90
C ALA A 705 10.85 41.28 15.43
N LEU A 706 11.44 42.46 15.63
CA LEU A 706 12.85 42.67 15.30
C LEU A 706 13.75 41.75 16.11
N LYS A 707 13.44 41.56 17.39
CA LYS A 707 14.20 40.65 18.22
C LYS A 707 14.11 39.23 17.71
N LEU A 708 12.90 38.78 17.37
CA LEU A 708 12.77 37.43 16.84
C LEU A 708 13.51 37.24 15.51
N ALA A 709 13.48 38.27 14.68
CA ALA A 709 14.23 38.24 13.40
C ALA A 709 15.73 38.09 13.64
N ASP A 710 16.27 38.76 14.66
CA ASP A 710 17.68 38.65 15.01
C ASP A 710 18.00 37.24 15.52
N THR A 711 17.12 36.68 16.33
CA THR A 711 17.26 35.30 16.80
C THR A 711 17.29 34.34 15.62
N PHE A 712 16.37 34.53 14.68
CA PHE A 712 16.36 33.74 13.46
C PHE A 712 17.69 33.87 12.72
N PHE A 713 18.13 35.10 12.54
CA PHE A 713 19.34 35.33 11.78
C PHE A 713 20.56 34.66 12.42
N ARG A 714 20.58 34.61 13.75
CA ARG A 714 21.72 34.04 14.47
C ARG A 714 21.66 32.52 14.55
N HIS A 715 20.46 31.95 14.50
CA HIS A 715 20.25 30.55 14.81
C HIS A 715 19.82 29.63 13.68
N ALA A 716 19.18 30.16 12.64
CA ALA A 716 18.79 29.34 11.48
C ALA A 716 20.07 28.85 10.79
N LYS A 717 20.29 27.55 10.74
CA LYS A 717 21.57 27.04 10.25
C LYS A 717 21.77 27.32 8.76
N GLY A 718 23.00 27.69 8.41
CA GLY A 718 23.39 27.85 7.01
C GLY A 718 23.11 29.21 6.41
N LEU A 719 22.46 30.10 7.16
CA LEU A 719 21.97 31.34 6.57
C LEU A 719 23.09 32.17 5.92
N THR A 720 24.23 32.27 6.58
CA THR A 720 25.33 33.08 6.05
C THR A 720 26.39 32.25 5.32
N ALA A 721 26.13 30.96 5.13
CA ALA A 721 26.97 30.09 4.29
C ALA A 721 26.48 30.09 2.84
N ASP A 722 27.12 29.31 1.97
CA ASP A 722 26.85 29.31 0.55
C ASP A 722 26.03 28.12 0.05
N GLY A 723 25.27 27.51 0.95
CA GLY A 723 24.39 26.43 0.58
C GLY A 723 23.11 26.95 -0.05
N PRO A 724 22.40 26.07 -0.79
CA PRO A 724 21.13 26.49 -1.33
C PRO A 724 20.06 26.66 -0.26
N ILE A 725 19.06 27.45 -0.56
CA ILE A 725 17.97 27.73 0.37
C ILE A 725 17.04 26.51 0.43
N GLN A 726 16.67 26.08 1.63
CA GLN A 726 15.79 24.90 1.77
C GLN A 726 14.42 25.28 2.32
N GLU A 727 13.66 24.30 2.81
CA GLU A 727 12.26 24.51 3.18
C GLU A 727 12.01 24.88 4.64
N ASN A 728 12.72 24.27 5.59
CA ASN A 728 12.34 24.44 6.98
C ASN A 728 13.47 24.14 7.95
N TYR A 729 13.22 24.37 9.24
CA TYR A 729 14.23 24.29 10.28
C TYR A 729 13.71 23.56 11.51
N ASN A 730 14.56 22.74 12.12
CA ASN A 730 14.27 22.20 13.44
C ASN A 730 14.24 23.38 14.43
N PRO A 731 13.13 23.56 15.20
CA PRO A 731 13.04 24.72 16.12
C PRO A 731 14.01 24.67 17.31
N LEU A 732 14.51 23.48 17.62
CA LEU A 732 15.41 23.30 18.74
C LEU A 732 16.88 23.41 18.37
N THR A 733 17.23 23.03 17.14
CA THR A 733 18.64 22.92 16.71
C THR A 733 18.97 23.82 15.54
N GLY A 734 17.96 24.32 14.83
CA GLY A 734 18.16 25.12 13.63
C GLY A 734 18.49 24.32 12.36
N ALA A 735 18.58 23.01 12.46
CA ALA A 735 18.96 22.19 11.29
C ALA A 735 17.95 22.27 10.14
N GLN A 736 18.46 22.38 8.92
CA GLN A 736 17.62 22.50 7.72
C GLN A 736 17.17 21.20 7.09
N GLN A 737 15.99 21.24 6.46
CA GLN A 737 15.51 20.16 5.61
CA GLN A 737 15.53 20.16 5.59
C GLN A 737 14.77 20.75 4.43
N GLY A 738 14.59 19.93 3.41
CA GLY A 738 13.74 20.26 2.29
C GLY A 738 14.50 20.44 1.00
N ALA A 739 13.75 20.72 -0.06
CA ALA A 739 14.33 20.87 -1.35
C ALA A 739 15.28 22.05 -1.38
N PRO A 740 16.44 21.89 -2.03
CA PRO A 740 17.34 23.00 -2.22
C PRO A 740 16.82 23.96 -3.28
N ASN A 741 17.17 25.24 -3.13
CA ASN A 741 16.71 26.31 -4.03
C ASN A 741 15.21 26.49 -3.96
N PHE A 742 14.70 26.50 -2.72
CA PHE A 742 13.26 26.56 -2.51
C PHE A 742 12.69 27.97 -2.56
N SER A 743 11.80 28.20 -3.53
CA SER A 743 11.29 29.54 -3.80
C SER A 743 10.64 30.28 -2.66
N TRP A 744 9.65 29.72 -1.98
CA TRP A 744 8.96 30.60 -1.03
C TRP A 744 9.84 30.89 0.18
N SER A 745 10.78 30.01 0.50
CA SER A 745 11.77 30.38 1.51
C SER A 745 12.58 31.56 1.03
N ALA A 746 13.05 31.53 -0.22
CA ALA A 746 13.75 32.67 -0.77
C ALA A 746 12.87 33.94 -0.68
N ALA A 747 11.61 33.79 -1.07
CA ALA A 747 10.68 34.92 -1.06
C ALA A 747 10.59 35.53 0.32
N HIS A 748 10.41 34.70 1.35
CA HIS A 748 10.21 35.24 2.68
C HIS A 748 11.52 35.64 3.36
N LEU A 749 12.64 35.05 2.94
CA LEU A 749 13.97 35.55 3.38
C LEU A 749 14.21 36.94 2.83
N TYR A 750 13.84 37.15 1.56
CA TYR A 750 13.92 38.48 0.97
C TYR A 750 13.02 39.45 1.75
N MET A 751 11.79 39.06 2.06
CA MET A 751 10.87 39.93 2.83
CA MET A 751 10.91 39.98 2.80
C MET A 751 11.44 40.23 4.21
N LEU A 752 12.06 39.25 4.84
CA LEU A 752 12.70 39.46 6.13
C LEU A 752 13.83 40.49 5.99
N TYR A 753 14.61 40.41 4.92
CA TYR A 753 15.63 41.40 4.64
C TYR A 753 14.99 42.78 4.49
N ASN A 754 13.88 42.85 3.75
CA ASN A 754 13.19 44.10 3.53
C ASN A 754 12.63 44.72 4.83
N ASP A 755 12.06 43.86 5.68
CA ASP A 755 11.15 44.29 6.74
C ASP A 755 11.73 44.23 8.15
N PHE A 756 12.60 43.26 8.43
CA PHE A 756 13.02 42.99 9.82
C PHE A 756 14.50 42.82 10.09
N PHE A 757 15.30 42.37 9.13
CA PHE A 757 16.73 42.20 9.41
C PHE A 757 17.40 43.57 9.52
N ARG A 758 18.32 43.71 10.48
CA ARG A 758 19.08 44.93 10.61
C ARG A 758 20.35 44.71 11.40
N LYS A 759 21.26 45.68 11.27
CA LYS A 759 22.46 45.71 12.08
C LYS A 759 22.07 45.87 13.54
N GLN A 760 22.70 45.09 14.40
CA GLN A 760 22.47 45.13 15.84
C GLN A 760 23.33 46.22 16.48
N ASN B 1 -8.63 -49.04 20.13
N ASN B 1 -10.13 -48.85 22.41
CA ASN B 1 -9.18 -48.45 21.38
CA ASN B 1 -9.00 -48.49 21.49
C ASN B 1 -8.59 -47.08 21.68
C ASN B 1 -8.54 -47.04 21.69
N ALA B 2 -9.48 -46.14 21.96
CA ALA B 2 -9.12 -44.73 22.10
C ALA B 2 -8.11 -44.49 23.24
N ASP B 3 -8.17 -45.29 24.30
CA ASP B 3 -7.24 -45.14 25.42
C ASP B 3 -5.80 -45.50 25.07
N ASN B 4 -5.60 -46.17 23.93
CA ASN B 4 -4.24 -46.42 23.44
C ASN B 4 -3.53 -45.21 22.86
N TYR B 5 -4.25 -44.09 22.74
CA TYR B 5 -3.72 -42.90 22.06
C TYR B 5 -3.89 -41.66 22.89
N LYS B 6 -3.15 -41.60 24.00
CA LYS B 6 -3.20 -40.46 24.91
C LYS B 6 -2.31 -39.34 24.43
N ASN B 7 -2.82 -38.11 24.49
CA ASN B 7 -2.03 -36.92 24.21
C ASN B 7 -1.32 -36.96 22.86
N VAL B 8 -2.03 -37.39 21.83
CA VAL B 8 -1.45 -37.42 20.48
C VAL B 8 -1.04 -36.01 20.01
N ILE B 9 -1.90 -35.03 20.31
CA ILE B 9 -1.59 -33.63 20.16
C ILE B 9 -1.61 -33.02 21.57
N ASN B 10 -0.68 -32.13 21.83
CA ASN B 10 -0.66 -31.35 23.07
C ASN B 10 -1.85 -30.40 23.08
N ARG B 11 -2.82 -30.69 23.94
CA ARG B 11 -4.03 -29.84 24.05
C ARG B 11 -4.07 -29.07 25.35
N THR B 12 -2.91 -28.91 25.98
CA THR B 12 -2.83 -28.12 27.19
C THR B 12 -2.69 -26.64 26.86
N GLY B 13 -3.09 -25.78 27.79
CA GLY B 13 -2.88 -24.36 27.59
C GLY B 13 -3.71 -23.56 28.53
N ALA B 14 -3.27 -22.33 28.77
CA ALA B 14 -3.99 -21.36 29.60
C ALA B 14 -3.93 -20.02 28.87
N PRO B 15 -4.79 -19.83 27.86
CA PRO B 15 -4.68 -18.59 27.10
C PRO B 15 -4.94 -17.35 27.94
N GLN B 16 -4.25 -16.27 27.61
CA GLN B 16 -4.37 -15.01 28.34
C GLN B 16 -4.86 -13.86 27.46
N TYR B 17 -5.08 -14.14 26.17
CA TYR B 17 -5.46 -13.16 25.18
C TYR B 17 -6.56 -13.76 24.32
N MET B 18 -7.50 -12.93 23.86
CA MET B 18 -8.51 -13.39 22.90
C MET B 18 -7.81 -13.97 21.67
N LYS B 19 -6.82 -13.22 21.19
CA LYS B 19 -5.94 -13.60 20.09
C LYS B 19 -4.59 -14.00 20.69
N ASP B 20 -4.49 -15.26 21.09
CA ASP B 20 -3.27 -15.77 21.74
C ASP B 20 -2.50 -16.49 20.64
N TYR B 21 -1.86 -15.69 19.79
CA TYR B 21 -1.37 -16.13 18.50
C TYR B 21 0.06 -16.66 18.51
N ASP B 22 0.34 -17.51 17.53
CA ASP B 22 1.71 -17.88 17.19
C ASP B 22 2.31 -16.81 16.27
N TYR B 23 3.52 -17.02 15.76
CA TYR B 23 4.16 -15.95 14.99
C TYR B 23 3.46 -15.65 13.66
N ASP B 24 2.57 -16.53 13.22
CA ASP B 24 1.85 -16.36 11.97
C ASP B 24 0.35 -16.16 12.18
N ASP B 25 0.01 -15.67 13.37
CA ASP B 25 -1.35 -15.23 13.73
C ASP B 25 -2.36 -16.35 13.92
N HIS B 26 -1.90 -17.57 14.09
CA HIS B 26 -2.82 -18.68 14.40
C HIS B 26 -2.91 -18.87 15.92
N GLN B 27 -4.03 -19.37 16.42
CA GLN B 27 -4.12 -19.61 17.86
C GLN B 27 -3.09 -20.68 18.24
N ARG B 28 -2.31 -20.41 19.29
CA ARG B 28 -1.13 -21.24 19.59
C ARG B 28 -1.40 -22.40 20.52
N PHE B 29 -2.68 -22.69 20.80
CA PHE B 29 -3.08 -23.86 21.55
C PHE B 29 -4.03 -24.65 20.67
N ASN B 30 -4.28 -25.90 21.06
CA ASN B 30 -5.00 -26.86 20.22
C ASN B 30 -6.24 -27.40 20.91
N PRO B 31 -7.32 -26.60 20.92
CA PRO B 31 -8.51 -27.04 21.62
C PRO B 31 -9.20 -28.23 20.98
N PHE B 32 -9.90 -29.00 21.81
CA PHE B 32 -10.69 -30.14 21.41
C PHE B 32 -12.08 -29.66 20.99
N PHE B 33 -12.43 -29.92 19.71
CA PHE B 33 -13.75 -29.70 19.15
C PHE B 33 -14.26 -31.04 18.63
N ASP B 34 -15.57 -31.26 18.67
CA ASP B 34 -16.13 -32.49 18.10
C ASP B 34 -17.59 -32.27 17.71
N LEU B 35 -18.13 -33.20 16.93
CA LEU B 35 -19.53 -33.16 16.47
C LEU B 35 -19.88 -31.93 15.62
N GLY B 36 -18.86 -31.27 15.09
CA GLY B 36 -19.07 -30.05 14.33
C GLY B 36 -19.42 -28.85 15.18
N ALA B 37 -19.13 -28.93 16.48
CA ALA B 37 -19.52 -27.85 17.39
C ALA B 37 -18.68 -26.59 17.15
N TRP B 38 -19.17 -25.51 17.73
CA TRP B 38 -18.63 -24.20 17.53
C TRP B 38 -17.99 -23.63 18.79
N HIS B 39 -17.55 -24.52 19.66
CA HIS B 39 -16.66 -24.17 20.76
C HIS B 39 -15.77 -25.36 21.07
N GLY B 40 -14.65 -25.08 21.72
CA GLY B 40 -13.67 -26.09 22.03
C GLY B 40 -13.00 -25.82 23.37
N HIS B 41 -12.28 -26.83 23.84
CA HIS B 41 -11.74 -26.83 25.20
C HIS B 41 -10.28 -27.29 25.25
N LEU B 42 -9.53 -26.78 26.21
CA LEU B 42 -8.16 -27.21 26.45
C LEU B 42 -8.04 -28.02 27.74
N LEU B 43 -6.91 -28.73 27.89
CA LEU B 43 -6.57 -29.44 29.12
C LEU B 43 -5.83 -28.52 30.08
N PRO B 44 -6.00 -28.75 31.39
CA PRO B 44 -5.26 -27.98 32.38
C PRO B 44 -3.77 -28.26 32.26
N ASP B 45 -2.95 -27.23 32.42
CA ASP B 45 -1.48 -27.30 32.29
C ASP B 45 -0.74 -27.26 33.65
N GLY B 46 -1.49 -27.31 34.75
CA GLY B 46 -0.89 -27.32 36.09
C GLY B 46 -1.88 -27.03 37.21
N PRO B 47 -1.36 -26.70 38.42
CA PRO B 47 -2.21 -26.43 39.59
C PRO B 47 -3.10 -25.19 39.47
N ASN B 48 -2.75 -24.23 38.61
CA ASN B 48 -3.55 -23.02 38.43
C ASN B 48 -4.76 -23.18 37.51
N THR B 49 -4.72 -24.18 36.63
CA THR B 49 -5.88 -24.53 35.80
C THR B 49 -6.52 -25.85 36.21
N MET B 50 -5.82 -26.60 37.06
CA MET B 50 -6.32 -27.84 37.62
C MET B 50 -7.78 -27.70 38.13
N GLY B 51 -8.62 -28.67 37.77
CA GLY B 51 -10.03 -28.69 38.18
C GLY B 51 -11.01 -28.18 37.13
N GLY B 52 -10.46 -27.64 36.05
CA GLY B 52 -11.29 -27.18 34.92
C GLY B 52 -10.59 -27.44 33.61
N PHE B 53 -11.33 -27.21 32.53
CA PHE B 53 -10.76 -27.32 31.21
C PHE B 53 -10.66 -25.91 30.68
N PRO B 54 -9.45 -25.33 30.73
CA PRO B 54 -9.32 -23.91 30.49
C PRO B 54 -9.39 -23.59 29.01
N GLY B 55 -9.43 -22.31 28.68
CA GLY B 55 -9.33 -21.89 27.28
C GLY B 55 -10.55 -22.22 26.44
N VAL B 56 -11.70 -21.78 26.91
CA VAL B 56 -12.92 -21.84 26.10
C VAL B 56 -12.65 -21.09 24.79
N ALA B 57 -12.69 -21.83 23.69
CA ALA B 57 -12.46 -21.27 22.36
C ALA B 57 -13.80 -21.15 21.68
N LEU B 58 -14.17 -19.94 21.29
CA LEU B 58 -15.43 -19.70 20.59
C LEU B 58 -15.16 -19.49 19.10
N LEU B 59 -15.91 -20.18 18.26
CA LEU B 59 -15.86 -19.94 16.84
C LEU B 59 -16.95 -18.90 16.51
N THR B 60 -16.51 -17.67 16.36
CA THR B 60 -17.42 -16.52 16.18
C THR B 60 -17.62 -16.33 14.68
N GLU B 61 -18.49 -17.18 14.13
CA GLU B 61 -18.89 -17.27 12.69
C GLU B 61 -17.77 -17.66 11.71
N GLU B 62 -16.69 -16.89 11.70
CA GLU B 62 -15.59 -17.09 10.74
C GLU B 62 -14.19 -17.08 11.36
N TYR B 63 -14.11 -16.91 12.69
CA TYR B 63 -12.83 -16.82 13.42
C TYR B 63 -12.88 -17.58 14.73
N ILE B 64 -11.70 -17.96 15.20
CA ILE B 64 -11.55 -18.54 16.53
C ILE B 64 -11.04 -17.47 17.51
N ASN B 65 -11.77 -17.31 18.61
CA ASN B 65 -11.43 -16.35 19.64
C ASN B 65 -11.56 -16.96 21.01
N PHE B 66 -10.55 -16.78 21.87
CA PHE B 66 -10.65 -17.30 23.23
C PHE B 66 -11.53 -16.40 24.10
N MET B 67 -12.33 -17.04 24.94
CA MET B 67 -13.28 -16.36 25.83
C MET B 67 -12.73 -16.19 27.25
N ALA B 68 -12.06 -17.22 27.74
CA ALA B 68 -11.65 -17.28 29.14
C ALA B 68 -10.50 -18.24 29.29
N SER B 69 -9.66 -18.03 30.31
CA SER B 69 -8.70 -19.05 30.69
C SER B 69 -9.45 -20.00 31.61
N ASN B 70 -9.46 -19.74 32.93
CA ASN B 70 -10.30 -20.55 33.80
C ASN B 70 -11.77 -20.15 33.60
N PHE B 71 -12.62 -21.16 33.43
CA PHE B 71 -14.06 -20.95 33.37
C PHE B 71 -14.76 -22.23 33.83
N ASP B 72 -15.43 -22.12 34.96
CA ASP B 72 -16.10 -23.24 35.61
C ASP B 72 -15.08 -24.22 36.18
N ARG B 73 -14.01 -23.68 36.74
CA ARG B 73 -12.96 -24.49 37.36
C ARG B 73 -13.38 -24.86 38.78
N LEU B 74 -13.30 -26.16 39.09
CA LEU B 74 -13.68 -26.70 40.39
C LEU B 74 -12.54 -26.66 41.39
N THR B 75 -12.85 -26.16 42.58
CA THR B 75 -12.02 -26.40 43.77
C THR B 75 -12.92 -26.98 44.86
N VAL B 76 -12.34 -27.84 45.68
CA VAL B 76 -13.09 -28.59 46.68
C VAL B 76 -12.55 -28.19 48.05
N TRP B 77 -13.47 -27.92 48.96
CA TRP B 77 -13.16 -27.52 50.34
C TRP B 77 -13.77 -28.51 51.33
N GLN B 78 -13.02 -28.79 52.38
CA GLN B 78 -13.44 -29.72 53.43
C GLN B 78 -13.37 -28.97 54.76
N ASP B 79 -14.52 -28.71 55.37
CA ASP B 79 -14.60 -27.95 56.63
C ASP B 79 -13.70 -26.71 56.63
N GLY B 80 -13.90 -25.83 55.65
CA GLY B 80 -13.19 -24.55 55.57
C GLY B 80 -11.79 -24.59 54.97
N LYS B 81 -11.33 -25.80 54.63
CA LYS B 81 -9.95 -26.05 54.22
C LYS B 81 -9.93 -26.55 52.78
N LYS B 82 -9.14 -25.91 51.92
CA LYS B 82 -9.04 -26.33 50.51
C LYS B 82 -8.30 -27.67 50.41
N VAL B 83 -8.89 -28.59 49.66
CA VAL B 83 -8.28 -29.90 49.42
C VAL B 83 -7.13 -29.74 48.41
N ASP B 84 -5.97 -30.31 48.74
CA ASP B 84 -4.80 -30.24 47.86
C ASP B 84 -4.74 -31.46 46.98
N PHE B 85 -4.83 -31.24 45.66
CA PHE B 85 -4.89 -32.32 44.68
C PHE B 85 -3.64 -32.35 43.85
N THR B 86 -3.26 -33.55 43.40
CA THR B 86 -2.32 -33.71 42.30
C THR B 86 -3.12 -34.03 41.03
N LEU B 87 -2.53 -33.68 39.89
CA LEU B 87 -3.25 -33.68 38.61
C LEU B 87 -2.72 -34.75 37.66
N GLU B 88 -3.64 -35.53 37.07
CA GLU B 88 -3.35 -36.25 35.84
C GLU B 88 -4.35 -35.78 34.79
N ALA B 89 -3.86 -35.37 33.63
CA ALA B 89 -4.76 -34.90 32.57
C ALA B 89 -4.28 -35.35 31.20
N TYR B 90 -5.19 -35.84 30.37
CA TYR B 90 -4.83 -36.26 29.04
C TYR B 90 -5.99 -36.15 28.06
N SER B 91 -5.64 -36.03 26.78
CA SER B 91 -6.60 -36.20 25.71
C SER B 91 -6.58 -37.63 25.22
N ILE B 92 -7.71 -38.09 24.71
CA ILE B 92 -7.80 -39.27 23.87
C ILE B 92 -8.59 -38.84 22.63
N PRO B 93 -8.57 -39.64 21.57
CA PRO B 93 -9.43 -39.33 20.46
C PRO B 93 -10.88 -39.28 20.93
N GLY B 94 -11.50 -38.09 20.83
CA GLY B 94 -12.90 -37.90 21.24
C GLY B 94 -13.18 -37.47 22.68
N ALA B 95 -12.17 -37.26 23.50
CA ALA B 95 -12.42 -36.86 24.89
C ALA B 95 -11.26 -36.17 25.56
N LEU B 96 -11.58 -35.30 26.53
CA LEU B 96 -10.56 -34.83 27.46
C LEU B 96 -10.86 -35.42 28.85
N VAL B 97 -9.79 -35.77 29.56
CA VAL B 97 -9.93 -36.39 30.88
C VAL B 97 -9.01 -35.72 31.87
N GLN B 98 -9.50 -35.52 33.09
CA GLN B 98 -8.60 -35.19 34.18
C GLN B 98 -9.01 -35.86 35.48
N LYS B 99 -8.00 -36.22 36.26
CA LYS B 99 -8.18 -36.91 37.50
C LYS B 99 -7.44 -36.11 38.57
N LEU B 100 -8.15 -35.79 39.64
CA LEU B 100 -7.57 -35.08 40.77
C LEU B 100 -7.46 -36.05 41.95
N THR B 101 -6.26 -36.18 42.49
CA THR B 101 -6.01 -37.17 43.54
C THR B 101 -5.58 -36.48 44.85
N ALA B 102 -6.33 -36.78 45.89
CA ALA B 102 -5.92 -36.46 47.27
C ALA B 102 -6.20 -37.69 48.12
N LYS B 103 -5.82 -37.63 49.40
CA LYS B 103 -5.92 -38.79 50.30
C LYS B 103 -7.34 -39.36 50.41
N ASP B 104 -8.29 -38.53 50.85
CA ASP B 104 -9.67 -38.98 51.09
C ASP B 104 -10.66 -38.53 50.00
N VAL B 105 -10.21 -37.71 49.06
CA VAL B 105 -11.08 -37.18 48.02
C VAL B 105 -10.44 -37.39 46.66
N GLN B 106 -11.24 -37.87 45.71
CA GLN B 106 -10.82 -37.97 44.33
C GLN B 106 -11.89 -37.43 43.39
N VAL B 107 -11.44 -36.85 42.28
CA VAL B 107 -12.35 -36.35 41.26
C VAL B 107 -11.91 -36.85 39.90
N GLU B 108 -12.86 -37.39 39.14
CA GLU B 108 -12.63 -37.86 37.78
C GLU B 108 -13.55 -37.08 36.86
N MET B 109 -12.95 -36.35 35.93
CA MET B 109 -13.69 -35.52 34.99
C MET B 109 -13.49 -36.02 33.57
N THR B 110 -14.60 -36.25 32.87
CA THR B 110 -14.59 -36.66 31.48
C THR B 110 -15.43 -35.66 30.66
N LEU B 111 -14.84 -35.13 29.60
CA LEU B 111 -15.51 -34.15 28.74
C LEU B 111 -15.61 -34.70 27.33
N ARG B 112 -16.84 -34.85 26.82
CA ARG B 112 -17.10 -35.29 25.46
C ARG B 112 -18.15 -34.35 24.86
N PHE B 113 -18.28 -34.36 23.54
CA PHE B 113 -19.33 -33.57 22.92
C PHE B 113 -20.62 -34.36 22.79
N ALA B 114 -21.74 -33.65 22.94
CA ALA B 114 -23.08 -34.24 22.98
C ALA B 114 -23.93 -33.86 21.77
N THR B 115 -23.81 -32.61 21.33
CA THR B 115 -24.54 -32.12 20.15
C THR B 115 -23.62 -31.20 19.35
N PRO B 116 -24.09 -30.74 18.19
CA PRO B 116 -23.30 -29.78 17.42
C PRO B 116 -23.16 -28.37 18.04
N ARG B 117 -23.71 -28.17 19.23
CA ARG B 117 -23.52 -26.91 19.96
C ARG B 117 -23.16 -27.10 21.42
N THR B 118 -23.02 -28.33 21.89
CA THR B 118 -22.96 -28.60 23.32
C THR B 118 -21.97 -29.70 23.67
N SER B 119 -21.10 -29.41 24.62
CA SER B 119 -20.28 -30.42 25.25
C SER B 119 -20.82 -30.79 26.65
N LEU B 120 -20.42 -31.97 27.09
CA LEU B 120 -20.88 -32.56 28.34
C LEU B 120 -19.71 -32.97 29.21
N LEU B 121 -19.75 -32.50 30.46
CA LEU B 121 -18.73 -32.83 31.47
C LEU B 121 -19.35 -33.69 32.56
N GLU B 122 -18.79 -34.87 32.78
CA GLU B 122 -19.11 -35.69 33.95
C GLU B 122 -18.07 -35.41 35.02
N THR B 123 -18.53 -34.99 36.20
CA THR B 123 -17.66 -34.74 37.35
C THR B 123 -17.99 -35.76 38.46
N LYS B 124 -17.17 -36.81 38.57
CA LYS B 124 -17.40 -37.87 39.53
C LYS B 124 -16.51 -37.63 40.75
N ILE B 125 -17.16 -37.35 41.88
CA ILE B 125 -16.45 -37.01 43.11
C ILE B 125 -16.58 -38.18 44.09
N THR B 126 -15.44 -38.69 44.54
CA THR B 126 -15.39 -39.73 45.56
C THR B 126 -14.93 -39.10 46.85
N SER B 127 -15.73 -39.26 47.91
CA SER B 127 -15.41 -38.72 49.22
C SER B 127 -16.16 -39.44 50.34
N ASN B 128 -15.46 -39.74 51.41
CA ASN B 128 -16.09 -40.34 52.60
C ASN B 128 -16.69 -39.29 53.54
N LYS B 129 -16.43 -38.00 53.26
CA LYS B 129 -16.99 -36.91 54.04
C LYS B 129 -17.66 -35.85 53.16
N PRO B 130 -18.62 -35.09 53.73
CA PRO B 130 -19.25 -33.98 53.00
C PRO B 130 -18.28 -32.91 52.53
N LEU B 131 -18.66 -32.20 51.47
CA LEU B 131 -17.74 -31.28 50.81
C LEU B 131 -18.45 -30.03 50.35
N ASP B 132 -17.68 -28.95 50.28
CA ASP B 132 -18.16 -27.71 49.70
C ASP B 132 -17.45 -27.52 48.37
N LEU B 133 -18.26 -27.35 47.33
CA LEU B 133 -17.77 -27.25 45.96
C LEU B 133 -17.82 -25.81 45.54
N VAL B 134 -16.74 -25.37 44.90
CA VAL B 134 -16.65 -24.01 44.38
C VAL B 134 -16.22 -24.09 42.94
N TRP B 135 -16.97 -23.43 42.06
CA TRP B 135 -16.56 -23.26 40.67
C TRP B 135 -16.34 -21.78 40.43
N ASP B 136 -15.29 -21.44 39.70
CA ASP B 136 -15.01 -20.06 39.39
C ASP B 136 -14.62 -19.87 37.93
N GLY B 137 -14.63 -18.63 37.50
CA GLY B 137 -14.21 -18.31 36.16
C GLY B 137 -14.07 -16.82 35.97
N GLU B 138 -13.37 -16.46 34.91
CA GLU B 138 -13.14 -15.07 34.58
C GLU B 138 -13.02 -14.94 33.07
N LEU B 139 -13.69 -13.95 32.50
CA LEU B 139 -13.53 -13.64 31.08
C LEU B 139 -12.18 -12.98 30.85
N LEU B 140 -11.58 -13.23 29.69
CA LEU B 140 -10.34 -12.57 29.34
C LEU B 140 -10.53 -11.06 29.24
N GLU B 141 -9.42 -10.35 29.44
CA GLU B 141 -9.36 -8.90 29.33
C GLU B 141 -8.46 -8.45 28.17
N LYS B 142 -7.32 -9.13 27.97
CA LYS B 142 -6.32 -8.68 27.01
C LYS B 142 -6.58 -9.17 25.59
N LEU B 143 -6.32 -8.32 24.62
CA LEU B 143 -6.69 -8.57 23.23
C LEU B 143 -5.77 -9.54 22.50
N GLU B 144 -4.47 -9.25 22.46
CA GLU B 144 -3.59 -9.87 21.47
C GLU B 144 -2.14 -10.01 21.91
N ALA B 145 -1.58 -11.18 21.61
CA ALA B 145 -0.18 -11.49 21.84
C ALA B 145 0.35 -12.36 20.73
N LYS B 146 1.67 -12.40 20.63
CA LYS B 146 2.37 -13.23 19.66
C LYS B 146 3.42 -14.03 20.43
N GLU B 147 3.29 -15.35 20.42
CA GLU B 147 4.02 -16.27 21.29
C GLU B 147 4.18 -15.75 22.72
N GLY B 148 3.09 -15.25 23.27
CA GLY B 148 3.07 -14.86 24.68
C GLY B 148 3.52 -13.44 24.96
N LYS B 149 4.00 -12.72 23.95
CA LYS B 149 4.41 -11.31 24.10
C LYS B 149 3.27 -10.42 23.62
N PRO B 150 2.72 -9.57 24.52
CA PRO B 150 1.60 -8.76 24.06
C PRO B 150 1.96 -7.90 22.86
N LEU B 151 1.08 -7.84 21.87
CA LEU B 151 1.28 -7.04 20.67
C LEU B 151 0.94 -5.59 20.92
N SER B 152 0.14 -5.36 21.96
CA SER B 152 -0.31 -4.02 22.36
C SER B 152 -0.90 -4.12 23.77
N ASP B 153 -1.24 -2.97 24.33
CA ASP B 153 -1.93 -2.91 25.62
C ASP B 153 -3.46 -2.92 25.44
N LYS B 154 -3.92 -3.13 24.20
CA LYS B 154 -5.36 -3.08 23.92
C LYS B 154 -6.12 -4.14 24.68
N THR B 155 -7.34 -3.79 25.08
CA THR B 155 -8.22 -4.75 25.73
C THR B 155 -9.35 -5.13 24.78
N ILE B 156 -9.98 -6.25 25.10
CA ILE B 156 -11.10 -6.74 24.30
C ILE B 156 -12.25 -5.72 24.30
N ALA B 157 -12.60 -5.22 25.48
CA ALA B 157 -13.68 -4.26 25.62
C ALA B 157 -13.33 -2.95 24.94
N GLY B 158 -12.07 -2.54 25.04
CA GLY B 158 -11.59 -1.33 24.36
C GLY B 158 -11.65 -1.43 22.85
N GLU B 159 -11.21 -2.57 22.32
CA GLU B 159 -11.24 -2.80 20.89
C GLU B 159 -12.65 -2.98 20.28
N TYR B 160 -13.55 -3.61 21.04
CA TYR B 160 -14.91 -3.90 20.60
C TYR B 160 -15.92 -3.36 21.61
N PRO B 161 -16.18 -2.02 21.56
CA PRO B 161 -17.05 -1.44 22.58
C PRO B 161 -18.47 -1.99 22.65
N ASP B 162 -18.98 -2.56 21.56
CA ASP B 162 -20.32 -3.12 21.55
C ASP B 162 -20.35 -4.61 21.94
N TYR B 163 -19.19 -5.20 22.19
CA TYR B 163 -19.15 -6.62 22.57
C TYR B 163 -19.89 -6.80 23.91
N GLN B 164 -19.65 -5.88 24.83
N GLN B 164 -19.60 -5.90 24.84
CA GLN B 164 -20.40 -5.81 26.09
CA GLN B 164 -20.33 -5.81 26.10
C GLN B 164 -20.68 -7.18 26.71
C GLN B 164 -20.67 -7.17 26.70
N ARG B 165 -19.63 -7.96 26.95
CA ARG B 165 -19.79 -9.27 27.55
C ARG B 165 -20.41 -9.15 28.93
N LYS B 166 -21.38 -10.01 29.20
CA LYS B 166 -22.08 -9.99 30.47
C LYS B 166 -22.31 -11.41 30.95
N ILE B 167 -21.89 -11.70 32.18
CA ILE B 167 -22.22 -12.95 32.83
C ILE B 167 -23.45 -12.75 33.70
N SER B 168 -24.43 -13.65 33.56
CA SER B 168 -25.64 -13.65 34.40
C SER B 168 -25.83 -15.01 35.04
N ALA B 169 -26.32 -15.00 36.27
CA ALA B 169 -26.65 -16.22 36.96
C ALA B 169 -27.95 -16.76 36.43
N THR B 170 -28.08 -18.09 36.38
CA THR B 170 -29.35 -18.74 36.04
C THR B 170 -29.69 -19.75 37.12
N ARG B 171 -30.91 -20.27 37.05
CA ARG B 171 -31.42 -21.22 38.04
C ARG B 171 -30.71 -22.57 38.01
N ASP B 172 -29.93 -22.86 36.97
CA ASP B 172 -29.13 -24.11 36.93
C ASP B 172 -27.69 -23.90 36.46
N GLY B 173 -27.16 -22.69 36.62
CA GLY B 173 -25.79 -22.38 36.23
C GLY B 173 -25.57 -20.92 35.92
N LEU B 174 -25.13 -20.60 34.70
CA LEU B 174 -24.86 -19.23 34.30
C LEU B 174 -24.83 -19.13 32.77
N LYS B 175 -24.82 -17.92 32.28
CA LYS B 175 -24.67 -17.68 30.84
C LYS B 175 -23.85 -16.42 30.63
N VAL B 176 -23.13 -16.39 29.52
CA VAL B 176 -22.46 -15.19 29.05
C VAL B 176 -23.19 -14.76 27.78
N THR B 177 -23.59 -13.48 27.75
CA THR B 177 -24.18 -12.91 26.55
C THR B 177 -23.22 -11.95 25.90
N PHE B 178 -23.41 -11.76 24.60
CA PHE B 178 -22.50 -10.98 23.78
C PHE B 178 -23.28 -10.04 22.89
N GLY B 179 -22.82 -8.80 22.83
CA GLY B 179 -23.37 -7.84 21.89
C GLY B 179 -22.97 -8.11 20.45
N LYS B 180 -23.63 -7.41 19.54
CA LYS B 180 -23.44 -7.56 18.09
C LYS B 180 -22.18 -6.84 17.64
N VAL B 181 -21.25 -7.60 17.09
CA VAL B 181 -19.97 -7.08 16.60
C VAL B 181 -19.79 -7.61 15.17
N ARG B 182 -19.65 -6.70 14.21
CA ARG B 182 -19.47 -7.04 12.81
C ARG B 182 -18.07 -6.65 12.33
N ALA B 183 -17.07 -7.13 13.08
CA ALA B 183 -15.66 -6.87 12.76
C ALA B 183 -15.21 -7.93 11.76
N THR B 184 -15.35 -7.55 10.50
CA THR B 184 -15.26 -8.40 9.34
C THR B 184 -14.07 -9.37 9.35
N TRP B 185 -12.93 -8.90 9.86
CA TRP B 185 -11.67 -9.63 9.81
C TRP B 185 -11.26 -10.23 11.14
N ASP B 186 -12.09 -10.12 12.18
CA ASP B 186 -11.68 -10.44 13.56
C ASP B 186 -12.70 -11.14 14.45
N LEU B 187 -13.94 -10.64 14.44
CA LEU B 187 -14.93 -11.05 15.43
C LEU B 187 -16.33 -10.75 14.90
N LEU B 188 -17.15 -11.79 14.77
CA LEU B 188 -18.45 -11.69 14.13
C LEU B 188 -19.48 -12.37 15.02
N THR B 189 -20.41 -11.57 15.53
CA THR B 189 -21.47 -12.05 16.39
C THR B 189 -22.80 -11.43 15.94
N SER B 190 -23.89 -12.11 16.29
CA SER B 190 -25.22 -11.74 15.86
C SER B 190 -25.88 -10.73 16.80
N GLY B 191 -25.36 -10.64 18.03
CA GLY B 191 -26.03 -9.92 19.12
C GLY B 191 -26.95 -10.80 19.94
N GLU B 192 -27.12 -12.06 19.50
CA GLU B 192 -27.98 -13.03 20.18
C GLU B 192 -27.19 -14.25 20.65
N SER B 193 -25.88 -14.24 20.43
CA SER B 193 -25.05 -15.39 20.82
C SER B 193 -24.83 -15.46 22.33
N GLU B 194 -24.65 -16.67 22.83
CA GLU B 194 -24.51 -16.94 24.26
C GLU B 194 -23.59 -18.14 24.47
N TYR B 195 -22.93 -18.14 25.62
CA TYR B 195 -22.23 -19.32 26.12
C TYR B 195 -22.94 -19.75 27.39
N GLN B 196 -23.54 -20.94 27.40
CA GLN B 196 -24.37 -21.35 28.53
C GLN B 196 -23.74 -22.51 29.30
N VAL B 197 -23.87 -22.44 30.62
CA VAL B 197 -23.46 -23.51 31.51
C VAL B 197 -24.70 -23.99 32.28
N HIS B 198 -25.07 -25.27 32.10
CA HIS B 198 -26.20 -25.87 32.81
C HIS B 198 -25.71 -27.07 33.59
N LYS B 199 -26.18 -27.22 34.83
CA LYS B 199 -25.75 -28.32 35.70
C LYS B 199 -26.91 -29.12 36.27
N SER B 200 -26.59 -30.36 36.65
CA SER B 200 -27.57 -31.30 37.18
C SER B 200 -27.89 -31.04 38.64
N LEU B 201 -27.08 -30.23 39.31
CA LEU B 201 -27.36 -29.85 40.70
C LEU B 201 -27.48 -28.35 40.81
N PRO B 202 -28.37 -27.87 41.71
CA PRO B 202 -28.47 -26.43 41.92
C PRO B 202 -27.17 -25.86 42.49
N VAL B 203 -26.80 -24.67 42.03
CA VAL B 203 -25.62 -23.97 42.56
C VAL B 203 -25.97 -22.51 42.85
N GLN B 204 -25.24 -21.93 43.79
CA GLN B 204 -25.41 -20.53 44.16
C GLN B 204 -24.32 -19.71 43.45
N THR B 205 -24.73 -18.96 42.43
CA THR B 205 -23.80 -18.22 41.59
C THR B 205 -23.81 -16.72 41.92
N GLU B 206 -22.62 -16.18 42.16
CA GLU B 206 -22.39 -14.78 42.45
C GLU B 206 -21.51 -14.20 41.35
N ILE B 207 -21.94 -13.10 40.73
CA ILE B 207 -21.18 -12.42 39.67
C ILE B 207 -20.53 -11.15 40.21
N ASN B 208 -19.25 -10.97 39.90
CA ASN B 208 -18.52 -9.75 40.22
C ASN B 208 -17.78 -9.26 38.97
N GLY B 209 -18.41 -8.39 38.20
CA GLY B 209 -17.84 -7.93 36.94
C GLY B 209 -17.71 -9.07 35.93
N ASN B 210 -16.54 -9.27 35.37
N ASN B 210 -16.49 -9.26 35.43
CA ASN B 210 -16.38 -10.40 34.46
CA ASN B 210 -16.14 -10.32 34.49
C ASN B 210 -15.81 -11.65 35.15
C ASN B 210 -15.80 -11.66 35.16
N ARG B 211 -16.03 -11.77 36.47
CA ARG B 211 -15.74 -13.03 37.18
C ARG B 211 -17.01 -13.59 37.82
N PHE B 212 -17.01 -14.90 38.08
CA PHE B 212 -18.07 -15.56 38.82
C PHE B 212 -17.53 -16.58 39.82
N THR B 213 -18.32 -16.84 40.85
CA THR B 213 -18.14 -17.98 41.75
C THR B 213 -19.49 -18.67 41.94
N SER B 214 -19.52 -19.99 41.79
CA SER B 214 -20.72 -20.80 42.03
C SER B 214 -20.40 -21.79 43.14
N LYS B 215 -21.35 -22.00 44.05
CA LYS B 215 -21.14 -22.87 45.18
C LYS B 215 -22.24 -23.91 45.35
N ALA B 216 -21.84 -25.09 45.82
CA ALA B 216 -22.77 -26.13 46.23
C ALA B 216 -22.15 -26.96 47.34
N HIS B 217 -23.01 -27.56 48.16
CA HIS B 217 -22.60 -28.48 49.21
C HIS B 217 -23.06 -29.89 48.83
N ILE B 218 -22.18 -30.88 49.03
CA ILE B 218 -22.51 -32.29 48.80
C ILE B 218 -22.25 -33.13 50.06
N ASN B 219 -23.06 -34.15 50.27
CA ASN B 219 -23.01 -34.98 51.49
C ASN B 219 -21.91 -36.04 51.44
N GLY B 220 -21.31 -36.22 50.26
CA GLY B 220 -20.26 -37.19 50.08
C GLY B 220 -20.12 -37.50 48.59
N SER B 221 -19.69 -38.71 48.28
CA SER B 221 -19.53 -39.14 46.90
C SER B 221 -20.78 -38.85 46.06
N THR B 222 -20.58 -38.28 44.88
CA THR B 222 -21.69 -37.98 43.97
C THR B 222 -21.14 -37.63 42.60
N THR B 223 -22.01 -37.72 41.60
CA THR B 223 -21.62 -37.42 40.23
C THR B 223 -22.53 -36.31 39.70
N LEU B 224 -21.91 -35.29 39.13
CA LEU B 224 -22.64 -34.16 38.57
C LEU B 224 -22.39 -34.15 37.08
N TYR B 225 -23.32 -33.57 36.35
CA TYR B 225 -23.20 -33.38 34.91
C TYR B 225 -23.39 -31.91 34.57
N THR B 226 -22.57 -31.42 33.64
CA THR B 226 -22.55 -30.03 33.25
C THR B 226 -22.54 -29.97 31.73
N THR B 227 -23.37 -29.11 31.16
CA THR B 227 -23.30 -28.82 29.73
C THR B 227 -22.73 -27.43 29.49
N TYR B 228 -21.94 -27.35 28.42
CA TYR B 228 -21.37 -26.09 27.93
C TYR B 228 -21.85 -25.93 26.48
N SER B 229 -22.46 -24.81 26.18
CA SER B 229 -23.03 -24.56 24.85
C SER B 229 -22.67 -23.18 24.34
N HIS B 230 -22.07 -23.13 23.15
CA HIS B 230 -21.96 -21.89 22.40
C HIS B 230 -23.01 -21.87 21.31
N LEU B 231 -23.91 -20.90 21.45
CA LEU B 231 -25.11 -20.77 20.62
C LEU B 231 -25.03 -19.44 19.90
N LEU B 232 -25.12 -19.45 18.58
CA LEU B 232 -24.73 -18.29 17.77
C LEU B 232 -25.88 -17.38 17.36
N THR B 233 -27.09 -17.86 17.49
CA THR B 233 -28.27 -17.08 17.11
C THR B 233 -29.36 -17.34 18.12
N ALA B 234 -30.37 -16.47 18.13
CA ALA B 234 -31.52 -16.64 19.01
C ALA B 234 -32.24 -17.98 18.77
N GLN B 235 -32.37 -18.38 17.52
CA GLN B 235 -33.00 -19.64 17.20
C GLN B 235 -32.21 -20.82 17.77
N GLU B 236 -30.87 -20.74 17.68
CA GLU B 236 -30.01 -21.78 18.27
C GLU B 236 -30.18 -21.86 19.78
N VAL B 237 -30.27 -20.71 20.43
CA VAL B 237 -30.45 -20.66 21.86
C VAL B 237 -31.73 -21.37 22.24
N SER B 238 -32.82 -21.03 21.55
N SER B 238 -32.82 -21.03 21.55
CA SER B 238 -34.12 -21.63 21.81
CA SER B 238 -34.11 -21.64 21.80
C SER B 238 -34.14 -23.13 21.54
C SER B 238 -34.10 -23.14 21.57
N LYS B 239 -33.59 -23.57 20.41
CA LYS B 239 -33.61 -24.98 20.03
C LYS B 239 -32.77 -25.87 20.94
N GLU B 240 -31.69 -25.33 21.51
CA GLU B 240 -30.80 -26.16 22.31
C GLU B 240 -31.37 -26.52 23.67
N GLN B 241 -32.34 -25.76 24.18
CA GLN B 241 -32.76 -25.97 25.56
C GLN B 241 -33.32 -27.38 25.78
N MET B 242 -34.11 -27.88 24.83
CA MET B 242 -34.63 -29.24 24.95
C MET B 242 -33.52 -30.28 24.85
N GLN B 243 -32.49 -29.99 24.07
CA GLN B 243 -31.36 -30.89 23.95
C GLN B 243 -30.58 -30.96 25.27
N ILE B 244 -30.38 -29.80 25.89
CA ILE B 244 -29.69 -29.74 27.19
C ILE B 244 -30.47 -30.54 28.24
N ARG B 245 -31.78 -30.39 28.24
CA ARG B 245 -32.62 -31.13 29.17
C ARG B 245 -32.45 -32.64 28.95
N ASP B 246 -32.46 -33.07 27.69
CA ASP B 246 -32.28 -34.48 27.38
C ASP B 246 -30.91 -34.99 27.82
N ILE B 247 -29.88 -34.17 27.59
CA ILE B 247 -28.52 -34.56 27.95
C ILE B 247 -28.42 -34.76 29.45
N LEU B 248 -28.92 -33.80 30.21
CA LEU B 248 -28.87 -33.89 31.68
C LEU B 248 -29.73 -35.02 32.24
N ALA B 249 -30.75 -35.43 31.49
CA ALA B 249 -31.61 -36.56 31.87
C ALA B 249 -30.99 -37.94 31.56
N ARG B 250 -30.24 -38.04 30.47
N ARG B 250 -30.22 -38.00 30.48
CA ARG B 250 -29.64 -39.30 30.04
CA ARG B 250 -29.63 -39.24 29.96
C ARG B 250 -28.15 -39.14 29.71
C ARG B 250 -28.13 -39.14 29.70
N PRO B 251 -27.35 -38.57 30.63
CA PRO B 251 -25.96 -38.25 30.24
C PRO B 251 -25.12 -39.46 29.81
N ALA B 252 -25.32 -40.63 30.42
CA ALA B 252 -24.50 -41.78 30.07
C ALA B 252 -24.74 -42.22 28.62
N PHE B 253 -25.95 -41.99 28.11
CA PHE B 253 -26.23 -42.29 26.71
C PHE B 253 -25.40 -41.43 25.77
N TYR B 254 -25.22 -40.16 26.14
CA TYR B 254 -24.39 -39.27 25.32
C TYR B 254 -22.91 -39.58 25.45
N LEU B 255 -22.45 -39.93 26.64
CA LEU B 255 -21.08 -40.35 26.77
C LEU B 255 -20.80 -41.59 25.93
N THR B 256 -21.71 -42.56 26.00
CA THR B 256 -21.56 -43.81 25.26
C THR B 256 -21.59 -43.55 23.76
N ALA B 257 -22.49 -42.69 23.29
CA ALA B 257 -22.58 -42.40 21.85
C ALA B 257 -21.25 -41.84 21.32
N SER B 258 -20.63 -40.95 22.09
CA SER B 258 -19.34 -40.39 21.72
C SER B 258 -18.23 -41.46 21.72
N GLN B 259 -18.17 -42.28 22.77
N GLN B 259 -18.17 -42.27 22.78
CA GLN B 259 -17.22 -43.38 22.82
CA GLN B 259 -17.24 -43.39 22.85
C GLN B 259 -17.33 -44.29 21.60
C GLN B 259 -17.33 -44.29 21.62
N GLN B 260 -18.56 -44.67 21.26
CA GLN B 260 -18.79 -45.61 20.17
C GLN B 260 -18.42 -45.01 18.83
N ARG B 261 -18.78 -43.74 18.63
CA ARG B 261 -18.49 -43.08 17.38
C ARG B 261 -16.97 -43.03 17.16
N TRP B 262 -16.22 -42.74 18.22
CA TRP B 262 -14.78 -42.67 18.11
C TRP B 262 -14.13 -44.05 17.95
N GLU B 263 -14.70 -45.06 18.61
CA GLU B 263 -14.16 -46.41 18.39
C GLU B 263 -14.30 -46.78 16.91
N GLU B 264 -15.42 -46.38 16.31
N GLU B 264 -15.42 -46.38 16.31
CA GLU B 264 -15.66 -46.67 14.89
CA GLU B 264 -15.67 -46.67 14.90
C GLU B 264 -14.71 -45.89 13.98
C GLU B 264 -14.71 -45.89 13.98
N TYR B 265 -14.43 -44.62 14.30
CA TYR B 265 -13.45 -43.88 13.48
C TYR B 265 -12.13 -44.62 13.44
N LEU B 266 -11.68 -45.06 14.61
CA LEU B 266 -10.40 -45.75 14.71
C LEU B 266 -10.43 -47.14 14.04
N LYS B 267 -11.52 -47.87 14.21
CA LYS B 267 -11.63 -49.20 13.63
C LYS B 267 -11.61 -49.09 12.09
N LYS B 268 -12.37 -48.14 11.55
CA LYS B 268 -12.43 -47.98 10.11
C LYS B 268 -11.13 -47.39 9.55
N GLY B 269 -10.52 -46.48 10.29
CA GLY B 269 -9.36 -45.74 9.77
C GLY B 269 -8.04 -46.49 9.86
N LEU B 270 -7.85 -47.26 10.92
CA LEU B 270 -6.54 -47.85 11.19
C LEU B 270 -6.43 -49.26 10.65
N THR B 271 -6.26 -49.35 9.33
CA THR B 271 -6.29 -50.64 8.65
C THR B 271 -4.97 -50.99 7.95
N ASN B 272 -3.86 -50.38 8.36
CA ASN B 272 -2.53 -50.77 7.87
C ASN B 272 -1.82 -51.60 8.96
N PRO B 273 -1.90 -52.93 8.86
CA PRO B 273 -1.30 -53.74 9.91
C PRO B 273 0.24 -53.78 9.84
N ASP B 274 0.82 -53.28 8.74
CA ASP B 274 2.27 -53.20 8.60
C ASP B 274 2.86 -51.88 9.11
N ALA B 275 2.02 -50.98 9.61
CA ALA B 275 2.50 -49.72 10.15
C ALA B 275 3.12 -49.92 11.53
N THR B 276 4.14 -49.14 11.84
CA THR B 276 4.73 -49.11 13.19
C THR B 276 3.79 -48.35 14.12
N PRO B 277 3.96 -48.52 15.45
CA PRO B 277 3.13 -47.75 16.36
C PRO B 277 3.27 -46.24 16.15
N GLU B 278 4.46 -45.77 15.82
CA GLU B 278 4.70 -44.34 15.57
C GLU B 278 3.90 -43.89 14.36
N GLN B 279 3.91 -44.70 13.31
CA GLN B 279 3.15 -44.44 12.08
C GLN B 279 1.65 -44.45 12.33
N THR B 280 1.18 -45.41 13.11
CA THR B 280 -0.24 -45.48 13.45
C THR B 280 -0.66 -44.23 14.25
N ARG B 281 0.21 -43.78 15.14
CA ARG B 281 -0.08 -42.58 15.93
C ARG B 281 -0.25 -41.34 15.03
N VAL B 282 0.51 -41.25 13.95
CA VAL B 282 0.37 -40.15 12.99
C VAL B 282 -1.02 -40.19 12.35
N ALA B 283 -1.48 -41.38 12.00
CA ALA B 283 -2.84 -41.56 11.47
C ALA B 283 -3.87 -41.06 12.47
N VAL B 284 -3.69 -41.41 13.74
CA VAL B 284 -4.64 -40.98 14.77
C VAL B 284 -4.61 -39.46 14.92
N LYS B 285 -3.42 -38.86 14.90
CA LYS B 285 -3.33 -37.39 14.88
C LYS B 285 -4.12 -36.83 13.71
N ALA B 286 -3.99 -37.44 12.55
CA ALA B 286 -4.69 -36.97 11.36
C ALA B 286 -6.21 -37.03 11.55
N ILE B 287 -6.69 -38.14 12.13
CA ILE B 287 -8.09 -38.35 12.39
C ILE B 287 -8.61 -37.30 13.38
N GLU B 288 -7.89 -37.11 14.48
CA GLU B 288 -8.25 -36.06 15.45
C GLU B 288 -8.30 -34.69 14.79
N THR B 289 -7.33 -34.40 13.95
CA THR B 289 -7.23 -33.09 13.31
C THR B 289 -8.42 -32.84 12.38
N LEU B 290 -8.66 -33.77 11.49
CA LEU B 290 -9.76 -33.63 10.54
C LEU B 290 -11.11 -33.54 11.23
N ASN B 291 -11.34 -34.37 12.24
CA ASN B 291 -12.59 -34.35 12.93
C ASN B 291 -12.76 -33.05 13.74
N GLY B 292 -11.67 -32.46 14.21
CA GLY B 292 -11.73 -31.19 14.90
C GLY B 292 -12.04 -30.00 14.00
N ASN B 293 -11.71 -30.14 12.72
CA ASN B 293 -11.95 -29.10 11.72
C ASN B 293 -13.30 -29.19 11.00
N TRP B 294 -14.06 -30.22 11.35
CA TRP B 294 -15.44 -30.40 10.96
C TRP B 294 -16.35 -29.43 11.71
N ARG B 295 -17.14 -28.68 10.95
CA ARG B 295 -18.17 -27.80 11.49
C ARG B 295 -19.54 -28.24 11.02
N SER B 296 -20.51 -28.16 11.92
CA SER B 296 -21.90 -28.39 11.57
C SER B 296 -22.41 -27.17 10.80
N PRO B 297 -23.59 -27.28 10.17
CA PRO B 297 -24.14 -26.16 9.44
C PRO B 297 -24.15 -24.88 10.27
N GLY B 298 -23.90 -23.77 9.62
CA GLY B 298 -24.00 -22.46 10.24
C GLY B 298 -24.06 -21.36 9.21
N GLY B 299 -24.96 -20.41 9.44
CA GLY B 299 -25.11 -19.27 8.57
C GLY B 299 -25.55 -19.73 7.18
N ALA B 300 -24.84 -19.24 6.17
CA ALA B 300 -25.19 -19.55 4.78
C ALA B 300 -24.83 -20.96 4.34
N VAL B 301 -24.00 -21.65 5.11
CA VAL B 301 -23.58 -23.00 4.76
C VAL B 301 -24.51 -23.99 5.47
N LYS B 302 -25.31 -24.69 4.69
CA LYS B 302 -26.42 -25.48 5.22
C LYS B 302 -26.06 -26.96 5.40
N PHE B 303 -24.77 -27.27 5.23
CA PHE B 303 -24.25 -28.62 5.34
C PHE B 303 -23.10 -28.64 6.35
N ASN B 304 -22.84 -29.82 6.91
CA ASN B 304 -21.59 -30.01 7.63
C ASN B 304 -20.46 -29.77 6.63
N THR B 305 -19.34 -29.24 7.12
CA THR B 305 -18.20 -28.99 6.26
C THR B 305 -16.92 -29.23 7.09
N VAL B 306 -15.79 -29.14 6.40
CA VAL B 306 -14.48 -29.21 7.05
C VAL B 306 -13.65 -28.05 6.54
N THR B 307 -13.06 -27.29 7.48
CA THR B 307 -12.25 -26.13 7.15
C THR B 307 -10.78 -26.51 7.19
N PRO B 308 -9.92 -25.65 6.63
CA PRO B 308 -8.50 -26.01 6.62
C PRO B 308 -7.84 -26.03 8.00
N SER B 309 -8.38 -25.28 8.96
CA SER B 309 -7.86 -25.33 10.32
C SER B 309 -8.75 -24.54 11.27
N VAL B 310 -9.25 -25.21 12.29
CA VAL B 310 -10.08 -24.54 13.32
C VAL B 310 -9.30 -23.48 14.09
N THR B 311 -7.98 -23.63 14.15
CA THR B 311 -7.14 -22.68 14.88
C THR B 311 -6.53 -21.61 13.97
N GLY B 312 -6.81 -21.69 12.67
CA GLY B 312 -6.16 -20.82 11.71
C GLY B 312 -6.67 -19.40 11.71
N ARG B 313 -5.79 -18.45 11.40
CA ARG B 313 -6.15 -17.03 11.37
C ARG B 313 -7.25 -16.78 10.38
N TRP B 314 -7.15 -17.44 9.22
CA TRP B 314 -8.06 -17.20 8.09
C TRP B 314 -8.79 -18.47 7.65
N PHE B 315 -8.68 -19.53 8.43
CA PHE B 315 -9.18 -20.84 8.03
C PHE B 315 -10.29 -21.37 8.97
N SER B 316 -10.72 -20.57 9.93
CA SER B 316 -11.60 -21.03 10.99
C SER B 316 -13.08 -20.70 10.73
N GLY B 317 -13.91 -20.71 11.76
CA GLY B 317 -15.36 -20.77 11.56
C GLY B 317 -15.69 -21.93 10.64
N ASN B 318 -16.56 -21.69 9.66
CA ASN B 318 -16.84 -22.72 8.66
C ASN B 318 -16.37 -22.34 7.26
N GLN B 319 -15.33 -21.53 7.17
CA GLN B 319 -14.74 -21.16 5.89
C GLN B 319 -14.24 -22.39 5.15
N THR B 320 -14.69 -22.56 3.92
CA THR B 320 -14.51 -23.80 3.16
C THR B 320 -14.07 -23.51 1.74
N TRP B 321 -13.04 -24.24 1.27
CA TRP B 321 -12.48 -24.12 -0.06
C TRP B 321 -12.65 -25.43 -0.83
N PRO B 322 -12.80 -25.37 -2.17
CA PRO B 322 -12.97 -26.61 -2.90
C PRO B 322 -11.75 -27.53 -2.85
N TRP B 323 -10.58 -26.97 -3.15
CA TRP B 323 -9.28 -27.66 -3.20
C TRP B 323 -9.04 -28.50 -1.93
N ASP B 324 -9.17 -27.82 -0.82
CA ASP B 324 -8.99 -28.43 0.46
C ASP B 324 -10.02 -29.54 0.63
N THR B 325 -11.27 -29.25 0.29
CA THR B 325 -12.35 -30.23 0.43
C THR B 325 -12.11 -31.52 -0.36
N TRP B 326 -11.61 -31.43 -1.57
CA TRP B 326 -11.38 -32.65 -2.36
C TRP B 326 -10.44 -33.59 -1.62
N LYS B 327 -9.39 -33.01 -1.07
CA LYS B 327 -8.35 -33.78 -0.38
C LYS B 327 -8.84 -34.29 0.97
N GLN B 328 -9.54 -33.44 1.71
CA GLN B 328 -10.13 -33.80 2.98
C GLN B 328 -11.08 -34.95 2.83
N ALA B 329 -11.97 -34.88 1.85
CA ALA B 329 -12.98 -35.91 1.71
C ALA B 329 -12.42 -37.21 1.21
N PHE B 330 -11.37 -37.15 0.39
CA PHE B 330 -10.67 -38.37 -0.07
C PHE B 330 -10.20 -39.17 1.15
N ALA B 331 -9.58 -38.49 2.10
CA ALA B 331 -9.08 -39.14 3.31
C ALA B 331 -10.22 -39.51 4.24
N MET B 332 -11.13 -38.59 4.50
CA MET B 332 -12.23 -38.86 5.43
C MET B 332 -13.19 -39.95 4.96
N ALA B 333 -13.21 -40.25 3.66
CA ALA B 333 -14.01 -41.37 3.15
C ALA B 333 -13.64 -42.66 3.91
N HIS B 334 -12.40 -42.74 4.39
CA HIS B 334 -11.85 -43.94 5.00
C HIS B 334 -12.06 -44.07 6.49
N PHE B 335 -12.66 -43.07 7.12
CA PHE B 335 -12.98 -43.18 8.56
C PHE B 335 -14.22 -42.41 9.01
N ASN B 336 -14.56 -41.32 8.33
CA ASN B 336 -15.74 -40.52 8.64
C ASN B 336 -16.46 -40.14 7.33
N PRO B 337 -16.93 -41.17 6.59
CA PRO B 337 -17.51 -40.93 5.27
C PRO B 337 -18.77 -40.06 5.29
N ASP B 338 -19.55 -40.07 6.37
CA ASP B 338 -20.73 -39.20 6.46
C ASP B 338 -20.33 -37.73 6.28
N ILE B 339 -19.23 -37.35 6.90
CA ILE B 339 -18.80 -35.96 6.88
C ILE B 339 -18.01 -35.67 5.61
N ALA B 340 -17.32 -36.66 5.06
CA ALA B 340 -16.73 -36.49 3.74
C ALA B 340 -17.80 -36.11 2.72
N LYS B 341 -18.91 -36.82 2.73
CA LYS B 341 -19.99 -36.54 1.81
C LYS B 341 -20.53 -35.13 2.03
N GLU B 342 -20.78 -34.79 3.30
CA GLU B 342 -21.32 -33.47 3.64
C GLU B 342 -20.39 -32.34 3.17
N ASN B 343 -19.09 -32.52 3.38
CA ASN B 343 -18.11 -31.47 3.04
C ASN B 343 -18.17 -31.17 1.53
N ILE B 344 -18.23 -32.23 0.74
CA ILE B 344 -18.40 -32.10 -0.72
C ILE B 344 -19.73 -31.43 -1.04
N ARG B 345 -20.80 -31.83 -0.37
CA ARG B 345 -22.09 -31.19 -0.59
C ARG B 345 -22.05 -29.70 -0.28
N ALA B 346 -21.35 -29.35 0.79
CA ALA B 346 -21.21 -27.96 1.19
C ALA B 346 -20.65 -27.11 0.06
N VAL B 347 -19.57 -27.59 -0.55
CA VAL B 347 -18.90 -26.87 -1.62
C VAL B 347 -19.86 -26.68 -2.81
N PHE B 348 -20.53 -27.77 -3.19
CA PHE B 348 -21.40 -27.75 -4.34
C PHE B 348 -22.72 -27.04 -4.09
N SER B 349 -23.06 -26.78 -2.83
CA SER B 349 -24.36 -26.16 -2.50
C SER B 349 -24.47 -24.74 -3.00
N TRP B 350 -23.34 -24.08 -3.23
CA TRP B 350 -23.31 -22.72 -3.75
C TRP B 350 -22.75 -22.66 -5.17
N GLN B 351 -22.76 -23.80 -5.86
CA GLN B 351 -22.45 -23.86 -7.27
C GLN B 351 -23.46 -22.98 -8.01
N ILE B 352 -22.98 -22.26 -9.02
CA ILE B 352 -23.83 -21.30 -9.74
C ILE B 352 -24.84 -22.05 -10.62
N GLN B 353 -26.11 -21.65 -10.52
CA GLN B 353 -27.21 -22.23 -11.27
C GLN B 353 -27.66 -21.25 -12.33
N PRO B 354 -28.34 -21.76 -13.37
CA PRO B 354 -28.92 -20.84 -14.35
C PRO B 354 -29.75 -19.75 -13.70
N GLY B 355 -29.59 -18.53 -14.19
CA GLY B 355 -30.34 -17.38 -13.70
C GLY B 355 -29.79 -16.78 -12.42
N ASP B 356 -28.60 -17.21 -11.99
CA ASP B 356 -27.97 -16.64 -10.81
C ASP B 356 -28.02 -15.11 -10.80
N SER B 357 -28.31 -14.54 -9.64
CA SER B 357 -28.50 -13.10 -9.48
C SER B 357 -27.23 -12.27 -9.72
N VAL B 358 -26.06 -12.88 -9.50
CA VAL B 358 -24.80 -12.18 -9.56
C VAL B 358 -24.01 -12.51 -10.82
N ARG B 359 -23.90 -13.79 -11.15
CA ARG B 359 -23.02 -14.21 -12.25
C ARG B 359 -23.69 -15.30 -13.10
N PRO B 360 -24.76 -14.93 -13.83
CA PRO B 360 -25.45 -15.89 -14.69
C PRO B 360 -24.57 -16.45 -15.81
N GLN B 361 -23.46 -15.78 -16.10
CA GLN B 361 -22.48 -16.24 -17.10
C GLN B 361 -21.54 -17.33 -16.56
N ASP B 362 -21.66 -17.66 -15.28
CA ASP B 362 -20.78 -18.65 -14.64
C ASP B 362 -21.50 -19.93 -14.21
N VAL B 363 -22.51 -20.38 -14.94
CA VAL B 363 -23.22 -21.59 -14.53
C VAL B 363 -22.24 -22.76 -14.40
N GLY B 364 -22.29 -23.44 -13.27
CA GLY B 364 -21.41 -24.59 -13.00
C GLY B 364 -20.22 -24.22 -12.10
N PHE B 365 -19.90 -22.94 -12.02
CA PHE B 365 -18.77 -22.44 -11.22
C PHE B 365 -18.97 -22.78 -9.75
N VAL B 366 -17.88 -23.18 -9.10
CA VAL B 366 -17.86 -23.49 -7.69
C VAL B 366 -17.02 -22.40 -6.99
N PRO B 367 -17.64 -21.62 -6.08
CA PRO B 367 -16.89 -20.57 -5.38
C PRO B 367 -15.63 -21.05 -4.63
N ASP B 368 -14.62 -20.21 -4.68
CA ASP B 368 -13.35 -20.41 -4.00
C ASP B 368 -13.52 -20.54 -2.49
N LEU B 369 -14.39 -19.72 -1.91
CA LEU B 369 -14.48 -19.63 -0.48
C LEU B 369 -15.93 -19.33 -0.10
N ILE B 370 -16.55 -20.26 0.62
CA ILE B 370 -17.85 -20.06 1.22
C ILE B 370 -17.70 -20.03 2.75
N ALA B 371 -18.64 -19.40 3.44
CA ALA B 371 -18.53 -19.17 4.86
C ALA B 371 -19.87 -18.73 5.45
N TRP B 372 -19.92 -18.58 6.77
CA TRP B 372 -21.13 -18.19 7.48
C TRP B 372 -21.84 -17.01 6.80
N ASN B 373 -21.06 -15.99 6.48
CA ASN B 373 -21.59 -14.75 5.93
C ASN B 373 -21.36 -14.60 4.42
N LEU B 374 -22.45 -14.40 3.71
CA LEU B 374 -22.43 -14.07 2.29
C LEU B 374 -21.77 -12.72 2.04
N SER B 375 -21.23 -12.53 0.85
CA SER B 375 -20.68 -11.24 0.48
C SER B 375 -21.80 -10.20 0.39
N PRO B 376 -21.43 -8.91 0.40
CA PRO B 376 -22.44 -7.85 0.17
C PRO B 376 -23.21 -8.04 -1.14
N GLU B 377 -22.52 -8.56 -2.15
N GLU B 377 -22.55 -8.56 -2.17
CA GLU B 377 -23.10 -8.83 -3.46
CA GLU B 377 -23.22 -8.80 -3.45
C GLU B 377 -24.26 -9.84 -3.41
C GLU B 377 -24.38 -9.77 -3.33
N ARG B 378 -24.29 -10.68 -2.36
CA ARG B 378 -25.37 -11.63 -2.12
C ARG B 378 -26.16 -11.31 -0.85
N GLY B 379 -26.04 -10.10 -0.34
CA GLY B 379 -26.94 -9.63 0.72
C GLY B 379 -26.38 -9.69 2.12
N GLY B 380 -25.16 -10.21 2.25
CA GLY B 380 -24.51 -10.36 3.57
C GLY B 380 -23.47 -9.29 3.84
N ASP B 381 -22.71 -9.45 4.93
CA ASP B 381 -21.61 -8.53 5.24
C ASP B 381 -20.27 -9.25 5.39
N GLY B 382 -20.19 -10.44 4.79
CA GLY B 382 -18.98 -11.23 4.85
C GLY B 382 -17.87 -10.72 3.95
N GLY B 383 -16.65 -10.69 4.48
CA GLY B 383 -15.49 -10.24 3.74
C GLY B 383 -14.69 -11.37 3.10
N ASN B 384 -14.96 -12.60 3.51
CA ASN B 384 -14.17 -13.76 3.07
C ASN B 384 -14.78 -14.45 1.85
N TRP B 385 -16.09 -14.61 1.84
CA TRP B 385 -16.80 -15.21 0.73
C TRP B 385 -16.22 -14.72 -0.59
N ASN B 386 -15.76 -15.64 -1.44
CA ASN B 386 -15.00 -15.28 -2.65
C ASN B 386 -15.46 -15.99 -3.91
N GLU B 387 -15.84 -15.20 -4.92
CA GLU B 387 -16.23 -15.71 -6.25
C GLU B 387 -15.37 -15.10 -7.36
N ARG B 388 -14.18 -14.63 -7.02
CA ARG B 388 -13.24 -14.10 -7.99
C ARG B 388 -12.58 -15.19 -8.85
N ASN B 389 -12.67 -16.42 -8.37
CA ASN B 389 -11.96 -17.57 -8.92
C ASN B 389 -12.45 -18.81 -8.23
N THR B 390 -12.03 -19.97 -8.72
CA THR B 390 -12.31 -21.25 -8.08
C THR B 390 -10.96 -21.83 -7.63
N LYS B 391 -10.81 -23.15 -7.61
CA LYS B 391 -9.57 -23.85 -7.29
C LYS B 391 -9.39 -25.01 -8.27
N PRO B 392 -8.23 -25.69 -8.26
CA PRO B 392 -8.05 -26.79 -9.20
C PRO B 392 -9.02 -27.91 -8.92
N SER B 393 -9.44 -28.59 -9.99
CA SER B 393 -10.56 -29.51 -9.86
C SER B 393 -10.11 -30.95 -9.68
N LEU B 394 -10.22 -31.40 -8.44
CA LEU B 394 -10.11 -32.83 -8.10
C LEU B 394 -11.44 -33.29 -7.52
N ALA B 395 -12.51 -32.63 -7.91
CA ALA B 395 -13.82 -32.98 -7.39
C ALA B 395 -14.25 -34.41 -7.71
N ALA B 396 -14.11 -34.83 -8.97
CA ALA B 396 -14.58 -36.14 -9.38
C ALA B 396 -13.78 -37.24 -8.68
N TRP B 397 -12.47 -37.05 -8.57
CA TRP B 397 -11.57 -37.97 -7.85
C TRP B 397 -11.99 -38.14 -6.41
N SER B 398 -12.39 -37.03 -5.79
CA SER B 398 -12.84 -37.05 -4.41
C SER B 398 -14.19 -37.77 -4.25
N VAL B 399 -15.14 -37.41 -5.12
CA VAL B 399 -16.45 -38.07 -5.13
C VAL B 399 -16.26 -39.58 -5.35
N MET B 400 -15.37 -39.93 -6.28
CA MET B 400 -15.11 -41.33 -6.56
C MET B 400 -14.58 -42.07 -5.35
N GLU B 401 -13.73 -41.43 -4.55
CA GLU B 401 -13.14 -42.13 -3.41
C GLU B 401 -14.21 -42.47 -2.38
N VAL B 402 -15.17 -41.57 -2.18
CA VAL B 402 -16.29 -41.85 -1.30
C VAL B 402 -17.08 -43.06 -1.83
N TYR B 403 -17.32 -43.12 -3.13
CA TYR B 403 -17.95 -44.29 -3.74
C TYR B 403 -17.12 -45.57 -3.55
N ASN B 404 -15.81 -45.46 -3.72
CA ASN B 404 -14.94 -46.62 -3.58
C ASN B 404 -15.10 -47.27 -2.21
N VAL B 405 -15.25 -46.45 -1.18
CA VAL B 405 -15.44 -46.94 0.19
C VAL B 405 -16.86 -47.42 0.44
N THR B 406 -17.85 -46.60 0.11
CA THR B 406 -19.25 -46.87 0.45
C THR B 406 -19.99 -47.77 -0.53
N GLN B 407 -19.53 -47.80 -1.77
N GLN B 407 -19.51 -47.83 -1.77
CA GLN B 407 -20.18 -48.53 -2.86
CA GLN B 407 -20.19 -48.53 -2.87
C GLN B 407 -21.62 -48.07 -3.06
C GLN B 407 -21.63 -48.04 -3.11
N ASP B 408 -21.90 -46.81 -2.73
CA ASP B 408 -23.23 -46.25 -2.79
C ASP B 408 -23.44 -45.54 -4.12
N LYS B 409 -24.16 -46.19 -5.03
CA LYS B 409 -24.40 -45.61 -6.34
C LYS B 409 -25.30 -44.38 -6.25
N THR B 410 -26.13 -44.27 -5.22
CA THR B 410 -26.99 -43.09 -5.07
C THR B 410 -26.16 -41.83 -4.81
N TRP B 411 -25.03 -42.00 -4.15
CA TRP B 411 -24.08 -40.91 -3.94
C TRP B 411 -23.51 -40.44 -5.29
N VAL B 412 -23.09 -41.38 -6.14
CA VAL B 412 -22.64 -41.03 -7.49
C VAL B 412 -23.75 -40.31 -8.28
N ALA B 413 -24.97 -40.82 -8.20
CA ALA B 413 -26.08 -40.19 -8.91
C ALA B 413 -26.34 -38.76 -8.45
N GLU B 414 -26.24 -38.52 -7.15
CA GLU B 414 -26.41 -37.18 -6.57
C GLU B 414 -25.38 -36.19 -7.12
N MET B 415 -24.12 -36.61 -7.13
CA MET B 415 -23.01 -35.70 -7.43
C MET B 415 -22.74 -35.55 -8.92
N TYR B 416 -23.08 -36.56 -9.70
CA TYR B 416 -22.74 -36.57 -11.13
C TYR B 416 -23.16 -35.27 -11.90
N PRO B 417 -24.44 -34.86 -11.81
CA PRO B 417 -24.79 -33.66 -12.58
C PRO B 417 -24.05 -32.40 -12.12
N LYS B 418 -23.67 -32.34 -10.84
CA LYS B 418 -22.90 -31.21 -10.33
C LYS B 418 -21.48 -31.22 -10.89
N LEU B 419 -20.88 -32.41 -10.96
CA LEU B 419 -19.55 -32.55 -11.53
C LEU B 419 -19.56 -32.20 -13.02
N VAL B 420 -20.59 -32.65 -13.73
CA VAL B 420 -20.76 -32.33 -15.15
C VAL B 420 -20.87 -30.83 -15.38
N ALA B 421 -21.68 -30.16 -14.57
CA ALA B 421 -21.83 -28.71 -14.70
C ALA B 421 -20.50 -27.97 -14.48
N TYR B 422 -19.71 -28.42 -13.51
CA TYR B 422 -18.42 -27.81 -13.22
C TYR B 422 -17.47 -28.07 -14.39
N HIS B 423 -17.40 -29.30 -14.85
CA HIS B 423 -16.63 -29.67 -16.04
C HIS B 423 -16.92 -28.75 -17.23
N ASP B 424 -18.21 -28.55 -17.48
CA ASP B 424 -18.62 -27.76 -18.64
C ASP B 424 -18.25 -26.29 -18.47
N TRP B 425 -18.32 -25.80 -17.23
CA TRP B 425 -17.95 -24.42 -16.91
C TRP B 425 -16.49 -24.16 -17.31
N TRP B 426 -15.61 -25.10 -17.00
CA TRP B 426 -14.18 -24.90 -17.36
C TRP B 426 -14.03 -24.68 -18.86
N LEU B 427 -14.75 -25.48 -19.65
CA LEU B 427 -14.64 -25.39 -21.10
C LEU B 427 -15.22 -24.12 -21.71
N ARG B 428 -16.25 -23.56 -21.08
CA ARG B 428 -16.81 -22.29 -21.55
C ARG B 428 -15.97 -21.11 -21.11
N ASN B 429 -15.49 -21.10 -19.86
CA ASN B 429 -15.01 -19.87 -19.22
C ASN B 429 -13.52 -19.83 -18.91
N ARG B 430 -12.84 -20.95 -19.15
CA ARG B 430 -11.40 -21.07 -18.92
C ARG B 430 -10.67 -21.71 -20.11
N ASP B 431 -11.09 -21.38 -21.33
CA ASP B 431 -10.37 -21.90 -22.49
C ASP B 431 -10.30 -20.81 -23.54
N HIS B 432 -9.40 -19.87 -23.30
CA HIS B 432 -9.30 -18.65 -24.07
C HIS B 432 -9.13 -18.88 -25.57
N ASN B 433 -8.31 -19.85 -25.93
CA ASN B 433 -8.02 -20.15 -27.33
C ASN B 433 -8.87 -21.27 -27.92
N GLY B 434 -9.83 -21.77 -27.16
CA GLY B 434 -10.80 -22.78 -27.61
C GLY B 434 -10.22 -24.09 -28.10
N ASN B 435 -9.10 -24.53 -27.52
CA ASN B 435 -8.47 -25.79 -27.93
C ASN B 435 -8.82 -26.99 -27.04
N GLY B 436 -9.73 -26.77 -26.10
CA GLY B 436 -10.17 -27.81 -25.15
C GLY B 436 -9.19 -28.09 -24.02
N VAL B 437 -8.18 -27.24 -23.88
CA VAL B 437 -7.16 -27.37 -22.84
C VAL B 437 -7.31 -26.12 -21.97
N PRO B 438 -7.91 -26.27 -20.79
CA PRO B 438 -8.18 -25.08 -20.01
C PRO B 438 -6.96 -24.36 -19.43
N GLU B 439 -7.18 -23.12 -19.01
CA GLU B 439 -6.18 -22.33 -18.30
C GLU B 439 -6.70 -22.02 -16.91
N TYR B 440 -5.80 -21.68 -16.00
CA TYR B 440 -6.23 -21.00 -14.79
C TYR B 440 -6.59 -19.55 -15.14
N GLY B 441 -7.56 -18.99 -14.43
CA GLY B 441 -8.08 -17.66 -14.74
C GLY B 441 -8.85 -17.05 -13.60
N ALA B 442 -9.78 -16.16 -13.94
CA ALA B 442 -10.55 -15.40 -12.98
C ALA B 442 -11.91 -15.08 -13.55
N THR B 443 -12.86 -14.79 -12.67
CA THR B 443 -14.21 -14.46 -13.11
C THR B 443 -14.35 -12.96 -13.41
N ARG B 444 -15.48 -12.61 -14.03
CA ARG B 444 -15.92 -11.23 -14.08
CA ARG B 444 -15.94 -11.23 -14.08
C ARG B 444 -16.34 -10.89 -12.65
N ASP B 445 -15.82 -9.77 -12.13
CA ASP B 445 -16.04 -9.42 -10.74
C ASP B 445 -15.81 -7.94 -10.54
N LYS B 446 -16.52 -7.37 -9.55
CA LYS B 446 -16.32 -6.00 -9.16
C LYS B 446 -14.86 -5.68 -8.81
N ALA B 447 -14.11 -6.67 -8.33
CA ALA B 447 -12.68 -6.50 -8.02
C ALA B 447 -11.82 -6.44 -9.26
N HIS B 448 -12.33 -6.94 -10.38
CA HIS B 448 -11.51 -7.17 -11.58
C HIS B 448 -11.76 -6.23 -12.74
N ASN B 449 -12.94 -5.65 -12.82
CA ASN B 449 -13.31 -4.90 -13.99
C ASN B 449 -14.35 -3.84 -13.66
N THR B 450 -14.47 -2.87 -14.56
CA THR B 450 -15.50 -1.84 -14.42
C THR B 450 -16.85 -2.43 -14.75
N GLU B 451 -17.91 -1.68 -14.46
CA GLU B 451 -19.25 -2.14 -14.81
C GLU B 451 -19.37 -2.35 -16.33
N SER B 452 -18.63 -1.55 -17.11
CA SER B 452 -18.66 -1.69 -18.58
C SER B 452 -17.80 -2.83 -19.12
N GLY B 453 -17.10 -3.54 -18.22
CA GLY B 453 -16.33 -4.74 -18.59
C GLY B 453 -14.87 -4.50 -18.91
N GLU B 454 -14.32 -3.36 -18.51
CA GLU B 454 -12.92 -3.03 -18.75
C GLU B 454 -12.08 -3.52 -17.59
N MET B 455 -11.01 -4.24 -17.89
CA MET B 455 -10.16 -4.86 -16.87
C MET B 455 -9.36 -3.80 -16.11
N LEU B 456 -9.42 -3.89 -14.78
CA LEU B 456 -8.69 -3.00 -13.89
C LEU B 456 -7.24 -3.39 -13.70
N PHE B 457 -6.39 -2.38 -13.63
CA PHE B 457 -5.02 -2.58 -13.23
C PHE B 457 -4.39 -1.31 -12.70
N THR B 458 -3.32 -1.48 -11.93
CA THR B 458 -2.59 -0.37 -11.31
C THR B 458 -1.10 -0.48 -11.66
N VAL B 459 -0.56 0.61 -12.21
CA VAL B 459 0.84 0.68 -12.59
C VAL B 459 1.56 1.47 -11.50
N LYS B 460 2.63 0.90 -10.95
CA LYS B 460 3.38 1.52 -9.86
C LYS B 460 4.84 1.79 -10.24
N LYS B 461 5.29 3.01 -9.99
CA LYS B 461 6.67 3.41 -10.24
C LYS B 461 7.09 4.28 -9.07
N GLY B 462 8.10 3.84 -8.32
CA GLY B 462 8.45 4.49 -7.07
C GLY B 462 7.25 4.52 -6.15
N ASP B 463 6.96 5.70 -5.60
CA ASP B 463 5.78 5.89 -4.74
C ASP B 463 4.57 6.42 -5.51
N LYS B 464 4.66 6.47 -6.84
CA LYS B 464 3.56 6.94 -7.68
C LYS B 464 2.75 5.76 -8.19
N GLU B 465 1.44 5.95 -8.27
CA GLU B 465 0.51 4.94 -8.78
C GLU B 465 -0.28 5.50 -9.94
N GLU B 466 -0.91 4.60 -10.68
CA GLU B 466 -1.64 4.96 -11.88
C GLU B 466 -2.65 3.85 -12.12
N THR B 467 -3.86 4.02 -11.59
CA THR B 467 -4.93 3.06 -11.80
C THR B 467 -5.59 3.32 -13.15
N GLN B 468 -5.71 2.27 -13.95
CA GLN B 468 -6.22 2.36 -15.30
C GLN B 468 -7.18 1.20 -15.58
N SER B 469 -7.73 1.18 -16.79
CA SER B 469 -8.55 0.04 -17.21
C SER B 469 -8.51 -0.22 -18.71
N GLY B 470 -8.84 -1.46 -19.06
CA GLY B 470 -8.99 -1.88 -20.44
C GLY B 470 -7.80 -2.71 -20.88
N LEU B 471 -8.07 -3.78 -21.61
CA LEU B 471 -7.03 -4.70 -22.06
C LEU B 471 -6.04 -4.05 -23.04
N ASN B 472 -6.55 -3.18 -23.92
CA ASN B 472 -5.65 -2.47 -24.84
C ASN B 472 -4.67 -1.55 -24.11
N ASN B 473 -5.14 -0.85 -23.07
CA ASN B 473 -4.23 -0.05 -22.24
C ASN B 473 -3.22 -0.92 -21.50
N TYR B 474 -3.68 -2.06 -21.01
CA TYR B 474 -2.80 -3.01 -20.36
C TYR B 474 -1.70 -3.49 -21.30
N ALA B 475 -2.08 -3.84 -22.52
CA ALA B 475 -1.13 -4.32 -23.53
C ALA B 475 0.01 -3.33 -23.76
N ARG B 476 -0.33 -2.06 -23.98
CA ARG B 476 0.70 -1.06 -24.22
C ARG B 476 1.61 -0.83 -23.01
N VAL B 477 1.05 -0.84 -21.80
CA VAL B 477 1.85 -0.66 -20.60
C VAL B 477 2.87 -1.80 -20.44
N VAL B 478 2.44 -3.04 -20.70
CA VAL B 478 3.35 -4.18 -20.64
C VAL B 478 4.46 -3.99 -21.68
N GLU B 479 4.07 -3.53 -22.86
CA GLU B 479 5.01 -3.24 -23.94
C GLU B 479 6.04 -2.19 -23.53
N LYS B 480 5.59 -1.10 -22.91
CA LYS B 480 6.49 -0.05 -22.44
C LYS B 480 7.45 -0.54 -21.34
N GLY B 481 6.90 -1.17 -20.32
CA GLY B 481 7.72 -1.73 -19.24
C GLY B 481 8.43 -0.71 -18.37
N GLN B 482 7.87 0.50 -18.24
CA GLN B 482 8.46 1.56 -17.43
C GLN B 482 7.85 1.62 -16.04
N TYR B 483 7.66 0.46 -15.43
CA TYR B 483 7.07 0.40 -14.10
C TYR B 483 7.89 -0.49 -13.19
N ASP B 484 7.78 -0.26 -11.89
CA ASP B 484 8.36 -1.16 -10.88
C ASP B 484 7.48 -2.37 -10.68
N SER B 485 6.16 -2.18 -10.74
CA SER B 485 5.23 -3.30 -10.67
C SER B 485 3.89 -2.99 -11.31
N LEU B 486 3.19 -4.05 -11.69
CA LEU B 486 1.90 -3.96 -12.36
C LEU B 486 0.93 -4.86 -11.61
N GLU B 487 -0.09 -4.26 -10.99
CA GLU B 487 -1.05 -4.98 -10.16
C GLU B 487 -2.30 -5.18 -11.00
N ILE B 488 -2.70 -6.44 -11.16
CA ILE B 488 -3.88 -6.78 -11.94
C ILE B 488 -4.73 -7.71 -11.07
N PRO B 489 -5.78 -7.16 -10.45
CA PRO B 489 -6.55 -7.97 -9.51
C PRO B 489 -7.02 -9.30 -10.10
N ALA B 490 -7.41 -9.33 -11.37
CA ALA B 490 -7.86 -10.58 -11.98
C ALA B 490 -6.72 -11.58 -12.10
N GLN B 491 -5.51 -11.11 -12.35
CA GLN B 491 -4.36 -12.00 -12.46
C GLN B 491 -3.93 -12.50 -11.07
N VAL B 492 -4.10 -11.69 -10.04
CA VAL B 492 -3.95 -12.13 -8.65
C VAL B 492 -4.93 -13.29 -8.38
N ALA B 493 -6.18 -13.12 -8.78
CA ALA B 493 -7.20 -14.15 -8.56
C ALA B 493 -6.88 -15.42 -9.34
N ALA B 494 -6.24 -15.28 -10.50
CA ALA B 494 -5.81 -16.45 -11.29
C ALA B 494 -4.72 -17.23 -10.56
N SER B 495 -3.83 -16.51 -9.86
CA SER B 495 -2.83 -17.18 -9.02
C SER B 495 -3.52 -17.95 -7.89
N TRP B 496 -4.58 -17.38 -7.32
CA TRP B 496 -5.37 -18.07 -6.29
C TRP B 496 -6.05 -19.30 -6.86
N GLU B 497 -6.50 -19.20 -8.09
CA GLU B 497 -7.21 -20.31 -8.73
C GLU B 497 -6.28 -21.52 -8.91
N SER B 498 -4.99 -21.27 -9.11
CA SER B 498 -4.01 -22.37 -9.27
C SER B 498 -3.72 -23.07 -7.96
N GLY B 499 -4.04 -22.40 -6.85
CA GLY B 499 -3.71 -22.90 -5.52
C GLY B 499 -2.29 -22.66 -5.05
N ARG B 500 -1.45 -22.11 -5.92
CA ARG B 500 -0.01 -21.94 -5.66
C ARG B 500 0.40 -20.54 -6.03
N ASP B 501 0.10 -19.59 -5.13
CA ASP B 501 0.09 -18.19 -5.50
C ASP B 501 1.43 -17.47 -5.55
N ASP B 502 2.52 -18.18 -5.28
CA ASP B 502 3.84 -17.61 -5.51
CA ASP B 502 3.85 -17.64 -5.44
C ASP B 502 4.76 -18.58 -6.25
N ALA B 503 4.16 -19.47 -7.05
CA ALA B 503 4.95 -20.46 -7.81
C ALA B 503 5.73 -19.81 -8.96
N ALA B 504 6.91 -20.38 -9.20
CA ALA B 504 7.79 -19.91 -10.28
C ALA B 504 7.11 -19.91 -11.64
N VAL B 505 6.36 -20.96 -11.91
CA VAL B 505 5.77 -21.12 -13.23
C VAL B 505 4.75 -20.02 -13.55
N PHE B 506 4.16 -19.37 -12.54
CA PHE B 506 3.25 -18.24 -12.77
C PHE B 506 3.94 -16.89 -12.70
N GLY B 507 5.27 -16.90 -12.84
CA GLY B 507 6.06 -15.68 -13.03
C GLY B 507 6.63 -15.08 -11.76
N PHE B 508 6.47 -15.78 -10.64
CA PHE B 508 6.89 -15.24 -9.35
C PHE B 508 8.35 -15.61 -9.11
N ILE B 509 9.17 -14.56 -8.96
CA ILE B 509 10.60 -14.71 -8.78
C ILE B 509 11.06 -13.41 -8.11
N ASP B 510 11.95 -13.49 -7.12
N ASP B 510 11.98 -13.52 -7.15
CA ASP B 510 12.36 -12.27 -6.42
CA ASP B 510 12.46 -12.35 -6.41
C ASP B 510 13.49 -11.58 -7.17
C ASP B 510 13.44 -11.56 -7.25
N LYS B 511 13.71 -10.32 -6.85
CA LYS B 511 14.60 -9.44 -7.63
C LYS B 511 15.99 -10.01 -7.83
N GLU B 512 16.57 -10.55 -6.76
CA GLU B 512 17.92 -11.09 -6.78
C GLU B 512 17.99 -12.36 -7.63
N GLN B 513 16.94 -13.16 -7.57
CA GLN B 513 16.86 -14.37 -8.42
C GLN B 513 16.73 -14.00 -9.90
N LEU B 514 15.91 -12.99 -10.20
CA LEU B 514 15.68 -12.58 -11.57
C LEU B 514 16.93 -11.90 -12.12
N ASP B 515 17.63 -11.14 -11.27
CA ASP B 515 18.91 -10.55 -11.69
C ASP B 515 19.91 -11.64 -12.07
N LYS B 516 20.03 -12.68 -11.24
CA LYS B 516 20.95 -13.80 -11.54
C LYS B 516 20.55 -14.51 -12.83
N TYR B 517 19.25 -14.71 -13.01
CA TYR B 517 18.74 -15.33 -14.23
C TYR B 517 19.14 -14.54 -15.47
N VAL B 518 19.01 -13.22 -15.38
CA VAL B 518 19.39 -12.34 -16.49
C VAL B 518 20.90 -12.40 -16.70
N ALA B 519 21.66 -12.36 -15.62
CA ALA B 519 23.14 -12.43 -15.70
C ALA B 519 23.62 -13.71 -16.38
N ASN B 520 22.93 -14.82 -16.14
CA ASN B 520 23.20 -16.10 -16.82
C ASN B 520 22.71 -16.15 -18.28
N GLY B 521 22.08 -15.07 -18.78
CA GLY B 521 21.70 -14.97 -20.19
C GLY B 521 20.22 -15.04 -20.54
N GLY B 522 19.37 -15.09 -19.52
CA GLY B 522 17.93 -15.08 -19.76
C GLY B 522 17.40 -13.67 -19.91
N LYS B 523 16.15 -13.56 -20.34
CA LYS B 523 15.47 -12.27 -20.49
C LYS B 523 14.44 -12.07 -19.37
N ARG B 524 14.36 -10.85 -18.81
CA ARG B 524 13.38 -10.53 -17.77
C ARG B 524 11.96 -10.88 -18.20
N SER B 525 11.68 -10.66 -19.48
CA SER B 525 10.35 -10.88 -20.02
C SER B 525 9.98 -12.36 -20.10
N ASP B 526 10.95 -13.25 -19.90
CA ASP B 526 10.65 -14.69 -19.79
C ASP B 526 9.77 -15.00 -18.58
N TRP B 527 9.74 -14.08 -17.61
CA TRP B 527 8.99 -14.28 -16.38
C TRP B 527 7.69 -13.50 -16.34
N THR B 528 7.37 -12.83 -17.45
CA THR B 528 6.09 -12.14 -17.60
C THR B 528 5.02 -13.07 -18.14
N VAL B 529 3.97 -13.25 -17.36
CA VAL B 529 2.82 -14.05 -17.79
C VAL B 529 1.79 -13.08 -18.34
N LYS B 530 1.50 -13.19 -19.63
CA LYS B 530 0.49 -12.33 -20.24
C LYS B 530 -0.91 -12.82 -19.89
N PHE B 531 -1.88 -11.92 -20.01
CA PHE B 531 -3.23 -12.12 -19.48
C PHE B 531 -4.24 -11.73 -20.56
N ALA B 532 -5.39 -12.39 -20.55
CA ALA B 532 -6.41 -12.15 -21.57
C ALA B 532 -7.81 -12.26 -20.99
N GLU B 533 -8.76 -11.66 -21.68
CA GLU B 533 -10.17 -11.80 -21.35
C GLU B 533 -10.82 -12.91 -22.18
N ASN B 534 -11.83 -13.54 -21.62
CA ASN B 534 -12.62 -14.55 -22.31
C ASN B 534 -14.02 -14.01 -22.55
N ARG B 535 -14.40 -13.91 -23.84
CA ARG B 535 -15.70 -13.38 -24.20
C ARG B 535 -16.47 -14.39 -25.00
N SER B 536 -17.78 -14.39 -24.88
CA SER B 536 -18.62 -15.28 -25.67
C SER B 536 -18.81 -14.69 -27.06
N GLN B 537 -19.45 -15.48 -27.93
CA GLN B 537 -19.78 -15.05 -29.29
C GLN B 537 -20.50 -13.69 -29.34
N ASP B 538 -21.47 -13.48 -28.46
CA ASP B 538 -22.18 -12.19 -28.42
C ASP B 538 -21.43 -11.06 -27.68
N GLY B 539 -20.19 -11.31 -27.26
CA GLY B 539 -19.34 -10.29 -26.67
C GLY B 539 -19.40 -10.18 -25.15
N THR B 540 -20.15 -11.08 -24.51
CA THR B 540 -20.29 -11.08 -23.05
C THR B 540 -18.95 -11.44 -22.42
N LEU B 541 -18.54 -10.64 -21.44
CA LEU B 541 -17.34 -10.93 -20.66
C LEU B 541 -17.61 -12.13 -19.73
N LEU B 542 -16.89 -13.23 -19.97
CA LEU B 542 -17.07 -14.47 -19.21
C LEU B 542 -16.08 -14.54 -18.04
N GLY B 543 -14.98 -13.83 -18.16
CA GLY B 543 -13.89 -13.88 -17.18
C GLY B 543 -12.58 -13.70 -17.91
N TYR B 544 -11.52 -14.32 -17.37
CA TYR B 544 -10.16 -14.11 -17.81
C TYR B 544 -9.38 -15.41 -17.75
N SER B 545 -8.27 -15.44 -18.49
CA SER B 545 -7.31 -16.55 -18.43
C SER B 545 -5.90 -16.03 -18.47
N LEU B 546 -4.99 -16.70 -17.76
CA LEU B 546 -3.58 -16.58 -18.10
C LEU B 546 -3.39 -17.01 -19.55
N LEU B 547 -2.49 -16.34 -20.29
CA LEU B 547 -2.13 -16.82 -21.61
C LEU B 547 -1.06 -17.91 -21.46
N GLN B 548 -1.51 -19.00 -20.86
CA GLN B 548 -0.64 -20.07 -20.40
C GLN B 548 -1.55 -21.26 -20.04
N GLU B 549 -1.22 -22.43 -20.58
CA GLU B 549 -1.95 -23.65 -20.26
C GLU B 549 -1.09 -24.45 -19.30
N SER B 550 -1.62 -24.66 -18.09
CA SER B 550 -0.84 -25.29 -17.02
C SER B 550 -0.94 -26.80 -17.08
N VAL B 551 0.20 -27.47 -16.88
CA VAL B 551 0.23 -28.94 -17.03
C VAL B 551 -0.50 -29.64 -15.89
N ASP B 552 -0.47 -29.08 -14.68
CA ASP B 552 -1.30 -29.65 -13.63
C ASP B 552 -2.80 -29.49 -13.94
N GLN B 553 -3.20 -28.29 -14.38
CA GLN B 553 -4.57 -28.01 -14.80
C GLN B 553 -5.02 -29.03 -15.83
N ALA B 554 -4.21 -29.20 -16.86
CA ALA B 554 -4.57 -30.12 -17.96
C ALA B 554 -4.72 -31.53 -17.39
N SER B 555 -3.85 -31.91 -16.46
CA SER B 555 -3.88 -33.24 -15.88
C SER B 555 -5.07 -33.47 -14.94
N TYR B 556 -5.45 -32.43 -14.21
CA TYR B 556 -6.68 -32.46 -13.41
C TYR B 556 -7.93 -32.53 -14.31
N MET B 557 -7.89 -31.84 -15.44
N MET B 557 -7.90 -31.87 -15.45
CA MET B 557 -8.99 -31.92 -16.42
CA MET B 557 -9.01 -31.98 -16.39
C MET B 557 -9.03 -33.33 -17.02
C MET B 557 -9.04 -33.39 -16.96
N TYR B 558 -7.86 -33.96 -17.23
CA TYR B 558 -7.79 -35.36 -17.64
C TYR B 558 -8.51 -36.23 -16.61
N SER B 559 -8.13 -36.04 -15.34
CA SER B 559 -8.74 -36.72 -14.20
C SER B 559 -10.25 -36.55 -14.15
N ASP B 560 -10.69 -35.31 -14.29
CA ASP B 560 -12.11 -34.97 -14.25
C ASP B 560 -12.83 -35.81 -15.30
N ASN B 561 -12.32 -35.81 -16.52
CA ASN B 561 -12.98 -36.56 -17.60
C ASN B 561 -12.94 -38.07 -17.34
N HIS B 562 -11.80 -38.56 -16.87
CA HIS B 562 -11.62 -39.97 -16.64
C HIS B 562 -12.62 -40.49 -15.58
N TYR B 563 -12.74 -39.73 -14.48
CA TYR B 563 -13.63 -40.16 -13.40
C TYR B 563 -15.10 -39.96 -13.77
N LEU B 564 -15.39 -38.93 -14.55
CA LEU B 564 -16.76 -38.75 -15.08
C LEU B 564 -17.13 -39.92 -15.99
N ALA B 565 -16.19 -40.40 -16.80
CA ALA B 565 -16.43 -41.59 -17.63
C ALA B 565 -16.78 -42.79 -16.76
N GLU B 566 -16.00 -42.98 -15.69
CA GLU B 566 -16.26 -44.11 -14.79
C GLU B 566 -17.61 -43.99 -14.12
N MET B 567 -17.98 -42.78 -13.69
CA MET B 567 -19.27 -42.55 -13.09
C MET B 567 -20.42 -42.75 -14.05
N ALA B 568 -20.25 -42.25 -15.28
CA ALA B 568 -21.27 -42.42 -16.30
C ALA B 568 -21.53 -43.91 -16.54
N THR B 569 -20.46 -44.69 -16.57
CA THR B 569 -20.58 -46.14 -16.72
C THR B 569 -21.36 -46.73 -15.54
N ILE B 570 -20.98 -46.35 -14.33
CA ILE B 570 -21.67 -46.82 -13.11
C ILE B 570 -23.17 -46.54 -13.18
N LEU B 571 -23.53 -45.37 -13.73
CA LEU B 571 -24.90 -44.87 -13.75
C LEU B 571 -25.68 -45.34 -14.99
N GLY B 572 -25.05 -46.16 -15.81
CA GLY B 572 -25.69 -46.68 -17.03
C GLY B 572 -25.90 -45.61 -18.10
N LYS B 573 -24.89 -44.76 -18.26
CA LYS B 573 -24.90 -43.70 -19.30
C LYS B 573 -23.73 -43.94 -20.25
N PRO B 574 -23.80 -45.01 -21.05
CA PRO B 574 -22.64 -45.41 -21.85
C PRO B 574 -22.17 -44.38 -22.88
N GLU B 575 -23.08 -43.61 -23.46
CA GLU B 575 -22.66 -42.65 -24.49
C GLU B 575 -21.99 -41.44 -23.86
N GLU B 576 -22.43 -41.07 -22.66
CA GLU B 576 -21.78 -40.01 -21.89
C GLU B 576 -20.39 -40.48 -21.50
N ALA B 577 -20.26 -41.74 -21.11
CA ALA B 577 -18.95 -42.30 -20.76
C ALA B 577 -17.99 -42.27 -21.94
N LYS B 578 -18.48 -42.63 -23.12
CA LYS B 578 -17.67 -42.60 -24.32
C LYS B 578 -17.16 -41.19 -24.61
N ARG B 579 -18.02 -40.19 -24.47
CA ARG B 579 -17.59 -38.82 -24.74
C ARG B 579 -16.50 -38.41 -23.76
N TYR B 580 -16.67 -38.78 -22.50
CA TYR B 580 -15.66 -38.37 -21.49
C TYR B 580 -14.34 -39.09 -21.69
N ARG B 581 -14.38 -40.36 -22.05
CA ARG B 581 -13.16 -41.10 -22.40
C ARG B 581 -12.43 -40.41 -23.55
N GLN B 582 -13.17 -39.94 -24.55
CA GLN B 582 -12.56 -39.27 -25.68
C GLN B 582 -11.96 -37.91 -25.33
N LEU B 583 -12.67 -37.14 -24.50
CA LEU B 583 -12.10 -35.87 -24.04
C LEU B 583 -10.81 -36.10 -23.22
N ALA B 584 -10.81 -37.14 -22.38
CA ALA B 584 -9.62 -37.49 -21.61
C ALA B 584 -8.45 -37.89 -22.52
N GLN B 585 -8.72 -38.73 -23.52
CA GLN B 585 -7.68 -39.14 -24.47
C GLN B 585 -7.05 -37.94 -25.18
N GLN B 586 -7.88 -37.00 -25.61
CA GLN B 586 -7.35 -35.83 -26.30
C GLN B 586 -6.47 -34.99 -25.38
N LEU B 587 -6.90 -34.85 -24.13
CA LEU B 587 -6.10 -34.13 -23.15
C LEU B 587 -4.78 -34.83 -22.90
N ALA B 588 -4.81 -36.15 -22.74
CA ALA B 588 -3.55 -36.87 -22.56
C ALA B 588 -2.60 -36.67 -23.75
N ASP B 589 -3.14 -36.74 -24.96
CA ASP B 589 -2.33 -36.56 -26.15
C ASP B 589 -1.71 -35.16 -26.17
N TYR B 590 -2.47 -34.14 -25.78
CA TYR B 590 -1.93 -32.78 -25.74
C TYR B 590 -0.85 -32.65 -24.67
N ILE B 591 -1.11 -33.23 -23.52
CA ILE B 591 -0.14 -33.21 -22.42
C ILE B 591 1.17 -33.85 -22.85
N ASN B 592 1.09 -35.05 -23.41
CA ASN B 592 2.29 -35.79 -23.80
C ASN B 592 3.01 -35.15 -24.98
N THR B 593 2.28 -34.57 -25.92
CA THR B 593 2.93 -33.98 -27.08
C THR B 593 3.46 -32.58 -26.78
N CYS B 594 2.62 -31.74 -26.18
CA CYS B 594 2.94 -30.33 -26.03
C CYS B 594 3.68 -29.94 -24.76
N MET B 595 3.41 -30.65 -23.67
CA MET B 595 3.91 -30.25 -22.37
C MET B 595 5.12 -31.04 -21.90
N PHE B 596 5.45 -32.13 -22.59
CA PHE B 596 6.66 -32.90 -22.27
C PHE B 596 7.86 -32.38 -23.05
N ASP B 597 8.92 -32.02 -22.34
CA ASP B 597 10.15 -31.60 -22.99
C ASP B 597 11.16 -32.75 -23.05
N PRO B 598 11.44 -33.27 -24.26
CA PRO B 598 12.38 -34.39 -24.34
C PRO B 598 13.77 -34.07 -23.81
N THR B 599 14.23 -32.84 -23.99
CA THR B 599 15.60 -32.47 -23.62
C THR B 599 15.84 -32.57 -22.11
N THR B 600 14.90 -32.09 -21.31
CA THR B 600 15.03 -32.15 -19.86
C THR B 600 14.24 -33.29 -19.20
N GLN B 601 13.51 -34.05 -20.01
CA GLN B 601 12.80 -35.24 -19.57
C GLN B 601 11.79 -34.95 -18.45
N PHE B 602 10.99 -33.89 -18.67
CA PHE B 602 10.05 -33.40 -17.68
C PHE B 602 8.92 -32.64 -18.34
N TYR B 603 7.83 -32.44 -17.61
CA TYR B 603 6.68 -31.70 -18.11
C TYR B 603 6.66 -30.29 -17.55
N TYR B 604 6.10 -29.39 -18.36
CA TYR B 604 6.00 -27.98 -18.00
C TYR B 604 4.73 -27.38 -18.55
N ASP B 605 4.33 -26.25 -18.00
CA ASP B 605 3.28 -25.43 -18.62
C ASP B 605 3.74 -25.00 -20.02
N VAL B 606 2.79 -24.62 -20.87
CA VAL B 606 3.11 -23.97 -22.15
C VAL B 606 2.49 -22.60 -22.18
N ARG B 607 3.14 -21.65 -22.84
CA ARG B 607 2.46 -20.36 -23.08
C ARG B 607 1.41 -20.54 -24.15
N ILE B 608 0.39 -19.68 -24.11
CA ILE B 608 -0.43 -19.46 -25.30
C ILE B 608 0.29 -18.33 -26.03
N GLU B 609 1.06 -18.72 -27.05
CA GLU B 609 1.86 -17.78 -27.83
C GLU B 609 0.95 -17.08 -28.81
N ASP B 610 1.45 -16.04 -29.47
CA ASP B 610 0.61 -15.26 -30.37
C ASP B 610 0.01 -16.08 -31.50
N LYS B 611 0.73 -17.10 -31.94
CA LYS B 611 0.16 -18.10 -32.83
C LYS B 611 0.62 -19.46 -32.33
N PRO B 612 -0.16 -20.50 -32.63
CA PRO B 612 0.27 -21.83 -32.22
C PRO B 612 1.52 -22.29 -32.94
N LEU B 613 2.22 -23.24 -32.34
CA LEU B 613 3.30 -23.92 -33.01
C LEU B 613 2.74 -24.68 -34.21
N ALA B 614 3.64 -25.05 -35.12
CA ALA B 614 3.24 -25.76 -36.35
C ALA B 614 2.50 -27.05 -36.03
N ASN B 615 2.88 -27.72 -34.92
CA ASN B 615 2.23 -28.97 -34.51
C ASN B 615 0.88 -28.77 -33.82
N GLY B 616 0.42 -27.53 -33.69
CA GLY B 616 -0.87 -27.23 -33.10
C GLY B 616 -0.83 -26.92 -31.62
N CYS B 617 0.29 -27.19 -30.96
CA CYS B 617 0.43 -26.85 -29.54
C CYS B 617 0.36 -25.34 -29.39
N ALA B 618 -0.24 -24.85 -28.30
CA ALA B 618 -0.43 -23.40 -28.12
C ALA B 618 0.86 -22.62 -27.98
N GLY B 619 1.91 -23.29 -27.56
CA GLY B 619 3.21 -22.66 -27.37
C GLY B 619 4.21 -23.67 -26.88
N LYS B 620 5.46 -23.24 -26.74
CA LYS B 620 6.55 -24.11 -26.29
C LYS B 620 6.45 -24.35 -24.79
N PRO B 621 6.95 -25.50 -24.32
CA PRO B 621 7.06 -25.65 -22.87
C PRO B 621 7.92 -24.56 -22.24
N ILE B 622 7.52 -24.11 -21.05
CA ILE B 622 8.19 -22.99 -20.38
C ILE B 622 9.35 -23.57 -19.54
N VAL B 623 10.30 -24.18 -20.25
CA VAL B 623 11.41 -24.87 -19.60
CA VAL B 623 11.42 -24.87 -19.62
C VAL B 623 12.27 -23.93 -18.78
N GLU B 624 12.38 -22.68 -19.22
CA GLU B 624 13.29 -21.72 -18.60
C GLU B 624 12.88 -21.26 -17.19
N ARG B 625 11.62 -21.42 -16.83
CA ARG B 625 11.19 -21.09 -15.47
C ARG B 625 11.44 -22.25 -14.51
N GLY B 626 11.93 -23.37 -15.03
CA GLY B 626 12.38 -24.48 -14.20
C GLY B 626 11.28 -25.48 -13.86
N LYS B 627 11.69 -26.53 -13.15
CA LYS B 627 10.85 -27.65 -12.82
C LYS B 627 10.10 -27.43 -11.51
N GLY B 628 8.87 -27.93 -11.46
CA GLY B 628 8.05 -27.91 -10.26
C GLY B 628 7.20 -29.16 -10.16
N PRO B 629 6.40 -29.26 -9.09
CA PRO B 629 5.58 -30.43 -8.85
C PRO B 629 4.50 -30.66 -9.91
N GLU B 630 4.18 -29.61 -10.66
CA GLU B 630 3.25 -29.76 -11.77
C GLU B 630 3.79 -30.79 -12.77
N GLY B 631 5.11 -30.95 -12.81
CA GLY B 631 5.74 -31.93 -13.69
C GLY B 631 5.39 -33.38 -13.46
N TRP B 632 4.98 -33.76 -12.25
CA TRP B 632 4.50 -35.11 -12.01
C TRP B 632 2.98 -35.19 -11.91
N SER B 633 2.29 -34.07 -12.17
CA SER B 633 0.84 -34.11 -12.23
C SER B 633 0.34 -35.10 -13.30
N PRO B 634 1.02 -35.15 -14.48
CA PRO B 634 0.54 -36.15 -15.44
C PRO B 634 0.64 -37.61 -14.96
N LEU B 635 1.57 -37.86 -14.05
CA LEU B 635 1.74 -39.20 -13.50
C LEU B 635 0.69 -39.49 -12.44
N PHE B 636 0.51 -38.57 -11.49
CA PHE B 636 -0.49 -38.74 -10.47
C PHE B 636 -1.86 -38.99 -11.11
N ASN B 637 -2.19 -38.16 -12.11
CA ASN B 637 -3.50 -38.21 -12.75
C ASN B 637 -3.66 -39.26 -13.86
N GLY B 638 -2.57 -39.92 -14.25
CA GLY B 638 -2.58 -41.03 -15.17
C GLY B 638 -2.64 -40.63 -16.64
N ALA B 639 -2.29 -39.37 -16.94
CA ALA B 639 -2.26 -38.91 -18.33
C ALA B 639 -0.96 -39.28 -19.05
N ALA B 640 0.10 -39.49 -18.30
CA ALA B 640 1.41 -39.76 -18.87
C ALA B 640 1.46 -41.09 -19.60
N THR B 641 2.22 -41.13 -20.68
CA THR B 641 2.62 -42.40 -21.27
C THR B 641 3.63 -43.04 -20.31
N GLN B 642 3.78 -44.35 -20.39
CA GLN B 642 4.77 -45.03 -19.57
C GLN B 642 6.17 -44.50 -19.80
N ALA B 643 6.54 -44.28 -21.05
CA ALA B 643 7.85 -43.76 -21.37
C ALA B 643 8.10 -42.40 -20.75
N ASN B 644 7.13 -41.49 -20.81
CA ASN B 644 7.32 -40.18 -20.22
C ASN B 644 7.32 -40.26 -18.69
N ALA B 645 6.53 -41.16 -18.12
CA ALA B 645 6.55 -41.36 -16.67
C ALA B 645 7.91 -41.88 -16.24
N ASP B 646 8.46 -42.84 -16.97
CA ASP B 646 9.80 -43.36 -16.65
C ASP B 646 10.80 -42.21 -16.57
N ALA B 647 10.72 -41.27 -17.51
CA ALA B 647 11.62 -40.15 -17.55
C ALA B 647 11.42 -39.23 -16.34
N VAL B 648 10.17 -38.90 -16.05
CA VAL B 648 9.86 -38.02 -14.94
C VAL B 648 10.33 -38.62 -13.59
N VAL B 649 10.14 -39.91 -13.38
CA VAL B 649 10.52 -40.53 -12.12
C VAL B 649 12.03 -40.41 -11.90
N LYS B 650 12.82 -40.55 -12.96
CA LYS B 650 14.27 -40.34 -12.84
C LYS B 650 14.63 -38.94 -12.35
N VAL B 651 13.92 -37.93 -12.83
CA VAL B 651 14.13 -36.57 -12.35
C VAL B 651 13.71 -36.43 -10.89
N MET B 652 12.55 -36.99 -10.54
CA MET B 652 12.08 -36.94 -9.15
C MET B 652 13.10 -37.52 -8.17
N LEU B 653 13.76 -38.60 -8.57
CA LEU B 653 14.71 -39.31 -7.69
C LEU B 653 16.12 -38.74 -7.75
N ASP B 654 16.34 -37.72 -8.58
CA ASP B 654 17.64 -37.13 -8.76
C ASP B 654 17.92 -36.17 -7.60
N PRO B 655 19.00 -36.38 -6.86
CA PRO B 655 19.34 -35.43 -5.79
C PRO B 655 19.70 -34.01 -6.27
N LYS B 656 19.92 -33.82 -7.55
CA LYS B 656 20.15 -32.50 -8.10
C LYS B 656 18.82 -31.75 -8.36
N GLU B 657 17.71 -32.46 -8.28
CA GLU B 657 16.42 -31.89 -8.67
C GLU B 657 15.46 -31.88 -7.48
N PHE B 658 14.84 -33.01 -7.18
CA PHE B 658 13.82 -33.10 -6.13
C PHE B 658 14.11 -34.07 -5.00
N ASN B 659 15.20 -34.85 -5.08
CA ASN B 659 15.41 -35.85 -4.05
C ASN B 659 16.24 -35.27 -2.91
N THR B 660 15.56 -34.42 -2.14
CA THR B 660 16.14 -33.60 -1.12
C THR B 660 15.88 -34.24 0.26
N PHE B 661 16.47 -33.66 1.30
CA PHE B 661 16.32 -34.12 2.68
C PHE B 661 14.87 -34.49 3.03
N VAL B 662 13.95 -33.57 2.74
CA VAL B 662 12.54 -33.95 2.60
C VAL B 662 12.26 -33.82 1.11
N PRO B 663 11.95 -34.94 0.44
CA PRO B 663 11.91 -34.84 -1.03
C PRO B 663 10.60 -34.30 -1.61
N LEU B 664 10.66 -33.97 -2.89
CA LEU B 664 9.49 -33.64 -3.73
C LEU B 664 8.84 -32.31 -3.38
N GLY B 665 9.68 -31.29 -3.22
CA GLY B 665 9.21 -29.96 -2.94
C GLY B 665 8.66 -29.22 -4.14
N THR B 666 8.27 -27.97 -3.91
CA THR B 666 7.49 -27.22 -4.88
C THR B 666 8.31 -26.48 -5.94
N ALA B 667 9.64 -26.58 -5.86
CA ALA B 667 10.50 -26.23 -6.99
C ALA B 667 11.74 -27.09 -6.88
N ALA B 668 12.27 -27.52 -8.02
CA ALA B 668 13.54 -28.26 -8.02
C ALA B 668 14.67 -27.34 -7.57
N LEU B 669 15.72 -27.95 -7.06
CA LEU B 669 16.90 -27.22 -6.64
C LEU B 669 17.52 -26.41 -7.77
N THR B 670 17.28 -26.85 -9.01
CA THR B 670 17.78 -26.21 -10.23
C THR B 670 16.91 -25.05 -10.72
N ASN B 671 15.74 -24.90 -10.12
CA ASN B 671 14.80 -23.87 -10.55
C ASN B 671 15.36 -22.49 -10.26
N PRO B 672 15.36 -21.57 -11.25
CA PRO B 672 15.94 -20.24 -11.00
C PRO B 672 15.31 -19.45 -9.86
N ALA B 673 14.07 -19.77 -9.49
CA ALA B 673 13.35 -19.07 -8.44
C ALA B 673 13.27 -19.86 -7.13
N PHE B 674 14.03 -20.95 -7.04
CA PHE B 674 14.03 -21.79 -5.86
C PHE B 674 14.45 -21.04 -4.60
N GLY B 675 13.70 -21.25 -3.51
CA GLY B 675 14.18 -20.91 -2.18
C GLY B 675 13.62 -21.89 -1.18
N ALA B 676 14.48 -22.39 -0.29
CA ALA B 676 14.10 -23.48 0.59
C ALA B 676 13.02 -23.09 1.58
N ASP B 677 12.88 -21.81 1.87
CA ASP B 677 11.84 -21.35 2.78
C ASP B 677 10.62 -20.73 2.07
N ILE B 678 10.61 -20.72 0.73
CA ILE B 678 9.51 -20.16 -0.06
C ILE B 678 8.38 -21.18 -0.20
N TYR B 679 7.17 -20.80 0.22
CA TYR B 679 6.02 -21.71 0.23
C TYR B 679 5.83 -22.52 -1.05
N TRP B 680 5.79 -21.84 -2.20
CA TRP B 680 5.50 -22.54 -3.46
C TRP B 680 6.68 -22.57 -4.42
N ARG B 681 7.88 -22.28 -3.92
CA ARG B 681 9.10 -22.33 -4.75
C ARG B 681 10.21 -23.09 -4.02
N GLY B 682 9.83 -24.10 -3.27
CA GLY B 682 10.82 -24.97 -2.65
C GLY B 682 10.27 -25.82 -1.54
N ARG B 683 9.41 -25.25 -0.70
CA ARG B 683 8.88 -25.99 0.42
C ARG B 683 8.05 -27.20 -0.02
N VAL B 684 8.08 -28.24 0.80
CA VAL B 684 7.39 -29.48 0.54
C VAL B 684 6.04 -29.43 1.20
N TRP B 685 5.00 -29.70 0.42
CA TRP B 685 3.62 -29.84 0.91
C TRP B 685 3.24 -31.33 0.82
N VAL B 686 2.44 -31.81 1.76
CA VAL B 686 2.13 -33.23 1.86
C VAL B 686 1.24 -33.71 0.72
N ASP B 687 0.36 -32.83 0.23
CA ASP B 687 -0.43 -33.15 -0.95
C ASP B 687 0.45 -33.42 -2.18
N GLN B 688 1.35 -32.52 -2.50
CA GLN B 688 2.16 -32.67 -3.70
C GLN B 688 3.12 -33.85 -3.54
N PHE B 689 3.60 -34.05 -2.32
CA PHE B 689 4.46 -35.20 -2.03
C PHE B 689 3.72 -36.50 -2.29
N TRP B 690 2.53 -36.63 -1.70
CA TRP B 690 1.73 -37.82 -1.91
C TRP B 690 1.31 -37.97 -3.39
N PHE B 691 0.98 -36.87 -4.06
CA PHE B 691 0.70 -36.97 -5.51
C PHE B 691 1.89 -37.59 -6.23
N GLY B 692 3.11 -37.18 -5.86
CA GLY B 692 4.33 -37.69 -6.48
C GLY B 692 4.48 -39.17 -6.20
N LEU B 693 4.29 -39.60 -4.95
CA LEU B 693 4.45 -41.02 -4.64
C LEU B 693 3.39 -41.85 -5.37
N LYS B 694 2.15 -41.38 -5.41
CA LYS B 694 1.11 -42.08 -6.14
C LYS B 694 1.39 -42.16 -7.62
N GLY B 695 1.87 -41.07 -8.20
CA GLY B 695 2.29 -41.06 -9.60
C GLY B 695 3.38 -42.06 -9.89
N MET B 696 4.41 -42.10 -9.04
N MET B 696 4.39 -42.06 -9.04
CA MET B 696 5.49 -43.08 -9.15
CA MET B 696 5.48 -43.03 -9.06
C MET B 696 4.91 -44.50 -9.08
C MET B 696 4.94 -44.46 -9.05
N GLU B 697 4.09 -44.76 -8.08
CA GLU B 697 3.54 -46.10 -7.89
C GLU B 697 2.71 -46.52 -9.11
N ARG B 698 1.93 -45.56 -9.63
CA ARG B 698 1.03 -45.84 -10.75
C ARG B 698 1.78 -46.43 -11.93
N TYR B 699 2.99 -45.94 -12.17
CA TYR B 699 3.80 -46.35 -13.32
C TYR B 699 4.91 -47.36 -12.99
N GLY B 700 4.78 -48.07 -11.85
CA GLY B 700 5.62 -49.23 -11.54
C GLY B 700 6.74 -48.98 -10.56
N TYR B 701 6.73 -47.84 -9.87
CA TYR B 701 7.84 -47.45 -8.99
C TYR B 701 7.42 -47.44 -7.50
N ARG B 702 6.58 -48.39 -7.12
CA ARG B 702 6.21 -48.53 -5.70
C ARG B 702 7.44 -48.64 -4.81
N ASP B 703 8.45 -49.42 -5.20
CA ASP B 703 9.63 -49.58 -4.34
C ASP B 703 10.31 -48.24 -4.05
N ASP B 704 10.47 -47.41 -5.07
CA ASP B 704 11.08 -46.11 -4.87
C ASP B 704 10.19 -45.18 -4.07
N ALA B 705 8.87 -45.26 -4.29
CA ALA B 705 7.90 -44.49 -3.50
C ALA B 705 7.98 -44.85 -2.02
N LEU B 706 8.08 -46.13 -1.73
CA LEU B 706 8.23 -46.58 -0.34
C LEU B 706 9.48 -46.01 0.30
N LYS B 707 10.58 -45.99 -0.44
CA LYS B 707 11.81 -45.42 0.08
C LYS B 707 11.67 -43.94 0.39
N LEU B 708 11.07 -43.19 -0.53
CA LEU B 708 10.84 -41.76 -0.28
C LEU B 708 9.92 -41.53 0.91
N ALA B 709 8.92 -42.39 1.08
CA ALA B 709 8.02 -42.27 2.23
C ALA B 709 8.78 -42.48 3.55
N ASP B 710 9.74 -43.40 3.56
CA ASP B 710 10.57 -43.60 4.77
C ASP B 710 11.45 -42.40 5.03
N THR B 711 11.99 -41.80 3.97
CA THR B 711 12.82 -40.62 4.10
C THR B 711 12.00 -39.49 4.71
N PHE B 712 10.79 -39.29 4.17
CA PHE B 712 9.86 -38.33 4.75
C PHE B 712 9.57 -38.65 6.22
N PHE B 713 9.32 -39.91 6.53
CA PHE B 713 9.00 -40.27 7.92
C PHE B 713 10.16 -39.93 8.85
N ARG B 714 11.39 -40.13 8.37
CA ARG B 714 12.60 -39.85 9.15
C ARG B 714 12.96 -38.38 9.26
N HIS B 715 12.59 -37.56 8.26
CA HIS B 715 13.15 -36.21 8.13
C HIS B 715 12.18 -35.05 8.30
N ALA B 716 10.91 -35.32 8.07
CA ALA B 716 9.86 -34.30 8.30
C ALA B 716 9.79 -33.97 9.79
N LYS B 717 10.19 -32.76 10.15
CA LYS B 717 10.35 -32.41 11.57
C LYS B 717 9.03 -32.50 12.30
N GLY B 718 9.09 -33.02 13.52
CA GLY B 718 7.95 -33.09 14.42
C GLY B 718 6.95 -34.20 14.17
N LEU B 719 7.21 -35.05 13.18
CA LEU B 719 6.21 -36.02 12.76
C LEU B 719 5.79 -36.98 13.88
N THR B 720 6.77 -37.45 14.67
CA THR B 720 6.52 -38.38 15.77
C THR B 720 6.40 -37.72 17.12
N ALA B 721 6.38 -36.38 17.14
CA ALA B 721 6.16 -35.61 18.36
C ALA B 721 4.68 -35.23 18.47
N ASP B 722 4.32 -34.46 19.50
CA ASP B 722 2.92 -34.20 19.84
C ASP B 722 2.44 -32.82 19.43
N GLY B 723 3.12 -32.18 18.48
CA GLY B 723 2.69 -30.89 17.98
C GLY B 723 1.58 -31.02 16.96
N PRO B 724 0.90 -29.91 16.70
CA PRO B 724 -0.15 -29.95 15.69
C PRO B 724 0.43 -30.03 14.29
N ILE B 725 -0.39 -30.52 13.36
CA ILE B 725 0.04 -30.71 11.98
C ILE B 725 0.05 -29.38 11.25
N GLN B 726 1.12 -29.08 10.52
CA GLN B 726 1.26 -27.78 9.82
C GLN B 726 1.18 -27.94 8.30
N GLU B 727 1.56 -26.92 7.55
CA GLU B 727 1.31 -26.91 6.10
C GLU B 727 2.46 -27.47 5.26
N ASN B 728 3.71 -27.16 5.63
CA ASN B 728 4.78 -27.47 4.70
C ASN B 728 6.13 -27.57 5.41
N TYR B 729 7.15 -27.95 4.64
CA TYR B 729 8.47 -28.24 5.18
C TYR B 729 9.56 -27.65 4.34
N ASN B 730 10.63 -27.23 4.98
CA ASN B 730 11.84 -26.84 4.27
C ASN B 730 12.46 -28.13 3.68
N PRO B 731 12.72 -28.17 2.36
CA PRO B 731 13.23 -29.41 1.75
C PRO B 731 14.64 -29.80 2.19
N LEU B 732 15.38 -28.83 2.70
CA LEU B 732 16.77 -29.02 3.09
C LEU B 732 16.88 -29.37 4.56
N THR B 733 15.97 -28.87 5.40
CA THR B 733 16.08 -29.08 6.85
C THR B 733 14.91 -29.82 7.50
N GLY B 734 13.78 -29.93 6.80
CA GLY B 734 12.60 -30.54 7.38
C GLY B 734 11.75 -29.62 8.27
N ALA B 735 12.17 -28.35 8.44
CA ALA B 735 11.50 -27.42 9.38
C ALA B 735 10.11 -27.04 8.89
N GLN B 736 9.16 -27.01 9.82
CA GLN B 736 7.74 -26.79 9.48
C GLN B 736 7.31 -25.34 9.47
N GLN B 737 6.36 -25.01 8.60
N GLN B 737 6.34 -25.03 8.62
CA GLN B 737 5.69 -23.73 8.64
CA GLN B 737 5.68 -23.74 8.64
C GLN B 737 4.22 -23.93 8.30
C GLN B 737 4.21 -23.95 8.35
N GLY B 738 3.41 -22.95 8.69
CA GLY B 738 2.01 -22.92 8.32
C GLY B 738 1.06 -23.02 9.49
N ALA B 739 -0.23 -22.94 9.18
CA ALA B 739 -1.27 -23.02 10.21
C ALA B 739 -1.18 -24.35 10.94
N PRO B 740 -1.28 -24.32 12.28
CA PRO B 740 -1.38 -25.57 13.02
C PRO B 740 -2.75 -26.21 12.82
N ASN B 741 -2.81 -27.53 12.89
CA ASN B 741 -4.06 -28.28 12.70
C ASN B 741 -4.60 -28.16 11.29
N PHE B 742 -3.68 -28.28 10.33
CA PHE B 742 -3.98 -28.07 8.92
C PHE B 742 -4.57 -29.32 8.29
N SER B 743 -5.78 -29.18 7.73
CA SER B 743 -6.52 -30.33 7.27
C SER B 743 -5.88 -31.13 6.14
N TRP B 744 -5.52 -30.50 5.03
CA TRP B 744 -5.05 -31.35 3.93
C TRP B 744 -3.74 -32.02 4.23
N SER B 745 -2.95 -31.43 5.10
CA SER B 745 -1.76 -32.15 5.59
C SER B 745 -2.16 -33.39 6.36
N ALA B 746 -3.15 -33.25 7.25
CA ALA B 746 -3.69 -34.40 7.94
C ALA B 746 -4.22 -35.43 6.96
N ALA B 747 -4.95 -34.98 5.94
CA ALA B 747 -5.54 -35.88 4.98
C ALA B 747 -4.45 -36.70 4.29
N HIS B 748 -3.41 -36.03 3.82
CA HIS B 748 -2.36 -36.71 3.06
C HIS B 748 -1.40 -37.50 3.94
N LEU B 749 -1.26 -37.09 5.19
CA LEU B 749 -0.49 -37.91 6.15
C LEU B 749 -1.26 -39.20 6.42
N TYR B 750 -2.58 -39.10 6.54
CA TYR B 750 -3.42 -40.28 6.66
C TYR B 750 -3.27 -41.17 5.42
N MET B 751 -3.32 -40.58 4.23
CA MET B 751 -3.15 -41.33 2.99
CA MET B 751 -3.18 -41.38 3.04
C MET B 751 -1.78 -42.00 2.94
N LEU B 752 -0.75 -41.30 3.40
CA LEU B 752 0.60 -41.90 3.48
C LEU B 752 0.63 -43.09 4.41
N TYR B 753 -0.02 -42.97 5.57
CA TYR B 753 -0.18 -44.12 6.47
C TYR B 753 -0.85 -45.30 5.76
N ASN B 754 -1.93 -45.02 5.03
CA ASN B 754 -2.69 -46.04 4.32
C ASN B 754 -1.85 -46.72 3.22
N ASP B 755 -1.08 -45.92 2.50
CA ASP B 755 -0.51 -46.32 1.21
C ASP B 755 0.98 -46.65 1.23
N PHE B 756 1.77 -45.91 2.00
CA PHE B 756 3.23 -45.98 1.90
C PHE B 756 4.02 -46.15 3.18
N PHE B 757 3.51 -45.75 4.35
CA PHE B 757 4.29 -45.92 5.57
C PHE B 757 4.27 -47.39 6.00
N ARG B 758 5.41 -47.89 6.44
CA ARG B 758 5.48 -49.23 7.01
C ARG B 758 6.76 -49.44 7.80
N LYS B 759 6.74 -50.51 8.59
CA LYS B 759 7.91 -50.91 9.36
C LYS B 759 9.04 -51.28 8.41
N GLN B 760 10.25 -50.82 8.74
CA GLN B 760 11.44 -51.03 7.92
C GLN B 760 12.09 -52.35 8.28
CA CA C . -18.65 27.11 6.55
MG MG D . -6.31 14.69 -11.78
C1 BMA E . 4.06 20.55 -1.07
C2 BMA E . 3.52 21.38 0.10
C3 BMA E . 2.65 22.50 -0.45
C4 BMA E . 3.42 23.29 -1.50
C5 BMA E . 3.99 22.38 -2.58
C6 BMA E . 4.90 23.10 -3.57
O1 BMA E . 4.95 19.53 -0.65
O2 BMA E . 4.58 21.86 0.95
O3 BMA E . 2.23 23.39 0.58
O4 BMA E . 2.49 24.22 -2.08
O5 BMA E . 4.79 21.37 -2.00
O6 BMA E . 5.98 23.77 -2.88
C1 BMA F . 0.66 18.48 -2.56
C2 BMA F . -0.15 18.49 -3.85
C3 BMA F . 0.29 17.33 -4.74
C4 BMA F . 1.79 17.38 -4.97
C5 BMA F . 2.55 17.47 -3.65
C6 BMA F . 4.03 17.73 -3.85
O1 BMA F . 0.34 19.61 -1.74
O2 BMA F . 0.06 19.73 -4.53
O3 BMA F . -0.43 17.40 -5.98
O4 BMA F . 2.18 16.16 -5.61
O5 BMA F . 2.05 18.58 -2.89
O6 BMA F . 4.76 17.51 -2.63
C1 BMA G . 45.13 17.19 -29.12
C2 BMA G . 46.12 16.23 -29.75
C3 BMA G . 47.43 16.98 -29.95
C4 BMA G . 47.19 18.22 -30.81
C5 BMA G . 46.13 19.07 -30.14
C6 BMA G . 45.81 20.33 -30.92
O1 BMA G . 43.87 16.54 -28.94
O2 BMA G . 45.55 15.77 -30.99
O3 BMA G . 48.43 16.16 -30.56
O4 BMA G . 48.41 18.99 -30.94
O5 BMA G . 44.94 18.30 -29.99
O6 BMA G . 45.17 19.96 -32.13
CA CA H . -6.77 -23.49 -23.97
MG MG I . -16.22 -10.83 -4.03
C1 BMA J . -4.41 -20.60 0.73
C2 BMA J . -3.78 -21.43 -0.38
C3 BMA J . -4.83 -22.29 -1.09
C4 BMA J . -5.66 -23.06 -0.07
C5 BMA J . -6.19 -22.13 1.02
C6 BMA J . -6.93 -22.85 2.13
O1 BMA J . -3.40 -19.88 1.46
O2 BMA J . -2.75 -22.26 0.15
O3 BMA J . -4.23 -23.23 -1.98
O4 BMA J . -6.73 -23.68 -0.81
O5 BMA J . -5.11 -21.43 1.67
O6 BMA J . -6.05 -23.80 2.73
C1 BMA K . -6.42 -17.69 -1.59
C2 BMA K . -7.86 -17.29 -1.84
C3 BMA K . -8.26 -16.12 -0.95
C4 BMA K . -7.94 -16.42 0.51
C5 BMA K . -6.50 -16.90 0.67
C6 BMA K . -6.24 -17.35 2.10
O1 BMA K . -6.10 -18.83 -2.37
O2 BMA K . -8.74 -18.40 -1.57
O3 BMA K . -9.66 -15.83 -1.15
O4 BMA K . -8.11 -15.22 1.26
O5 BMA K . -6.23 -17.99 -0.22
O6 BMA K . -4.86 -17.69 2.27
C1 BMA L . -14.06 -20.30 49.41
C2 BMA L . -14.25 -19.32 50.56
C3 BMA L . -14.27 -20.06 51.89
C4 BMA L . -15.30 -21.21 51.86
C5 BMA L . -15.13 -22.06 50.60
C6 BMA L . -16.21 -23.11 50.45
O1 BMA L . -14.05 -19.62 48.16
O2 BMA L . -15.48 -18.60 50.37
O3 BMA L . -14.57 -19.14 52.95
O4 BMA L . -15.15 -22.04 53.01
O5 BMA L . -15.12 -21.24 49.43
O6 BMA L . -17.45 -22.48 50.10
C1 BMA M . -29.32 -43.87 35.18
C2 BMA M . -30.10 -42.67 35.75
C3 BMA M . -31.02 -42.11 34.68
C4 BMA M . -30.21 -41.74 33.44
C5 BMA M . -29.35 -42.94 33.00
C6 BMA M . -28.42 -42.56 31.85
O1 BMA M . -28.44 -44.38 36.18
O2 BMA M . -29.19 -41.68 36.21
O3 BMA M . -31.73 -40.97 35.20
O4 BMA M . -31.12 -41.39 32.39
O5 BMA M . -28.55 -43.42 34.07
O6 BMA M . -27.51 -41.52 32.23
#